data_6VEP
#
_entry.id   6VEP
#
_cell.length_a   100.030
_cell.length_b   130.120
_cell.length_c   148.180
_cell.angle_alpha   90.00
_cell.angle_beta   90.27
_cell.angle_gamma   90.00
#
_symmetry.space_group_name_H-M   'P 1 21 1'
#
loop_
_entity.id
_entity.type
_entity.pdbx_description
1 polymer 'Insulin chain A'
2 polymer 'Insulin B chain'
3 polymer 'Fv 83-7 heavy chain'
4 polymer 'Fv 83-7 light chain'
5 polymer 'Insulin receptor subunit alpha'
6 polymer 'Insulin receptor subunit beta'
7 branched 2-acetamido-2-deoxy-beta-D-glucopyranose-(1-4)-[alpha-L-fucopyranose-(1-6)]2-acetamido-2-deoxy-beta-D-glucopyranose
8 branched beta-D-mannopyranose-(1-4)-2-acetamido-2-deoxy-beta-D-glucopyranose-(1-4)-[alpha-L-fucopyranose-(1-6)]2-acetamido-2-deoxy-beta-D-glucopyranose
9 branched 2-acetamido-2-deoxy-beta-D-glucopyranose-(1-4)-2-acetamido-2-deoxy-beta-D-glucopyranose
10 branched alpha-D-mannopyranose-(1-6)-beta-D-mannopyranose-(1-4)-2-acetamido-2-deoxy-beta-D-glucopyranose-(1-4)-[alpha-L-fucopyranose-(1-6)]2-acetamido-2-deoxy-beta-D-glucopyranose
11 branched beta-D-mannopyranose-(1-4)-2-acetamido-2-deoxy-beta-D-glucopyranose-(1-4)-2-acetamido-2-deoxy-beta-D-glucopyranose
12 branched alpha-D-mannopyranose-(1-3)-beta-D-mannopyranose-(1-4)-2-acetamido-2-deoxy-beta-D-glucopyranose-(1-4)-[alpha-L-fucopyranose-(1-6)]2-acetamido-2-deoxy-beta-D-glucopyranose
13 non-polymer 2-acetamido-2-deoxy-beta-D-glucopyranose
14 water water
#
loop_
_entity_poly.entity_id
_entity_poly.type
_entity_poly.pdbx_seq_one_letter_code
_entity_poly.pdbx_strand_id
1 'polypeptide(L)' GIVEQCCTSICSLYQLENYCN A,G,M,S
2 'polypeptide(L)' FVNQHLCGSHLVEALYLVCGERGFFYTPKT B,H,N,T
3 'polypeptide(L)'
;QVQLKESGPGLVAPSQSLSITCTVSGFPLTAYGVNWVRQPPGKGLEWLGMIWGDGNTDYNSALKSRLSISKDNSKSQVFL
KMNSLQTDDTARYYCARDPYGSKPMDYWGQGTSVTVSSSLVPRGSSSEQKLISEEDLN
;
C,I,O,U
4 'polypeptide(L)'
;AGSDIVMSQSPSSLVVSVGEKVTMSCKSSQSLLYSSNQKNFLAWYQQKPGQSPKLLIYWASTRESGVPDRFTGSGSGTDF
TLTISSVKAEDLAVYYCQQYFRYRTFGGGTKLEIKSSDYKD
;
D,J,P,V
5 'polypeptide(L)'
;HLYPGEVCPGMDIRNNLTRLHELENCSVIEGHLQILLMFKTRPEDFRDLSFPKLIMITDYLLLFRVYGLESLKDLFPNLT
VIRGSRLFFNYALVIFEMVHLKELGLYNLMNITRGSVRIEKNNELCYLATIDWSRILDSVEDNHIVLNKDDNEECGDICP
GTAKGKTNCPATVINGQFVERCWTHSHCQKVCPTICKSHGCTAEGLCCHSECLGNCSQPDDPTKCVACRNFYLDGRCVET
CPPPYYHFQDWRCVNFSFCQDLHHKCKNSRRQGCHQYVIHNNKCIPECPSGYTMNSSNLLCTPCLGPCPKSSSLVPR
;
E,K,Q,W
6 'polypeptide(L)' TFEDYLHNVVFVPRPS F,L,R,X
#
# COMPACT_ATOMS: atom_id res chain seq x y z
N GLY A 1 -22.89 -63.33 -15.62
CA GLY A 1 -22.07 -63.69 -14.46
C GLY A 1 -22.64 -64.87 -13.71
N ILE A 2 -22.72 -64.79 -12.37
CA ILE A 2 -23.35 -65.87 -11.57
C ILE A 2 -24.84 -65.57 -11.34
N VAL A 3 -25.22 -64.26 -11.35
CA VAL A 3 -26.59 -63.81 -11.16
C VAL A 3 -27.33 -64.24 -12.38
N GLU A 4 -26.72 -64.02 -13.56
CA GLU A 4 -27.27 -64.40 -14.87
C GLU A 4 -27.48 -65.89 -14.98
N GLN A 5 -26.71 -66.68 -14.20
CA GLN A 5 -26.78 -68.14 -14.17
C GLN A 5 -27.74 -68.72 -13.14
N CYS A 6 -27.57 -68.38 -11.85
CA CYS A 6 -28.32 -69.00 -10.76
C CYS A 6 -29.45 -68.16 -10.19
N CYS A 7 -29.44 -66.86 -10.43
CA CYS A 7 -30.49 -65.99 -9.92
C CYS A 7 -31.58 -65.78 -10.96
N THR A 8 -31.23 -65.27 -12.17
CA THR A 8 -32.22 -65.07 -13.23
C THR A 8 -32.61 -66.41 -13.81
N SER A 9 -31.62 -67.31 -14.00
CA SER A 9 -31.84 -68.68 -14.49
C SER A 9 -31.74 -69.65 -13.28
N ILE A 10 -31.72 -70.96 -13.52
CA ILE A 10 -31.61 -71.95 -12.44
C ILE A 10 -30.26 -72.66 -12.59
N CYS A 11 -29.56 -72.89 -11.45
CA CYS A 11 -28.24 -73.51 -11.46
C CYS A 11 -28.18 -75.05 -11.20
N SER A 12 -27.31 -75.76 -11.98
CA SER A 12 -27.00 -77.17 -11.77
C SER A 12 -26.04 -77.18 -10.59
N LEU A 13 -26.14 -78.16 -9.68
CA LEU A 13 -25.19 -78.26 -8.59
C LEU A 13 -23.77 -78.21 -9.19
N TYR A 14 -23.55 -78.85 -10.37
CA TYR A 14 -22.29 -78.83 -11.12
C TYR A 14 -21.98 -77.35 -11.46
N GLN A 15 -22.94 -76.65 -12.07
CA GLN A 15 -22.83 -75.23 -12.44
C GLN A 15 -22.41 -74.37 -11.23
N LEU A 16 -22.87 -74.74 -10.01
CA LEU A 16 -22.45 -74.00 -8.83
C LEU A 16 -21.05 -74.42 -8.47
N GLU A 17 -20.78 -75.75 -8.36
CA GLU A 17 -19.47 -76.34 -8.08
C GLU A 17 -18.34 -75.66 -8.91
N ASN A 18 -18.63 -75.20 -10.13
CA ASN A 18 -17.69 -74.51 -11.01
C ASN A 18 -17.07 -73.23 -10.41
N TYR A 19 -17.74 -72.64 -9.40
CA TYR A 19 -17.34 -71.40 -8.75
C TYR A 19 -16.41 -71.66 -7.55
N CYS A 20 -16.15 -72.92 -7.28
CA CYS A 20 -15.33 -73.40 -6.17
C CYS A 20 -13.88 -73.66 -6.53
N ASN A 21 -13.04 -74.12 -5.58
CA ASN A 21 -11.61 -74.27 -5.86
C ASN A 21 -11.22 -75.66 -6.29
N PHE B 1 -28.99 -81.98 -4.58
CA PHE B 1 -29.63 -80.82 -3.96
C PHE B 1 -30.95 -80.45 -4.65
N VAL B 2 -31.50 -79.25 -4.30
CA VAL B 2 -32.76 -78.68 -4.80
C VAL B 2 -32.45 -77.56 -5.84
N ASN B 3 -32.77 -77.83 -7.14
CA ASN B 3 -32.53 -76.99 -8.32
C ASN B 3 -33.56 -75.83 -8.37
N GLN B 4 -33.06 -74.57 -8.10
CA GLN B 4 -33.84 -73.33 -7.98
C GLN B 4 -33.11 -71.97 -8.23
N HIS B 5 -33.91 -70.89 -8.09
CA HIS B 5 -33.44 -69.52 -8.20
C HIS B 5 -32.73 -69.19 -6.87
N LEU B 6 -31.43 -68.82 -6.95
CA LEU B 6 -30.62 -68.51 -5.78
C LEU B 6 -30.13 -67.09 -5.89
N CYS B 7 -30.74 -66.16 -5.12
CA CYS B 7 -30.40 -64.74 -5.19
C CYS B 7 -29.99 -64.16 -3.86
N GLY B 8 -29.08 -63.17 -3.90
CA GLY B 8 -28.57 -62.47 -2.72
C GLY B 8 -28.10 -63.41 -1.64
N SER B 9 -28.55 -63.20 -0.40
CA SER B 9 -28.20 -64.00 0.76
C SER B 9 -28.29 -65.49 0.48
N HIS B 10 -29.34 -65.93 -0.23
CA HIS B 10 -29.47 -67.34 -0.58
C HIS B 10 -28.27 -67.79 -1.35
N LEU B 11 -27.90 -67.07 -2.40
CA LEU B 11 -26.77 -67.41 -3.25
C LEU B 11 -25.48 -67.62 -2.48
N VAL B 12 -25.12 -66.66 -1.61
CA VAL B 12 -23.90 -66.69 -0.79
C VAL B 12 -23.88 -67.99 0.02
N GLU B 13 -24.94 -68.21 0.80
CA GLU B 13 -25.13 -69.34 1.69
C GLU B 13 -25.21 -70.70 0.95
N ALA B 14 -25.81 -70.71 -0.24
CA ALA B 14 -25.96 -71.92 -1.03
C ALA B 14 -24.61 -72.35 -1.56
N LEU B 15 -23.77 -71.38 -2.01
CA LEU B 15 -22.43 -71.59 -2.54
C LEU B 15 -21.50 -72.04 -1.46
N TYR B 16 -21.57 -71.40 -0.28
CA TYR B 16 -20.74 -71.78 0.85
C TYR B 16 -20.96 -73.26 1.17
N LEU B 17 -22.24 -73.69 1.21
CA LEU B 17 -22.64 -75.06 1.49
C LEU B 17 -22.02 -75.96 0.46
N VAL B 18 -22.09 -75.58 -0.85
CA VAL B 18 -21.59 -76.31 -2.02
C VAL B 18 -20.11 -76.64 -1.85
N CYS B 19 -19.28 -75.68 -1.40
CA CYS B 19 -17.86 -75.93 -1.28
C CYS B 19 -17.21 -75.30 -0.10
N GLY B 20 -17.58 -75.73 1.09
CA GLY B 20 -16.88 -75.25 2.28
C GLY B 20 -15.51 -75.90 2.26
N GLU B 21 -14.48 -75.32 2.95
CA GLU B 21 -13.08 -75.79 3.00
C GLU B 21 -12.36 -75.73 1.64
N ARG B 22 -13.11 -75.85 0.52
CA ARG B 22 -12.58 -75.69 -0.84
C ARG B 22 -12.50 -74.19 -1.10
N GLY B 23 -13.55 -73.47 -0.69
CA GLY B 23 -13.62 -72.03 -0.85
C GLY B 23 -13.90 -71.58 -2.26
N PHE B 24 -14.04 -70.27 -2.41
CA PHE B 24 -14.40 -69.55 -3.62
C PHE B 24 -13.19 -69.17 -4.46
N PHE B 25 -13.34 -69.35 -5.78
CA PHE B 25 -12.29 -69.09 -6.75
C PHE B 25 -12.21 -67.62 -7.19
N TYR B 26 -10.99 -67.19 -7.63
CA TYR B 26 -10.63 -65.88 -8.17
C TYR B 26 -9.36 -65.94 -9.03
N THR B 27 -9.17 -64.90 -9.87
CA THR B 27 -8.05 -64.66 -10.79
C THR B 27 -7.04 -63.61 -10.23
N GLN C 1 13.94 -21.54 6.48
CA GLN C 1 15.10 -22.06 7.23
C GLN C 1 16.12 -22.72 6.27
N VAL C 2 15.85 -22.51 4.97
CA VAL C 2 16.57 -22.96 3.80
C VAL C 2 17.79 -22.05 3.52
N GLN C 3 18.96 -22.70 3.43
CA GLN C 3 20.26 -22.12 3.16
C GLN C 3 21.01 -22.95 2.13
N LEU C 4 21.80 -22.25 1.31
CA LEU C 4 22.67 -22.77 0.27
C LEU C 4 23.94 -21.91 0.33
N LYS C 5 25.12 -22.57 0.37
CA LYS C 5 26.37 -21.86 0.52
C LYS C 5 27.45 -22.47 -0.38
N GLU C 6 28.00 -21.64 -1.30
CA GLU C 6 29.05 -22.02 -2.25
C GLU C 6 30.40 -21.72 -1.62
N SER C 7 31.34 -22.67 -1.74
CA SER C 7 32.73 -22.62 -1.26
C SER C 7 33.60 -22.89 -2.50
N GLY C 8 34.31 -21.86 -2.96
CA GLY C 8 35.11 -21.90 -4.18
C GLY C 8 36.43 -21.18 -4.04
N PRO C 9 37.33 -21.33 -5.05
CA PRO C 9 38.72 -20.80 -4.94
C PRO C 9 39.02 -19.31 -5.00
N GLY C 10 38.20 -18.53 -5.68
CA GLY C 10 38.39 -17.11 -5.89
C GLY C 10 39.23 -16.84 -7.13
N LEU C 11 40.32 -17.58 -7.23
CA LEU C 11 41.32 -17.44 -8.28
C LEU C 11 41.76 -18.78 -8.85
N VAL C 12 41.64 -18.92 -10.17
CA VAL C 12 42.02 -20.15 -10.88
C VAL C 12 42.93 -19.78 -12.02
N ALA C 13 43.97 -20.62 -12.27
CA ALA C 13 44.87 -20.42 -13.40
C ALA C 13 44.11 -20.92 -14.65
N PRO C 14 44.21 -20.24 -15.82
CA PRO C 14 43.51 -20.76 -17.01
C PRO C 14 44.06 -22.13 -17.40
N SER C 15 43.21 -22.98 -18.00
CA SER C 15 43.44 -24.38 -18.44
C SER C 15 43.22 -25.38 -17.30
N GLN C 16 43.23 -24.89 -16.04
CA GLN C 16 42.98 -25.65 -14.80
C GLN C 16 41.49 -25.88 -14.60
N SER C 17 41.17 -26.78 -13.65
CA SER C 17 39.81 -27.14 -13.31
C SER C 17 39.31 -26.44 -12.06
N LEU C 18 38.05 -26.02 -12.12
CA LEU C 18 37.34 -25.32 -11.05
C LEU C 18 36.43 -26.30 -10.30
N SER C 19 36.50 -26.27 -8.96
CA SER C 19 35.71 -27.15 -8.10
C SER C 19 35.04 -26.34 -7.01
N ILE C 20 33.68 -26.33 -7.04
CA ILE C 20 32.83 -25.62 -6.06
C ILE C 20 31.94 -26.61 -5.31
N THR C 21 31.75 -26.37 -4.01
CA THR C 21 30.92 -27.15 -3.13
C THR C 21 29.76 -26.28 -2.61
N CYS C 22 28.55 -26.71 -2.94
CA CYS C 22 27.36 -26.07 -2.47
C CYS C 22 26.89 -26.88 -1.30
N THR C 23 26.91 -26.31 -0.10
CA THR C 23 26.41 -26.98 1.09
C THR C 23 25.07 -26.40 1.42
N VAL C 24 24.07 -27.30 1.37
CA VAL C 24 22.70 -26.97 1.65
C VAL C 24 22.26 -27.31 3.10
N SER C 25 21.22 -26.60 3.58
CA SER C 25 20.66 -26.76 4.91
C SER C 25 19.16 -26.45 4.81
N GLY C 26 18.39 -26.95 5.74
CA GLY C 26 16.97 -26.71 5.80
C GLY C 26 16.07 -27.50 4.87
N PHE C 27 16.63 -28.51 4.15
CA PHE C 27 15.86 -29.36 3.22
C PHE C 27 16.66 -30.61 2.80
N PRO C 28 15.98 -31.70 2.28
CA PRO C 28 16.73 -32.90 1.85
C PRO C 28 17.13 -32.86 0.37
N LEU C 29 18.40 -33.18 0.08
CA LEU C 29 18.89 -33.21 -1.30
C LEU C 29 18.25 -34.35 -2.14
N THR C 30 17.60 -35.31 -1.46
CA THR C 30 16.95 -36.47 -2.08
C THR C 30 15.59 -36.10 -2.66
N ALA C 31 14.96 -34.98 -2.21
CA ALA C 31 13.62 -34.52 -2.61
C ALA C 31 13.67 -33.32 -3.52
N TYR C 32 14.80 -32.52 -3.43
CA TYR C 32 15.01 -31.30 -4.20
C TYR C 32 16.16 -31.38 -5.21
N GLY C 33 16.04 -30.59 -6.28
CA GLY C 33 17.05 -30.46 -7.31
C GLY C 33 17.96 -29.29 -6.94
N VAL C 34 19.19 -29.27 -7.48
CA VAL C 34 20.11 -28.15 -7.24
C VAL C 34 20.73 -27.80 -8.57
N ASN C 35 20.72 -26.52 -8.87
CA ASN C 35 21.23 -25.93 -10.09
C ASN C 35 22.49 -25.17 -9.88
N TRP C 36 23.24 -24.98 -10.96
CA TRP C 36 24.39 -24.10 -11.00
C TRP C 36 24.09 -23.11 -12.09
N VAL C 37 24.17 -21.81 -11.73
CA VAL C 37 23.92 -20.67 -12.57
C VAL C 37 25.12 -19.72 -12.36
N ARG C 38 25.75 -19.25 -13.43
CA ARG C 38 26.87 -18.33 -13.32
C ARG C 38 26.53 -16.98 -13.92
N GLN C 39 27.30 -15.96 -13.52
CA GLN C 39 27.04 -14.62 -13.97
C GLN C 39 28.32 -13.78 -14.14
N PRO C 40 28.74 -13.67 -15.44
CA PRO C 40 29.93 -12.88 -15.78
C PRO C 40 29.76 -11.43 -15.38
N PRO C 41 30.85 -10.70 -15.14
CA PRO C 41 30.72 -9.29 -14.72
C PRO C 41 29.92 -8.41 -15.68
N GLY C 42 28.83 -7.85 -15.16
CA GLY C 42 27.93 -6.99 -15.91
C GLY C 42 27.14 -7.69 -17.00
N LYS C 43 26.99 -9.02 -16.89
CA LYS C 43 26.26 -9.84 -17.87
C LYS C 43 25.16 -10.58 -17.15
N GLY C 44 24.33 -11.27 -17.95
CA GLY C 44 23.19 -12.03 -17.46
C GLY C 44 23.49 -13.39 -16.92
N LEU C 45 22.42 -14.02 -16.36
CA LEU C 45 22.47 -15.36 -15.77
C LEU C 45 22.52 -16.41 -16.83
N GLU C 46 23.43 -17.39 -16.63
CA GLU C 46 23.67 -18.51 -17.51
C GLU C 46 23.47 -19.82 -16.75
N TRP C 47 22.44 -20.60 -17.13
CA TRP C 47 22.20 -21.89 -16.49
C TRP C 47 23.29 -22.90 -16.93
N LEU C 48 24.00 -23.46 -15.94
CA LEU C 48 25.06 -24.42 -16.23
C LEU C 48 24.52 -25.85 -16.25
N GLY C 49 23.94 -26.29 -15.14
CA GLY C 49 23.40 -27.63 -15.02
C GLY C 49 22.50 -27.81 -13.82
N MET C 50 21.94 -29.04 -13.66
CA MET C 50 21.06 -29.41 -12.55
C MET C 50 21.20 -30.88 -12.20
N ILE C 51 20.97 -31.21 -10.91
CA ILE C 51 21.00 -32.56 -10.35
C ILE C 51 19.75 -32.82 -9.51
N TRP C 52 18.89 -33.69 -10.04
CA TRP C 52 17.60 -34.14 -9.48
C TRP C 52 17.79 -34.94 -8.20
N GLY C 53 16.73 -35.09 -7.42
CA GLY C 53 16.81 -35.84 -6.16
C GLY C 53 17.35 -37.24 -6.36
N ASP C 54 16.89 -37.90 -7.43
CA ASP C 54 17.31 -39.27 -7.80
C ASP C 54 18.71 -39.35 -8.42
N GLY C 55 19.53 -38.30 -8.25
CA GLY C 55 20.90 -38.25 -8.76
C GLY C 55 21.11 -37.95 -10.24
N ASN C 56 20.05 -37.85 -11.03
CA ASN C 56 20.11 -37.58 -12.47
C ASN C 56 20.64 -36.23 -12.78
N THR C 57 21.51 -36.11 -13.79
CA THR C 57 22.10 -34.81 -14.18
C THR C 57 21.70 -34.32 -15.58
N ASP C 58 21.56 -33.00 -15.66
CA ASP C 58 21.21 -32.25 -16.87
C ASP C 58 22.23 -31.09 -17.01
N TYR C 59 22.91 -30.98 -18.17
CA TYR C 59 23.92 -29.93 -18.43
C TYR C 59 23.54 -29.03 -19.62
N ASN C 60 24.06 -27.78 -19.61
CA ASN C 60 23.91 -26.80 -20.67
C ASN C 60 24.67 -27.38 -21.85
N SER C 61 23.98 -27.57 -22.98
CA SER C 61 24.54 -28.18 -24.20
C SER C 61 25.83 -27.52 -24.69
N ALA C 62 25.96 -26.20 -24.51
CA ALA C 62 27.16 -25.47 -24.91
C ALA C 62 28.40 -25.89 -24.07
N LEU C 63 28.18 -26.09 -22.75
CA LEU C 63 29.22 -26.42 -21.79
C LEU C 63 29.29 -27.88 -21.32
N LYS C 64 28.35 -28.76 -21.75
CA LYS C 64 28.25 -30.18 -21.35
C LYS C 64 29.58 -30.92 -21.39
N SER C 65 30.36 -30.64 -22.43
CA SER C 65 31.68 -31.18 -22.72
C SER C 65 32.68 -31.02 -21.56
N ARG C 66 32.54 -29.93 -20.75
CA ARG C 66 33.45 -29.51 -19.68
C ARG C 66 32.87 -29.54 -18.23
N LEU C 67 31.57 -29.86 -18.09
CA LEU C 67 30.88 -29.82 -16.81
C LEU C 67 30.65 -31.17 -16.15
N SER C 68 30.63 -31.17 -14.80
CA SER C 68 30.34 -32.35 -13.98
C SER C 68 29.66 -31.96 -12.70
N ILE C 69 28.48 -32.57 -12.46
CA ILE C 69 27.66 -32.29 -11.26
C ILE C 69 27.43 -33.59 -10.53
N SER C 70 27.74 -33.63 -9.25
CA SER C 70 27.64 -34.79 -8.37
C SER C 70 27.16 -34.29 -7.02
N LYS C 71 26.90 -35.20 -6.09
CA LYS C 71 26.45 -34.82 -4.74
C LYS C 71 26.69 -35.90 -3.70
N ASP C 72 26.55 -35.54 -2.42
CA ASP C 72 26.60 -36.45 -1.28
C ASP C 72 25.44 -36.05 -0.39
N ASN C 73 24.31 -36.73 -0.58
CA ASN C 73 23.08 -36.51 0.17
C ASN C 73 23.31 -36.54 1.69
N SER C 74 24.13 -37.50 2.18
CA SER C 74 24.42 -37.66 3.62
C SER C 74 25.15 -36.48 4.20
N LYS C 75 26.01 -35.84 3.39
CA LYS C 75 26.82 -34.67 3.75
C LYS C 75 26.08 -33.39 3.37
N SER C 76 24.93 -33.53 2.67
CA SER C 76 24.06 -32.45 2.19
C SER C 76 24.85 -31.48 1.31
N GLN C 77 25.63 -32.02 0.36
CA GLN C 77 26.46 -31.20 -0.51
C GLN C 77 26.32 -31.58 -1.95
N VAL C 78 26.46 -30.57 -2.84
CA VAL C 78 26.45 -30.74 -4.28
C VAL C 78 27.79 -30.19 -4.79
N PHE C 79 28.37 -30.84 -5.81
CA PHE C 79 29.67 -30.44 -6.33
C PHE C 79 29.66 -30.15 -7.80
N LEU C 80 30.12 -28.98 -8.16
CA LEU C 80 30.32 -28.61 -9.55
C LEU C 80 31.82 -28.72 -9.84
N LYS C 81 32.16 -29.22 -11.04
CA LYS C 81 33.53 -29.33 -11.50
C LYS C 81 33.58 -28.94 -12.98
N MET C 82 34.34 -27.88 -13.31
CA MET C 82 34.48 -27.37 -14.68
C MET C 82 35.94 -27.41 -15.18
N ASN C 83 36.18 -28.03 -16.34
CA ASN C 83 37.50 -28.22 -16.92
C ASN C 83 37.93 -27.17 -17.91
N SER C 84 39.29 -27.08 -18.11
CA SER C 84 40.03 -26.22 -19.04
C SER C 84 39.40 -24.83 -19.18
N LEU C 85 39.42 -24.08 -18.07
CA LEU C 85 38.84 -22.74 -17.94
C LEU C 85 39.60 -21.72 -18.74
N GLN C 86 38.87 -20.73 -19.25
CA GLN C 86 39.42 -19.61 -20.02
C GLN C 86 38.96 -18.32 -19.31
N THR C 87 39.37 -17.16 -19.83
CA THR C 87 39.03 -15.84 -19.23
C THR C 87 37.52 -15.56 -19.25
N ASP C 88 36.80 -16.06 -20.26
CA ASP C 88 35.36 -15.90 -20.40
C ASP C 88 34.58 -16.73 -19.37
N ASP C 89 35.30 -17.54 -18.57
CA ASP C 89 34.67 -18.34 -17.52
C ASP C 89 34.66 -17.57 -16.19
N THR C 90 35.31 -16.37 -16.16
CA THR C 90 35.32 -15.50 -14.97
C THR C 90 33.87 -15.01 -14.75
N ALA C 91 33.30 -15.41 -13.60
CA ALA C 91 31.91 -15.15 -13.23
C ALA C 91 31.65 -15.44 -11.74
N ARG C 92 30.44 -15.10 -11.24
CA ARG C 92 29.98 -15.43 -9.89
C ARG C 92 29.12 -16.65 -10.06
N TYR C 93 29.48 -17.72 -9.36
CA TYR C 93 28.75 -18.98 -9.48
C TYR C 93 27.78 -19.16 -8.34
N TYR C 94 26.50 -19.36 -8.67
CA TYR C 94 25.46 -19.56 -7.67
C TYR C 94 24.88 -20.97 -7.82
N CYS C 95 24.51 -21.57 -6.69
CA CYS C 95 23.77 -22.81 -6.66
C CYS C 95 22.37 -22.36 -6.09
N ALA C 96 21.29 -22.92 -6.66
CA ALA C 96 19.94 -22.60 -6.25
C ALA C 96 19.10 -23.86 -6.14
N ARG C 97 18.10 -23.87 -5.25
CA ARG C 97 17.24 -25.04 -5.04
C ARG C 97 16.16 -25.16 -6.11
N ASP C 98 15.90 -26.36 -6.59
CA ASP C 98 14.85 -26.57 -7.57
C ASP C 98 13.75 -27.41 -6.96
N PRO C 99 12.64 -26.81 -6.49
CA PRO C 99 11.51 -27.62 -6.02
C PRO C 99 10.73 -28.08 -7.26
N TYR C 100 11.36 -28.97 -8.06
CA TYR C 100 10.83 -29.47 -9.32
C TYR C 100 9.48 -30.11 -9.20
N GLY C 101 8.52 -29.63 -9.99
CA GLY C 101 7.15 -30.13 -9.94
C GLY C 101 6.21 -29.15 -9.24
N SER C 102 6.79 -28.14 -8.55
CA SER C 102 6.01 -27.19 -7.80
C SER C 102 6.46 -25.75 -8.13
N LYS C 103 7.75 -25.47 -8.04
CA LYS C 103 8.34 -24.14 -8.33
C LYS C 103 9.70 -24.20 -9.13
N PRO C 104 10.09 -23.08 -9.80
CA PRO C 104 11.45 -23.01 -10.38
C PRO C 104 12.46 -22.68 -9.25
N MET C 105 13.73 -22.49 -9.57
CA MET C 105 14.75 -22.10 -8.58
C MET C 105 14.20 -21.05 -7.60
N ASP C 106 14.01 -21.45 -6.31
CA ASP C 106 13.50 -20.49 -5.37
C ASP C 106 14.57 -19.87 -4.50
N TYR C 107 15.27 -20.68 -3.70
CA TYR C 107 16.34 -20.17 -2.80
C TYR C 107 17.70 -20.20 -3.48
N TRP C 108 18.44 -19.12 -3.42
CA TRP C 108 19.75 -19.04 -4.03
C TRP C 108 20.86 -18.84 -2.98
N GLY C 109 22.07 -19.24 -3.35
CA GLY C 109 23.26 -19.02 -2.54
C GLY C 109 23.70 -17.57 -2.72
N GLN C 110 24.62 -17.07 -1.87
CA GLN C 110 24.99 -15.67 -2.09
C GLN C 110 25.95 -15.53 -3.29
N GLY C 111 26.61 -16.63 -3.66
CA GLY C 111 27.49 -16.72 -4.82
C GLY C 111 28.89 -17.04 -4.42
N THR C 112 29.76 -17.20 -5.41
CA THR C 112 31.19 -17.38 -5.23
C THR C 112 31.87 -16.71 -6.42
N SER C 113 32.72 -15.69 -6.13
CA SER C 113 33.41 -14.97 -7.18
C SER C 113 34.59 -15.83 -7.60
N VAL C 114 34.66 -16.12 -8.89
CA VAL C 114 35.69 -16.94 -9.52
C VAL C 114 36.33 -16.11 -10.62
N THR C 115 37.66 -15.87 -10.48
CA THR C 115 38.47 -15.11 -11.42
C THR C 115 39.55 -15.98 -12.05
N VAL C 116 39.64 -15.92 -13.40
CA VAL C 116 40.62 -16.66 -14.22
C VAL C 116 41.67 -15.58 -14.70
N SER C 117 43.01 -15.68 -14.28
CA SER C 117 44.03 -14.62 -14.52
C SER C 117 45.54 -14.97 -14.76
N SER C 118 46.38 -13.94 -14.63
CA SER C 118 47.85 -13.85 -14.57
C SER C 118 48.19 -13.42 -13.06
N SER C 119 47.90 -14.37 -12.13
CA SER C 119 47.88 -14.38 -10.67
C SER C 119 49.23 -14.16 -10.05
N LEU C 120 49.30 -13.81 -8.74
CA LEU C 120 50.59 -13.54 -8.05
C LEU C 120 50.64 -13.83 -6.50
N VAL C 121 51.77 -13.41 -5.80
CA VAL C 121 52.05 -13.57 -4.34
C VAL C 121 51.96 -15.06 -4.02
N GLY D 2 15.60 -32.61 -28.54
CA GLY D 2 15.76 -31.70 -29.69
C GLY D 2 16.70 -30.55 -29.41
N SER D 3 16.56 -29.45 -30.20
CA SER D 3 17.39 -28.24 -30.03
C SER D 3 16.94 -27.45 -28.81
N ASP D 4 17.90 -27.15 -27.86
CA ASP D 4 17.66 -26.43 -26.59
C ASP D 4 16.84 -25.13 -26.73
N ILE D 5 16.04 -24.79 -25.66
CA ILE D 5 15.08 -23.65 -25.65
C ILE D 5 15.77 -22.25 -25.62
N VAL D 6 15.51 -21.40 -26.64
CA VAL D 6 16.07 -20.05 -26.74
C VAL D 6 15.13 -19.01 -26.14
N MET D 7 15.70 -18.11 -25.34
CA MET D 7 14.94 -17.09 -24.62
C MET D 7 15.43 -15.76 -25.03
N SER D 8 14.47 -14.86 -25.27
CA SER D 8 14.68 -13.46 -25.67
C SER D 8 13.95 -12.58 -24.63
N GLN D 9 14.38 -11.33 -24.54
CA GLN D 9 13.72 -10.33 -23.74
C GLN D 9 13.83 -9.03 -24.53
N SER D 10 12.83 -8.20 -24.36
CA SER D 10 12.83 -6.90 -24.96
C SER D 10 12.14 -5.90 -24.04
N PRO D 11 12.70 -4.67 -23.85
CA PRO D 11 14.01 -4.19 -24.32
C PRO D 11 15.13 -4.76 -23.43
N SER D 12 16.38 -4.56 -23.85
CA SER D 12 17.60 -4.95 -23.14
C SER D 12 17.65 -4.11 -21.86
N SER D 13 17.28 -2.82 -21.99
CA SER D 13 17.29 -1.78 -20.97
C SER D 13 16.20 -0.74 -21.23
N LEU D 14 15.63 -0.18 -20.14
CA LEU D 14 14.63 0.89 -20.22
C LEU D 14 14.75 1.80 -19.01
N VAL D 15 14.53 3.11 -19.23
CA VAL D 15 14.64 4.18 -18.24
C VAL D 15 13.28 4.82 -18.03
N VAL D 16 12.74 4.64 -16.82
CA VAL D 16 11.41 5.08 -16.42
C VAL D 16 11.44 6.01 -15.18
N SER D 17 10.45 6.94 -15.06
CA SER D 17 10.30 7.82 -13.89
C SER D 17 9.47 7.07 -12.81
N VAL D 18 9.57 7.51 -11.54
CA VAL D 18 8.85 6.88 -10.43
C VAL D 18 7.35 7.09 -10.63
N GLY D 19 6.57 6.03 -10.40
CA GLY D 19 5.12 6.07 -10.53
C GLY D 19 4.61 5.71 -11.91
N GLU D 20 5.53 5.44 -12.87
CA GLU D 20 5.20 5.06 -14.24
C GLU D 20 5.03 3.56 -14.40
N LYS D 21 4.09 3.16 -15.28
CA LYS D 21 3.82 1.75 -15.60
C LYS D 21 4.92 1.29 -16.54
N VAL D 22 5.30 0.02 -16.43
CA VAL D 22 6.37 -0.59 -17.20
C VAL D 22 6.00 -2.00 -17.61
N THR D 23 6.23 -2.33 -18.89
CA THR D 23 5.98 -3.66 -19.43
C THR D 23 7.15 -4.15 -20.24
N MET D 24 7.77 -5.25 -19.78
CA MET D 24 8.88 -5.87 -20.47
C MET D 24 8.44 -7.23 -20.98
N SER D 25 8.92 -7.60 -22.17
CA SER D 25 8.61 -8.81 -22.92
C SER D 25 9.59 -10.00 -22.67
N CYS D 26 9.08 -11.21 -23.01
CA CYS D 26 9.81 -12.46 -23.03
C CYS D 26 9.30 -13.35 -24.11
N LYS D 27 10.22 -13.92 -24.88
CA LYS D 27 9.95 -14.86 -25.96
C LYS D 27 10.66 -16.19 -25.69
N SER D 28 10.00 -17.26 -26.08
CA SER D 28 10.57 -18.59 -26.00
C SER D 28 10.50 -19.13 -27.45
N SER D 29 11.46 -19.99 -27.81
CA SER D 29 11.50 -20.59 -29.15
C SER D 29 10.41 -21.63 -29.35
N GLN D 30 9.97 -22.27 -28.22
CA GLN D 30 8.94 -23.32 -28.17
C GLN D 30 7.88 -22.99 -27.16
N SER D 31 6.81 -23.76 -27.14
CA SER D 31 5.77 -23.60 -26.14
C SER D 31 6.22 -24.17 -24.76
N LEU D 32 5.99 -23.37 -23.73
CA LEU D 32 6.30 -23.74 -22.37
C LEU D 32 5.05 -24.32 -21.71
N LEU D 33 3.94 -24.44 -22.49
CA LEU D 33 2.63 -24.93 -22.06
C LEU D 33 2.54 -26.45 -21.94
N TYR D 34 2.48 -26.94 -20.68
CA TYR D 34 2.37 -28.33 -20.33
C TYR D 34 0.94 -28.79 -20.48
N SER D 35 0.70 -29.81 -21.33
CA SER D 35 -0.65 -30.33 -21.62
C SER D 35 -1.36 -30.78 -20.37
N SER D 36 -0.66 -31.59 -19.56
CA SER D 36 -1.07 -32.17 -18.28
C SER D 36 -1.83 -31.21 -17.39
N ASN D 37 -1.33 -29.97 -17.17
CA ASN D 37 -2.03 -29.04 -16.29
C ASN D 37 -2.46 -27.69 -16.93
N GLN D 38 -2.15 -27.48 -18.22
CA GLN D 38 -2.48 -26.25 -18.97
C GLN D 38 -1.85 -24.99 -18.33
N LYS D 39 -0.62 -25.19 -17.82
CA LYS D 39 0.20 -24.18 -17.18
C LYS D 39 1.50 -24.00 -17.97
N ASN D 40 2.03 -22.76 -17.98
CA ASN D 40 3.26 -22.47 -18.69
C ASN D 40 4.48 -22.64 -17.72
N PHE D 41 5.60 -23.23 -18.18
CA PHE D 41 6.78 -23.41 -17.30
C PHE D 41 7.67 -22.24 -17.41
N LEU D 42 7.16 -21.11 -16.95
CA LEU D 42 7.90 -19.87 -17.14
C LEU D 42 8.01 -19.05 -15.87
N ALA D 43 9.18 -18.46 -15.69
CA ALA D 43 9.52 -17.70 -14.50
C ALA D 43 10.02 -16.32 -14.79
N TRP D 44 9.88 -15.43 -13.80
CA TRP D 44 10.41 -14.09 -13.83
C TRP D 44 11.17 -13.93 -12.52
N TYR D 45 12.42 -13.45 -12.65
CA TYR D 45 13.31 -13.18 -11.51
C TYR D 45 13.73 -11.69 -11.50
N GLN D 46 13.82 -11.14 -10.29
CA GLN D 46 14.26 -9.75 -10.08
C GLN D 46 15.58 -9.83 -9.38
N GLN D 47 16.56 -9.17 -9.97
CA GLN D 47 17.85 -9.19 -9.35
C GLN D 47 18.26 -7.77 -9.10
N LYS D 48 18.27 -7.39 -7.82
CA LYS D 48 18.69 -6.05 -7.43
C LYS D 48 20.23 -5.97 -7.49
N PRO D 49 20.80 -4.77 -7.73
CA PRO D 49 22.26 -4.66 -7.82
C PRO D 49 22.95 -5.03 -6.51
N GLY D 50 23.93 -5.93 -6.63
CA GLY D 50 24.74 -6.42 -5.52
C GLY D 50 24.01 -7.47 -4.70
N GLN D 51 23.01 -8.15 -5.32
CA GLN D 51 22.23 -9.19 -4.67
C GLN D 51 21.93 -10.35 -5.60
N SER D 52 21.66 -11.56 -5.02
CA SER D 52 21.30 -12.76 -5.81
C SER D 52 19.88 -12.66 -6.31
N PRO D 53 19.52 -13.36 -7.41
CA PRO D 53 18.13 -13.23 -7.95
C PRO D 53 17.04 -13.71 -7.02
N LYS D 54 15.83 -13.09 -7.20
CA LYS D 54 14.59 -13.38 -6.49
C LYS D 54 13.51 -13.71 -7.46
N LEU D 55 12.86 -14.86 -7.21
CA LEU D 55 11.70 -15.32 -7.99
C LEU D 55 10.51 -14.40 -7.74
N LEU D 56 9.95 -13.95 -8.85
CA LEU D 56 8.80 -13.06 -8.79
C LEU D 56 7.55 -13.84 -9.17
N ILE D 57 7.68 -14.54 -10.28
CA ILE D 57 6.59 -15.25 -10.95
C ILE D 57 7.07 -16.65 -11.33
N TYR D 58 6.14 -17.62 -11.25
CA TYR D 58 6.25 -18.98 -11.75
C TYR D 58 4.91 -19.35 -12.32
N TRP D 59 4.87 -20.37 -13.17
CA TRP D 59 3.64 -20.77 -13.86
C TRP D 59 3.16 -19.63 -14.72
N ALA D 60 4.11 -18.77 -15.11
CA ALA D 60 4.02 -17.57 -15.94
C ALA D 60 3.19 -16.42 -15.32
N SER D 61 2.26 -16.73 -14.37
CA SER D 61 1.37 -15.74 -13.75
C SER D 61 1.20 -15.89 -12.23
N THR D 62 1.74 -16.93 -11.62
CA THR D 62 1.62 -17.07 -10.16
C THR D 62 2.70 -16.27 -9.47
N ARG D 63 2.27 -15.37 -8.62
CA ARG D 63 3.12 -14.49 -7.85
C ARG D 63 3.75 -15.29 -6.71
N GLU D 64 5.10 -15.30 -6.68
CA GLU D 64 5.92 -15.94 -5.66
C GLU D 64 5.59 -15.38 -4.25
N SER D 65 5.84 -16.15 -3.18
CA SER D 65 5.58 -15.70 -1.82
C SER D 65 6.37 -14.43 -1.52
N GLY D 66 5.71 -13.41 -0.97
CA GLY D 66 6.32 -12.15 -0.59
C GLY D 66 6.66 -11.22 -1.74
N VAL D 67 5.86 -11.32 -2.83
CA VAL D 67 6.05 -10.46 -3.99
C VAL D 67 4.91 -9.41 -4.04
N PRO D 68 5.28 -8.08 -4.08
CA PRO D 68 4.27 -7.02 -4.13
C PRO D 68 3.29 -7.16 -5.27
N ASP D 69 2.08 -6.66 -5.05
CA ASP D 69 0.97 -6.69 -5.98
C ASP D 69 1.23 -5.94 -7.30
N ARG D 70 2.17 -4.97 -7.29
CA ARG D 70 2.50 -4.17 -8.48
C ARG D 70 3.15 -4.98 -9.61
N PHE D 71 3.70 -6.17 -9.27
CA PHE D 71 4.31 -7.11 -10.22
C PHE D 71 3.27 -8.10 -10.75
N THR D 72 3.04 -8.10 -12.06
CA THR D 72 2.06 -8.95 -12.73
C THR D 72 2.68 -9.66 -13.93
N GLY D 73 2.65 -10.99 -13.89
CA GLY D 73 3.10 -11.86 -14.96
C GLY D 73 1.91 -12.27 -15.83
N SER D 74 2.06 -12.15 -17.16
CA SER D 74 1.00 -12.46 -18.14
C SER D 74 1.49 -13.58 -19.10
N GLY D 75 0.72 -13.78 -20.21
CA GLY D 75 0.99 -14.68 -21.33
C GLY D 75 0.80 -16.18 -21.24
N SER D 76 0.93 -16.85 -22.41
CA SER D 76 0.80 -18.29 -22.61
C SER D 76 1.63 -18.79 -23.80
N GLY D 77 2.10 -20.02 -23.66
CA GLY D 77 2.85 -20.77 -24.67
C GLY D 77 4.23 -20.27 -24.96
N THR D 78 4.34 -19.28 -25.89
CA THR D 78 5.60 -18.71 -26.36
C THR D 78 5.80 -17.24 -26.01
N ASP D 79 4.78 -16.55 -25.49
CA ASP D 79 4.87 -15.10 -25.23
C ASP D 79 4.45 -14.73 -23.88
N PHE D 80 5.29 -13.97 -23.21
CA PHE D 80 5.03 -13.57 -21.82
C PHE D 80 5.43 -12.13 -21.63
N THR D 81 4.78 -11.44 -20.68
CA THR D 81 5.08 -10.05 -20.32
C THR D 81 5.10 -9.83 -18.79
N LEU D 82 6.11 -9.09 -18.29
CA LEU D 82 6.14 -8.70 -16.89
C LEU D 82 5.75 -7.27 -16.79
N THR D 83 4.74 -6.96 -15.95
CA THR D 83 4.20 -5.61 -15.76
C THR D 83 4.39 -5.08 -14.33
N ILE D 84 4.85 -3.81 -14.21
CA ILE D 84 4.99 -3.10 -12.94
C ILE D 84 4.04 -1.93 -13.07
N SER D 85 2.88 -1.97 -12.37
CA SER D 85 1.82 -0.96 -12.48
C SER D 85 2.25 0.45 -12.11
N SER D 86 3.02 0.60 -11.00
CA SER D 86 3.59 1.88 -10.52
C SER D 86 4.99 1.69 -9.94
N VAL D 87 5.99 1.95 -10.76
CA VAL D 87 7.39 1.79 -10.41
C VAL D 87 7.79 2.59 -9.17
N LYS D 88 8.48 1.92 -8.22
CA LYS D 88 9.04 2.49 -7.00
C LYS D 88 10.55 2.52 -7.16
N ALA D 89 11.24 3.41 -6.43
CA ALA D 89 12.71 3.54 -6.52
C ALA D 89 13.43 2.19 -6.29
N GLU D 90 12.89 1.38 -5.36
CA GLU D 90 13.41 0.07 -4.97
C GLU D 90 13.36 -0.97 -6.10
N ASP D 91 12.55 -0.69 -7.17
CA ASP D 91 12.43 -1.58 -8.32
C ASP D 91 13.66 -1.58 -9.22
N LEU D 92 14.61 -0.68 -8.98
CA LEU D 92 15.85 -0.66 -9.74
C LEU D 92 16.46 -2.02 -9.57
N ALA D 93 16.51 -2.75 -10.69
CA ALA D 93 17.00 -4.12 -10.79
C ALA D 93 16.97 -4.61 -12.22
N VAL D 94 17.48 -5.83 -12.41
CA VAL D 94 17.48 -6.48 -13.72
C VAL D 94 16.50 -7.58 -13.66
N TYR D 95 15.64 -7.65 -14.68
CA TYR D 95 14.58 -8.65 -14.70
C TYR D 95 14.84 -9.67 -15.78
N TYR D 96 14.84 -10.94 -15.39
CA TYR D 96 15.13 -12.09 -16.27
C TYR D 96 13.96 -13.08 -16.29
N CYS D 97 13.57 -13.54 -17.50
CA CYS D 97 12.56 -14.59 -17.72
C CYS D 97 13.31 -15.87 -17.95
N GLN D 98 12.66 -16.99 -17.69
CA GLN D 98 13.33 -18.28 -17.67
C GLN D 98 12.38 -19.43 -18.07
N GLN D 99 12.87 -20.38 -18.83
CA GLN D 99 12.04 -21.56 -19.01
C GLN D 99 12.48 -22.72 -18.02
N TYR D 100 11.54 -23.50 -17.58
CA TYR D 100 11.89 -24.64 -16.74
C TYR D 100 11.10 -25.81 -17.24
N PHE D 101 10.59 -25.65 -18.52
CA PHE D 101 9.86 -26.64 -19.28
C PHE D 101 10.69 -27.91 -19.47
N ARG D 102 11.83 -27.78 -20.17
CA ARG D 102 12.87 -28.81 -20.27
C ARG D 102 14.17 -28.06 -20.11
N TYR D 103 14.77 -28.34 -18.88
CA TYR D 103 15.93 -27.66 -18.37
C TYR D 103 15.47 -26.24 -18.07
N ARG D 104 16.41 -25.32 -18.13
CA ARG D 104 16.32 -23.94 -17.75
C ARG D 104 17.11 -23.17 -18.73
N THR D 105 16.58 -22.02 -19.09
CA THR D 105 17.22 -21.08 -19.99
C THR D 105 16.69 -19.71 -19.53
N PHE D 106 17.60 -18.74 -19.26
CA PHE D 106 17.23 -17.36 -18.93
C PHE D 106 17.35 -16.44 -20.18
N GLY D 107 16.45 -15.48 -20.26
CA GLY D 107 16.50 -14.47 -21.29
C GLY D 107 17.60 -13.52 -20.86
N GLY D 108 18.13 -12.77 -21.81
CA GLY D 108 19.22 -11.83 -21.54
C GLY D 108 18.95 -10.64 -20.64
N GLY D 109 17.86 -10.69 -19.89
CA GLY D 109 17.45 -9.61 -18.99
C GLY D 109 16.99 -8.28 -19.58
N THR D 110 16.32 -7.51 -18.71
CA THR D 110 15.85 -6.16 -18.95
C THR D 110 16.32 -5.33 -17.75
N LYS D 111 17.29 -4.43 -17.98
CA LYS D 111 17.81 -3.55 -16.95
C LYS D 111 16.83 -2.39 -16.83
N LEU D 112 16.21 -2.25 -15.64
CA LEU D 112 15.27 -1.15 -15.39
C LEU D 112 15.91 -0.05 -14.57
N GLU D 113 16.12 1.12 -15.19
CA GLU D 113 16.70 2.29 -14.54
C GLU D 113 15.61 3.29 -14.17
N ILE D 114 15.86 4.07 -13.11
CA ILE D 114 14.91 5.04 -12.58
C ILE D 114 15.48 6.48 -12.67
N LYS D 115 14.64 7.43 -13.11
CA LYS D 115 15.00 8.83 -13.18
C LYS D 115 14.85 9.36 -11.73
N SER D 116 15.77 10.26 -11.30
CA SER D 116 15.80 10.83 -9.95
C SER D 116 14.84 12.02 -9.83
N SER D 117 13.65 11.70 -9.29
CA SER D 117 12.39 12.46 -9.05
C SER D 117 11.35 12.12 -10.13
N PRO E 4 9.13 -44.22 3.22
CA PRO E 4 7.91 -45.04 3.24
C PRO E 4 8.12 -46.55 3.61
N GLY E 5 7.18 -47.42 3.13
CA GLY E 5 7.12 -48.87 3.32
C GLY E 5 7.31 -49.70 2.05
N GLU E 6 6.29 -49.80 1.16
CA GLU E 6 6.29 -50.53 -0.12
C GLU E 6 4.98 -50.25 -0.90
N VAL E 7 5.09 -50.08 -2.23
CA VAL E 7 3.92 -49.86 -3.06
C VAL E 7 3.49 -51.21 -3.61
N CYS E 8 2.31 -51.68 -3.21
CA CYS E 8 1.84 -52.98 -3.63
C CYS E 8 0.75 -52.89 -4.62
N PRO E 9 0.52 -53.95 -5.41
CA PRO E 9 -0.63 -53.92 -6.33
C PRO E 9 -1.92 -54.25 -5.57
N GLY E 10 -3.04 -54.05 -6.25
CA GLY E 10 -4.36 -54.36 -5.74
C GLY E 10 -4.49 -55.84 -5.45
N MET E 11 -5.17 -56.17 -4.32
CA MET E 11 -5.32 -57.53 -3.80
C MET E 11 -6.73 -57.96 -3.48
N ASP E 12 -6.97 -59.26 -3.67
CA ASP E 12 -8.20 -59.94 -3.31
C ASP E 12 -7.79 -61.03 -2.34
N ILE E 13 -8.27 -60.94 -1.09
CA ILE E 13 -7.96 -61.91 -0.04
C ILE E 13 -9.26 -62.58 0.40
N ARG E 14 -9.35 -63.90 0.18
CA ARG E 14 -10.55 -64.68 0.48
C ARG E 14 -10.26 -66.01 1.12
N ASN E 15 -11.35 -66.67 1.59
CA ASN E 15 -11.42 -68.02 2.16
C ASN E 15 -10.71 -68.18 3.53
N ASN E 16 -9.39 -67.89 3.61
CA ASN E 16 -8.64 -67.98 4.86
C ASN E 16 -7.59 -66.86 4.96
N LEU E 17 -7.17 -66.57 6.20
CA LEU E 17 -6.26 -65.49 6.57
C LEU E 17 -4.80 -65.62 6.15
N THR E 18 -4.31 -66.83 5.82
CA THR E 18 -2.89 -67.05 5.46
C THR E 18 -2.35 -66.01 4.46
N ARG E 19 -3.09 -65.73 3.37
CA ARG E 19 -2.68 -64.76 2.36
C ARG E 19 -2.67 -63.31 2.84
N LEU E 20 -3.33 -63.01 3.98
CA LEU E 20 -3.39 -61.64 4.52
C LEU E 20 -2.03 -61.07 4.89
N HIS E 21 -1.07 -61.95 5.20
CA HIS E 21 0.28 -61.57 5.55
C HIS E 21 1.04 -60.99 4.38
N GLU E 22 0.48 -61.06 3.16
CA GLU E 22 1.06 -60.45 1.96
C GLU E 22 1.05 -58.92 2.04
N LEU E 23 0.22 -58.35 2.92
CA LEU E 23 0.11 -56.90 3.13
C LEU E 23 1.15 -56.37 4.12
N GLU E 24 1.89 -57.27 4.80
CA GLU E 24 2.81 -56.93 5.89
C GLU E 24 3.79 -55.75 5.61
N ASN E 25 4.16 -55.47 4.33
CA ASN E 25 5.09 -54.37 4.03
C ASN E 25 4.49 -53.20 3.20
N CYS E 26 3.18 -53.21 2.88
CA CYS E 26 2.61 -52.12 2.07
C CYS E 26 2.32 -50.88 2.86
N SER E 27 2.71 -49.73 2.32
CA SER E 27 2.34 -48.45 2.89
C SER E 27 1.31 -47.85 1.97
N VAL E 28 1.34 -48.24 0.68
CA VAL E 28 0.41 -47.78 -0.38
C VAL E 28 -0.05 -48.97 -1.19
N ILE E 29 -1.38 -49.09 -1.36
CA ILE E 29 -1.92 -50.10 -2.26
C ILE E 29 -2.34 -49.37 -3.53
N GLU E 30 -1.55 -49.59 -4.60
CA GLU E 30 -1.79 -49.03 -5.93
C GLU E 30 -2.75 -50.02 -6.62
N GLY E 31 -4.00 -49.85 -6.27
CA GLY E 31 -5.10 -50.68 -6.74
C GLY E 31 -6.18 -50.72 -5.67
N HIS E 32 -6.96 -51.80 -5.64
CA HIS E 32 -7.99 -51.91 -4.63
C HIS E 32 -7.65 -52.96 -3.57
N LEU E 33 -8.40 -52.97 -2.48
CA LEU E 33 -8.24 -53.97 -1.45
C LEU E 33 -9.56 -54.62 -1.15
N GLN E 34 -9.70 -55.90 -1.52
CA GLN E 34 -10.88 -56.71 -1.26
C GLN E 34 -10.54 -57.79 -0.21
N ILE E 35 -11.21 -57.75 0.94
CA ILE E 35 -11.06 -58.79 1.97
C ILE E 35 -12.46 -59.35 2.13
N LEU E 36 -12.61 -60.66 1.82
CA LEU E 36 -13.93 -61.24 1.73
C LEU E 36 -14.02 -62.69 1.86
N LEU E 37 -15.27 -63.15 2.09
CA LEU E 37 -15.66 -64.54 2.15
C LEU E 37 -14.80 -65.40 3.05
N MET E 38 -14.74 -65.03 4.33
CA MET E 38 -14.01 -65.78 5.34
C MET E 38 -15.01 -66.22 6.37
N PHE E 39 -15.52 -67.45 6.17
CA PHE E 39 -16.61 -67.97 6.94
C PHE E 39 -16.25 -68.70 8.20
N LYS E 40 -15.02 -69.21 8.29
CA LYS E 40 -14.62 -70.00 9.44
C LYS E 40 -13.73 -69.23 10.43
N THR E 41 -13.42 -67.95 10.11
CA THR E 41 -12.63 -67.08 10.98
C THR E 41 -13.43 -66.66 12.21
N ARG E 42 -12.72 -66.54 13.35
CA ARG E 42 -13.26 -66.14 14.65
C ARG E 42 -12.41 -64.98 15.20
N PRO E 43 -12.91 -64.17 16.17
CA PRO E 43 -12.12 -63.04 16.68
C PRO E 43 -10.68 -63.32 17.10
N GLU E 44 -10.43 -64.51 17.70
CA GLU E 44 -9.11 -64.96 18.15
C GLU E 44 -8.09 -64.97 17.01
N ASP E 45 -8.56 -65.24 15.77
CA ASP E 45 -7.72 -65.28 14.57
C ASP E 45 -7.20 -63.88 14.16
N PHE E 46 -7.86 -62.82 14.68
CA PHE E 46 -7.56 -61.42 14.37
C PHE E 46 -6.91 -60.65 15.53
N ARG E 47 -6.82 -61.26 16.72
CA ARG E 47 -6.35 -60.59 17.92
C ARG E 47 -4.96 -59.90 17.77
N ASP E 48 -3.97 -60.59 17.16
CA ASP E 48 -2.63 -60.00 16.99
C ASP E 48 -2.32 -59.62 15.52
N LEU E 49 -3.37 -59.25 14.77
CA LEU E 49 -3.31 -58.91 13.37
C LEU E 49 -3.41 -57.43 13.17
N SER E 50 -2.34 -56.82 12.65
CA SER E 50 -2.25 -55.38 12.46
C SER E 50 -1.39 -55.01 11.25
N PHE E 51 -1.84 -53.99 10.46
CA PHE E 51 -1.11 -53.47 9.28
C PHE E 51 -0.93 -51.96 9.44
N PRO E 52 -0.03 -51.54 10.37
CA PRO E 52 0.14 -50.10 10.63
C PRO E 52 0.85 -49.37 9.52
N LYS E 53 1.49 -50.12 8.60
CA LYS E 53 2.22 -49.54 7.46
C LYS E 53 1.28 -48.93 6.45
N LEU E 54 0.09 -49.52 6.29
CA LEU E 54 -0.89 -49.05 5.32
C LEU E 54 -1.44 -47.66 5.64
N ILE E 55 -1.18 -46.73 4.70
CA ILE E 55 -1.55 -45.33 4.75
C ILE E 55 -2.54 -44.97 3.69
N MET E 56 -2.46 -45.65 2.55
CA MET E 56 -3.32 -45.29 1.44
C MET E 56 -3.68 -46.39 0.45
N ILE E 57 -4.92 -46.36 -0.06
CA ILE E 57 -5.44 -47.25 -1.09
C ILE E 57 -5.85 -46.31 -2.23
N THR E 58 -5.26 -46.49 -3.41
CA THR E 58 -5.51 -45.60 -4.52
C THR E 58 -6.91 -45.78 -5.13
N ASP E 59 -7.46 -47.03 -5.13
CA ASP E 59 -8.78 -47.30 -5.70
C ASP E 59 -9.87 -47.36 -4.63
N TYR E 60 -10.31 -48.55 -4.21
CA TYR E 60 -11.34 -48.70 -3.19
C TYR E 60 -11.01 -49.78 -2.11
N LEU E 61 -11.76 -49.74 -1.00
CA LEU E 61 -11.67 -50.75 0.03
C LEU E 61 -13.00 -51.45 0.14
N LEU E 62 -13.01 -52.78 -0.09
CA LEU E 62 -14.21 -53.61 0.01
C LEU E 62 -14.03 -54.74 1.06
N LEU E 63 -15.00 -54.83 1.99
CA LEU E 63 -15.07 -55.84 3.04
C LEU E 63 -16.42 -56.52 2.98
N PHE E 64 -16.41 -57.83 2.67
CA PHE E 64 -17.64 -58.61 2.51
C PHE E 64 -17.59 -59.99 3.17
N ARG E 65 -18.55 -60.30 4.03
CA ARG E 65 -18.65 -61.61 4.69
C ARG E 65 -17.37 -62.10 5.35
N VAL E 66 -16.76 -61.24 6.19
CA VAL E 66 -15.56 -61.61 6.97
C VAL E 66 -16.04 -61.83 8.41
N TYR E 67 -16.16 -63.10 8.76
CA TYR E 67 -16.66 -63.54 10.06
C TYR E 67 -15.58 -63.37 11.12
N GLY E 68 -15.99 -62.98 12.32
CA GLY E 68 -15.08 -62.80 13.44
C GLY E 68 -14.38 -61.45 13.51
N LEU E 69 -14.48 -60.63 12.46
CA LEU E 69 -13.86 -59.30 12.47
C LEU E 69 -14.84 -58.32 13.10
N GLU E 70 -14.44 -57.73 14.24
CA GLU E 70 -15.29 -56.83 15.05
C GLU E 70 -15.02 -55.34 14.89
N SER E 71 -13.83 -54.98 14.43
CA SER E 71 -13.38 -53.61 14.24
C SER E 71 -12.22 -53.61 13.28
N LEU E 72 -11.92 -52.45 12.71
CA LEU E 72 -10.79 -52.30 11.81
C LEU E 72 -9.70 -51.47 12.47
N LYS E 73 -9.91 -51.05 13.74
CA LYS E 73 -8.99 -50.20 14.52
C LYS E 73 -7.59 -50.79 14.66
N ASP E 74 -7.50 -52.12 14.69
CA ASP E 74 -6.24 -52.80 14.83
C ASP E 74 -5.70 -53.22 13.49
N LEU E 75 -6.59 -53.54 12.55
CA LEU E 75 -6.19 -53.97 11.22
C LEU E 75 -5.57 -52.84 10.39
N PHE E 76 -6.29 -51.70 10.25
CA PHE E 76 -5.83 -50.56 9.47
C PHE E 76 -5.84 -49.27 10.30
N PRO E 77 -4.94 -49.20 11.30
CA PRO E 77 -4.93 -48.02 12.18
C PRO E 77 -4.48 -46.71 11.55
N ASN E 78 -3.63 -46.80 10.53
CA ASN E 78 -3.07 -45.61 9.89
C ASN E 78 -3.57 -45.36 8.46
N LEU E 79 -4.61 -46.08 8.02
CA LEU E 79 -5.18 -45.84 6.70
C LEU E 79 -5.80 -44.46 6.75
N THR E 80 -5.25 -43.55 5.95
CA THR E 80 -5.59 -42.13 5.96
C THR E 80 -6.42 -41.71 4.76
N VAL E 81 -6.04 -42.19 3.58
CA VAL E 81 -6.67 -41.78 2.32
C VAL E 81 -7.11 -42.97 1.47
N ILE E 82 -8.33 -42.87 0.90
CA ILE E 82 -8.84 -43.77 -0.13
C ILE E 82 -9.04 -42.82 -1.31
N ARG E 83 -8.16 -42.91 -2.32
CA ARG E 83 -8.18 -41.99 -3.45
C ARG E 83 -9.34 -42.16 -4.39
N GLY E 84 -9.84 -43.39 -4.52
CA GLY E 84 -10.97 -43.70 -5.38
C GLY E 84 -10.73 -43.45 -6.85
N SER E 85 -9.50 -43.70 -7.37
CA SER E 85 -9.14 -43.54 -8.79
C SER E 85 -10.06 -44.44 -9.61
N ARG E 86 -10.31 -45.66 -9.11
CA ARG E 86 -11.21 -46.64 -9.70
C ARG E 86 -12.11 -47.07 -8.56
N LEU E 87 -13.42 -47.11 -8.80
CA LEU E 87 -14.44 -47.39 -7.78
C LEU E 87 -15.26 -48.66 -7.98
N PHE E 88 -15.74 -49.23 -6.86
CA PHE E 88 -16.62 -50.40 -6.88
C PHE E 88 -18.06 -49.91 -6.84
N PHE E 89 -18.76 -49.94 -7.99
CA PHE E 89 -20.17 -49.51 -8.11
C PHE E 89 -20.40 -48.06 -7.64
N ASN E 90 -19.38 -47.20 -7.85
CA ASN E 90 -19.26 -45.77 -7.52
C ASN E 90 -18.91 -45.49 -6.04
N TYR E 91 -18.44 -46.54 -5.34
CA TYR E 91 -18.02 -46.46 -3.95
C TYR E 91 -16.54 -46.64 -3.77
N ALA E 92 -15.97 -45.88 -2.86
CA ALA E 92 -14.58 -46.02 -2.52
C ALA E 92 -14.50 -46.88 -1.22
N LEU E 93 -15.60 -46.98 -0.45
CA LEU E 93 -15.63 -47.81 0.73
C LEU E 93 -16.90 -48.63 0.75
N VAL E 94 -16.77 -49.99 0.85
CA VAL E 94 -17.87 -50.95 0.85
C VAL E 94 -17.72 -51.91 2.02
N ILE E 95 -18.68 -51.86 2.95
CA ILE E 95 -18.76 -52.73 4.13
C ILE E 95 -20.14 -53.40 4.00
N PHE E 96 -20.14 -54.62 3.49
CA PHE E 96 -21.38 -55.31 3.22
C PHE E 96 -21.42 -56.74 3.82
N GLU E 97 -22.50 -57.05 4.54
CA GLU E 97 -22.71 -58.35 5.16
C GLU E 97 -21.49 -58.77 6.01
N MET E 98 -20.95 -57.80 6.78
CA MET E 98 -19.88 -58.01 7.74
C MET E 98 -20.59 -58.30 9.06
N VAL E 99 -20.98 -59.58 9.19
CA VAL E 99 -21.83 -60.13 10.22
C VAL E 99 -21.36 -59.85 11.68
N HIS E 100 -20.05 -59.68 11.94
CA HIS E 100 -19.62 -59.50 13.33
C HIS E 100 -19.01 -58.15 13.63
N LEU E 101 -18.93 -57.27 12.62
CA LEU E 101 -18.38 -55.93 12.76
C LEU E 101 -19.23 -55.06 13.66
N LYS E 102 -18.61 -54.58 14.74
CA LYS E 102 -19.26 -53.77 15.77
C LYS E 102 -19.04 -52.28 15.57
N GLU E 103 -17.91 -51.91 14.95
CA GLU E 103 -17.54 -50.53 14.65
C GLU E 103 -16.61 -50.53 13.44
N LEU E 104 -16.38 -49.37 12.82
CA LEU E 104 -15.41 -49.29 11.74
C LEU E 104 -14.02 -49.13 12.37
N GLY E 105 -13.85 -48.07 13.16
CA GLY E 105 -12.60 -47.81 13.86
C GLY E 105 -11.42 -47.37 13.01
N LEU E 106 -11.68 -46.86 11.78
CA LEU E 106 -10.63 -46.37 10.89
C LEU E 106 -10.29 -44.92 11.30
N TYR E 107 -9.89 -44.73 12.58
CA TYR E 107 -9.65 -43.45 13.24
C TYR E 107 -8.62 -42.52 12.54
N ASN E 108 -7.92 -43.04 11.51
CA ASN E 108 -7.01 -42.21 10.73
C ASN E 108 -7.54 -41.86 9.34
N LEU E 109 -8.75 -42.29 9.00
CA LEU E 109 -9.31 -41.99 7.68
C LEU E 109 -9.80 -40.54 7.60
N MET E 110 -9.10 -39.72 6.82
CA MET E 110 -9.37 -38.29 6.71
C MET E 110 -10.03 -37.86 5.42
N ASN E 111 -9.76 -38.59 4.35
CA ASN E 111 -10.23 -38.19 3.04
C ASN E 111 -10.46 -39.36 2.09
N ILE E 112 -11.62 -39.35 1.45
CA ILE E 112 -12.01 -40.23 0.37
C ILE E 112 -12.11 -39.23 -0.79
N THR E 113 -11.05 -39.21 -1.60
CA THR E 113 -10.83 -38.22 -2.65
C THR E 113 -11.85 -38.27 -3.77
N ARG E 114 -12.43 -39.45 -4.05
CA ARG E 114 -13.40 -39.62 -5.10
C ARG E 114 -14.24 -40.81 -4.74
N GLY E 115 -15.55 -40.75 -5.03
CA GLY E 115 -16.48 -41.83 -4.76
C GLY E 115 -17.24 -41.68 -3.46
N SER E 116 -18.20 -42.57 -3.20
CA SER E 116 -19.04 -42.57 -1.99
C SER E 116 -18.83 -43.78 -1.06
N VAL E 117 -19.66 -43.88 -0.01
CA VAL E 117 -19.57 -44.94 0.98
C VAL E 117 -20.82 -45.84 0.99
N ARG E 118 -20.66 -47.16 1.05
CA ARG E 118 -21.79 -48.09 1.15
C ARG E 118 -21.58 -49.03 2.35
N ILE E 119 -22.37 -48.85 3.41
CA ILE E 119 -22.28 -49.66 4.64
C ILE E 119 -23.68 -50.24 4.85
N GLU E 120 -23.83 -51.51 4.52
CA GLU E 120 -25.13 -52.12 4.52
C GLU E 120 -25.16 -53.57 5.02
N LYS E 121 -26.23 -53.94 5.74
CA LYS E 121 -26.50 -55.29 6.21
C LYS E 121 -25.44 -55.81 7.18
N ASN E 122 -24.98 -54.92 8.09
CA ASN E 122 -23.99 -55.27 9.11
C ASN E 122 -24.70 -55.18 10.44
N ASN E 123 -25.31 -56.30 10.83
CA ASN E 123 -26.21 -56.42 11.95
C ASN E 123 -25.62 -56.09 13.32
N GLU E 124 -24.29 -56.01 13.44
CA GLU E 124 -23.72 -55.66 14.76
C GLU E 124 -23.09 -54.28 14.78
N LEU E 125 -23.13 -53.58 13.65
CA LEU E 125 -22.45 -52.32 13.42
C LEU E 125 -23.06 -51.07 14.07
N CYS E 126 -22.23 -50.49 14.94
CA CYS E 126 -22.46 -49.25 15.65
C CYS E 126 -21.35 -48.25 15.32
N TYR E 127 -21.32 -47.11 16.02
CA TYR E 127 -20.35 -46.03 15.81
C TYR E 127 -20.33 -45.56 14.36
N LEU E 128 -21.55 -45.43 13.79
CA LEU E 128 -21.81 -44.96 12.44
C LEU E 128 -22.39 -43.58 12.49
N ALA E 129 -23.35 -43.36 13.43
CA ALA E 129 -24.03 -42.09 13.68
C ALA E 129 -23.03 -41.05 14.22
N THR E 130 -21.94 -41.53 14.84
CA THR E 130 -20.86 -40.73 15.42
C THR E 130 -19.83 -40.29 14.39
N ILE E 131 -19.97 -40.74 13.13
CA ILE E 131 -19.05 -40.35 12.06
C ILE E 131 -19.65 -39.22 11.23
N ASP E 132 -18.91 -38.08 11.15
CA ASP E 132 -19.29 -36.96 10.31
C ASP E 132 -18.53 -37.12 9.01
N TRP E 133 -19.18 -37.81 8.06
CA TRP E 133 -18.61 -38.09 6.75
C TRP E 133 -18.35 -36.84 5.92
N SER E 134 -19.04 -35.71 6.22
CA SER E 134 -18.84 -34.46 5.50
C SER E 134 -17.40 -33.95 5.61
N ARG E 135 -16.69 -34.37 6.65
CA ARG E 135 -15.30 -33.98 6.88
C ARG E 135 -14.32 -34.88 6.12
N ILE E 136 -14.83 -35.98 5.53
CA ILE E 136 -14.06 -37.01 4.80
C ILE E 136 -14.36 -37.00 3.26
N LEU E 137 -15.62 -36.84 2.85
CA LEU E 137 -16.07 -36.78 1.45
C LEU E 137 -16.79 -35.48 1.19
N ASP E 138 -16.70 -34.97 -0.03
CA ASP E 138 -17.49 -33.79 -0.38
C ASP E 138 -18.92 -34.23 -0.70
N SER E 139 -19.07 -35.43 -1.33
CA SER E 139 -20.33 -36.04 -1.74
C SER E 139 -20.83 -37.10 -0.74
N VAL E 140 -21.66 -36.68 0.22
CA VAL E 140 -22.24 -37.59 1.22
C VAL E 140 -23.71 -37.90 0.87
N GLU E 141 -24.26 -37.15 -0.07
CA GLU E 141 -25.63 -37.31 -0.54
C GLU E 141 -25.79 -38.68 -1.20
N ASP E 142 -24.67 -39.22 -1.77
CA ASP E 142 -24.63 -40.50 -2.47
C ASP E 142 -24.20 -41.69 -1.59
N ASN E 143 -24.00 -41.44 -0.29
CA ASN E 143 -23.68 -42.49 0.68
C ASN E 143 -24.88 -43.36 0.89
N HIS E 144 -24.67 -44.66 1.05
CA HIS E 144 -25.80 -45.56 1.30
C HIS E 144 -25.50 -46.35 2.56
N ILE E 145 -25.98 -45.84 3.71
CA ILE E 145 -25.70 -46.45 5.01
C ILE E 145 -27.00 -46.90 5.67
N VAL E 146 -27.36 -48.16 5.44
CA VAL E 146 -28.65 -48.72 5.89
C VAL E 146 -28.54 -50.16 6.39
N LEU E 147 -29.60 -50.65 7.05
CA LEU E 147 -29.73 -52.02 7.53
C LEU E 147 -28.58 -52.47 8.44
N ASN E 148 -28.13 -51.55 9.34
CA ASN E 148 -27.09 -51.84 10.33
C ASN E 148 -27.70 -51.82 11.73
N LYS E 149 -26.97 -52.25 12.77
CA LYS E 149 -27.50 -52.31 14.14
C LYS E 149 -28.13 -50.98 14.56
N ASP E 150 -27.47 -49.85 14.22
CA ASP E 150 -27.92 -48.48 14.51
C ASP E 150 -29.38 -48.19 14.01
N ASP E 151 -29.81 -48.85 12.91
CA ASP E 151 -31.15 -48.71 12.30
C ASP E 151 -32.23 -49.46 13.02
N ASN E 152 -31.97 -50.74 13.40
CA ASN E 152 -33.00 -51.62 13.95
C ASN E 152 -32.96 -51.80 15.48
N GLU E 153 -31.93 -51.25 16.14
CA GLU E 153 -31.72 -51.27 17.59
C GLU E 153 -31.00 -49.99 18.04
N GLU E 154 -31.00 -49.72 19.35
CA GLU E 154 -30.42 -48.52 19.95
C GLU E 154 -28.94 -48.74 20.38
N CYS E 155 -27.99 -48.32 19.50
CA CYS E 155 -26.54 -48.37 19.75
C CYS E 155 -26.25 -47.41 20.88
N GLY E 156 -25.45 -47.85 21.83
CA GLY E 156 -25.02 -47.02 22.95
C GLY E 156 -23.68 -46.40 22.59
N ASP E 157 -23.67 -45.55 21.55
CA ASP E 157 -22.43 -44.97 21.06
C ASP E 157 -21.81 -44.00 22.05
N ILE E 158 -20.96 -44.51 22.94
CA ILE E 158 -20.30 -43.69 23.96
C ILE E 158 -18.92 -43.21 23.47
N CYS E 159 -18.78 -41.90 23.27
CA CYS E 159 -17.52 -41.32 22.81
C CYS E 159 -16.59 -40.99 23.99
N PRO E 160 -15.26 -40.83 23.73
CA PRO E 160 -14.34 -40.41 24.83
C PRO E 160 -14.78 -39.14 25.60
N GLY E 161 -14.92 -39.29 26.92
CA GLY E 161 -15.35 -38.22 27.81
C GLY E 161 -14.68 -38.24 29.17
N ASN E 168 -13.45 -32.96 25.43
CA ASN E 168 -13.31 -34.42 25.42
C ASN E 168 -13.23 -34.99 23.97
N CYS E 169 -14.32 -34.89 23.19
CA CYS E 169 -14.41 -35.31 21.78
C CYS E 169 -14.96 -34.16 20.92
N PRO E 170 -14.49 -33.95 19.65
CA PRO E 170 -15.00 -32.85 18.82
C PRO E 170 -16.48 -33.02 18.51
N ALA E 171 -17.24 -31.92 18.47
CA ALA E 171 -18.67 -31.97 18.16
C ALA E 171 -19.01 -31.11 16.95
N THR E 172 -19.72 -31.71 15.98
CA THR E 172 -20.15 -31.05 14.76
C THR E 172 -21.68 -31.15 14.62
N VAL E 173 -22.24 -30.35 13.72
CA VAL E 173 -23.67 -30.25 13.49
C VAL E 173 -24.12 -31.16 12.32
N ILE E 174 -25.35 -31.67 12.44
CA ILE E 174 -26.12 -32.43 11.47
C ILE E 174 -27.58 -32.04 11.68
N ASN E 175 -28.16 -31.24 10.75
CA ASN E 175 -29.53 -30.72 10.78
C ASN E 175 -29.87 -29.99 12.12
N GLY E 176 -28.98 -29.08 12.52
CA GLY E 176 -29.14 -28.26 13.72
C GLY E 176 -28.68 -28.86 15.03
N GLN E 177 -28.49 -30.21 15.07
CA GLN E 177 -28.07 -30.94 16.26
C GLN E 177 -26.54 -31.14 16.32
N PHE E 178 -25.92 -30.61 17.41
CA PHE E 178 -24.49 -30.75 17.72
C PHE E 178 -24.32 -32.12 18.35
N VAL E 179 -23.44 -32.93 17.75
CA VAL E 179 -23.18 -34.31 18.17
C VAL E 179 -21.67 -34.56 18.23
N GLU E 180 -21.18 -35.21 19.31
CA GLU E 180 -19.76 -35.55 19.44
C GLU E 180 -19.40 -36.66 18.47
N ARG E 181 -18.22 -36.52 17.84
CA ARG E 181 -17.78 -37.39 16.76
C ARG E 181 -16.59 -38.26 17.10
N CYS E 182 -16.81 -39.56 16.97
CA CYS E 182 -15.80 -40.55 17.26
C CYS E 182 -15.97 -41.81 16.43
N TRP E 183 -14.89 -42.61 16.37
CA TRP E 183 -14.78 -43.87 15.64
C TRP E 183 -15.01 -45.07 16.55
N THR E 184 -14.55 -44.98 17.83
CA THR E 184 -14.73 -46.00 18.90
C THR E 184 -14.95 -45.28 20.23
N HIS E 185 -15.08 -46.06 21.29
CA HIS E 185 -15.22 -45.57 22.66
C HIS E 185 -13.94 -44.87 23.12
N SER E 186 -12.78 -45.17 22.48
CA SER E 186 -11.48 -44.60 22.85
C SER E 186 -10.86 -43.67 21.81
N HIS E 187 -11.42 -43.60 20.58
CA HIS E 187 -10.88 -42.79 19.49
C HIS E 187 -11.83 -41.75 18.92
N CYS E 188 -11.46 -40.46 19.06
CA CYS E 188 -12.22 -39.33 18.51
C CYS E 188 -12.01 -39.23 17.00
N GLN E 189 -12.88 -38.47 16.33
CA GLN E 189 -12.70 -38.16 14.93
C GLN E 189 -11.86 -36.87 14.91
N LYS E 190 -10.72 -36.87 14.18
CA LYS E 190 -9.86 -35.67 14.08
C LYS E 190 -10.54 -34.66 13.17
N VAL E 191 -10.63 -33.40 13.65
CA VAL E 191 -11.17 -32.27 12.88
C VAL E 191 -10.15 -31.12 12.89
N CYS E 192 -9.83 -30.59 11.71
CA CYS E 192 -8.87 -29.50 11.57
C CYS E 192 -9.56 -28.14 11.38
N PRO E 193 -8.86 -26.99 11.66
CA PRO E 193 -9.47 -25.69 11.36
C PRO E 193 -9.81 -25.58 9.88
N THR E 194 -10.86 -24.82 9.57
CA THR E 194 -11.40 -24.63 8.22
C THR E 194 -10.32 -24.26 7.20
N ILE E 195 -9.42 -23.33 7.58
CA ILE E 195 -8.30 -22.84 6.77
C ILE E 195 -7.33 -23.96 6.33
N CYS E 196 -7.27 -25.07 7.07
CA CYS E 196 -6.40 -26.21 6.73
C CYS E 196 -6.96 -26.97 5.53
N LYS E 197 -8.28 -26.83 5.30
CA LYS E 197 -8.99 -27.49 4.22
C LYS E 197 -8.74 -29.00 4.36
N SER E 198 -8.47 -29.69 3.23
CA SER E 198 -8.22 -31.12 3.14
C SER E 198 -6.79 -31.52 3.52
N HIS E 199 -5.85 -30.53 3.67
CA HIS E 199 -4.41 -30.70 3.92
C HIS E 199 -4.05 -31.38 5.22
N GLY E 200 -4.88 -31.21 6.23
CA GLY E 200 -4.63 -31.79 7.53
C GLY E 200 -3.88 -30.82 8.39
N CYS E 201 -3.63 -31.22 9.64
CA CYS E 201 -2.96 -30.40 10.64
C CYS E 201 -2.29 -31.23 11.72
N THR E 202 -1.41 -30.57 12.49
CA THR E 202 -0.74 -31.20 13.62
C THR E 202 -1.72 -31.20 14.82
N ALA E 203 -1.37 -31.90 15.93
CA ALA E 203 -2.20 -31.98 17.14
C ALA E 203 -2.51 -30.60 17.70
N GLU E 204 -1.56 -29.65 17.51
CA GLU E 204 -1.60 -28.26 17.97
C GLU E 204 -2.50 -27.38 17.09
N GLY E 205 -2.97 -27.93 15.97
CA GLY E 205 -3.88 -27.25 15.05
C GLY E 205 -3.20 -26.56 13.88
N LEU E 206 -1.86 -26.65 13.80
CA LEU E 206 -1.05 -26.03 12.74
C LEU E 206 -1.22 -26.77 11.42
N CYS E 207 -1.60 -26.03 10.36
CA CYS E 207 -1.84 -26.58 9.04
C CYS E 207 -0.64 -27.24 8.42
N CYS E 208 -0.91 -28.34 7.74
CA CYS E 208 0.05 -29.07 6.96
C CYS E 208 0.27 -28.23 5.70
N HIS E 209 1.28 -28.60 4.92
CA HIS E 209 1.57 -27.96 3.65
C HIS E 209 0.39 -28.12 2.67
N SER E 210 0.23 -27.13 1.77
CA SER E 210 -0.79 -27.06 0.71
C SER E 210 -0.80 -28.29 -0.21
N GLU E 211 0.35 -29.02 -0.30
CA GLU E 211 0.54 -30.20 -1.15
C GLU E 211 0.23 -31.51 -0.45
N CYS E 212 0.00 -31.48 0.90
CA CYS E 212 -0.39 -32.66 1.72
C CYS E 212 -1.87 -32.99 1.57
N LEU E 213 -2.22 -34.19 2.03
CA LEU E 213 -3.58 -34.67 2.10
C LEU E 213 -3.76 -35.43 3.43
N GLY E 214 -4.77 -35.04 4.22
CA GLY E 214 -5.15 -35.66 5.49
C GLY E 214 -4.29 -35.40 6.73
N ASN E 215 -2.96 -35.61 6.62
CA ASN E 215 -2.07 -35.44 7.77
C ASN E 215 -0.61 -35.24 7.31
N CYS E 216 0.27 -34.86 8.26
CA CYS E 216 1.70 -34.64 8.08
C CYS E 216 2.43 -34.77 9.42
N SER E 217 3.75 -35.06 9.38
CA SER E 217 4.60 -35.18 10.57
C SER E 217 5.08 -33.81 11.09
N GLN E 218 5.10 -32.79 10.22
CA GLN E 218 5.48 -31.41 10.56
C GLN E 218 4.71 -30.43 9.69
N PRO E 219 4.39 -29.25 10.23
CA PRO E 219 3.64 -28.27 9.45
C PRO E 219 4.46 -27.59 8.35
N ASP E 220 3.76 -27.13 7.31
CA ASP E 220 4.30 -26.38 6.18
C ASP E 220 5.57 -27.00 5.54
N ASP E 221 5.56 -28.33 5.32
CA ASP E 221 6.66 -29.05 4.69
C ASP E 221 6.11 -30.17 3.75
N PRO E 222 6.40 -30.07 2.43
CA PRO E 222 5.88 -31.06 1.48
C PRO E 222 6.64 -32.37 1.44
N THR E 223 7.65 -32.52 2.30
CA THR E 223 8.43 -33.75 2.46
C THR E 223 7.98 -34.45 3.74
N LYS E 224 7.05 -33.83 4.48
CA LYS E 224 6.59 -34.38 5.73
C LYS E 224 5.12 -34.88 5.67
N CYS E 225 4.54 -34.99 4.47
CA CYS E 225 3.17 -35.45 4.22
C CYS E 225 2.99 -36.90 4.49
N VAL E 226 1.79 -37.27 4.97
CA VAL E 226 1.40 -38.66 5.16
C VAL E 226 0.97 -39.16 3.78
N ALA E 227 0.31 -38.28 3.00
CA ALA E 227 -0.16 -38.56 1.64
C ALA E 227 -0.23 -37.25 0.87
N CYS E 228 -0.21 -37.31 -0.49
CA CYS E 228 -0.19 -36.10 -1.33
C CYS E 228 -1.53 -35.75 -1.90
N ARG E 229 -1.81 -34.43 -2.04
CA ARG E 229 -3.02 -33.90 -2.64
C ARG E 229 -2.99 -34.19 -4.15
N ASN E 230 -1.81 -34.07 -4.77
CA ASN E 230 -1.62 -34.30 -6.20
C ASN E 230 -0.75 -35.52 -6.51
N PHE E 231 0.56 -35.27 -6.72
CA PHE E 231 1.51 -36.29 -7.12
C PHE E 231 2.63 -36.46 -6.15
N TYR E 232 3.25 -37.63 -6.19
CA TYR E 232 4.35 -37.98 -5.32
C TYR E 232 5.57 -38.24 -6.15
N LEU E 233 6.69 -37.70 -5.69
CA LEU E 233 7.98 -37.85 -6.36
C LEU E 233 9.08 -37.57 -5.39
N ASP E 234 10.08 -38.48 -5.37
CA ASP E 234 11.31 -38.38 -4.58
C ASP E 234 11.06 -37.95 -3.11
N GLY E 235 10.01 -38.51 -2.49
CA GLY E 235 9.63 -38.26 -1.11
C GLY E 235 8.94 -36.92 -0.84
N ARG E 236 8.55 -36.26 -1.92
CA ARG E 236 7.93 -34.94 -1.88
C ARG E 236 6.63 -34.93 -2.61
N CYS E 237 5.70 -34.09 -2.12
CA CYS E 237 4.40 -33.90 -2.75
C CYS E 237 4.53 -32.76 -3.71
N VAL E 238 4.36 -33.10 -4.99
CA VAL E 238 4.49 -32.18 -6.09
C VAL E 238 3.12 -31.90 -6.69
N GLU E 239 2.99 -30.75 -7.32
CA GLU E 239 1.76 -30.29 -7.96
C GLU E 239 1.59 -31.00 -9.30
N THR E 240 2.67 -31.24 -10.04
CA THR E 240 2.67 -31.85 -11.36
C THR E 240 3.93 -32.69 -11.51
N CYS E 241 3.91 -33.75 -12.37
CA CYS E 241 5.14 -34.50 -12.68
C CYS E 241 5.81 -33.70 -13.76
N PRO E 242 7.01 -33.10 -13.48
CA PRO E 242 7.65 -32.30 -14.52
C PRO E 242 8.35 -33.18 -15.55
N PRO E 243 8.55 -32.68 -16.79
CA PRO E 243 9.38 -33.43 -17.75
C PRO E 243 10.79 -33.68 -17.13
N PRO E 244 11.41 -34.88 -17.20
CA PRO E 244 11.08 -36.08 -17.98
C PRO E 244 10.25 -37.15 -17.29
N TYR E 245 9.49 -36.77 -16.24
CA TYR E 245 8.68 -37.73 -15.49
C TYR E 245 7.28 -37.78 -16.02
N TYR E 246 6.63 -38.96 -15.83
CA TYR E 246 5.30 -39.23 -16.32
C TYR E 246 4.40 -39.51 -15.15
N HIS E 247 3.13 -39.07 -15.26
CA HIS E 247 2.13 -39.28 -14.22
C HIS E 247 1.68 -40.73 -14.37
N PHE E 248 1.62 -41.41 -13.25
CA PHE E 248 1.27 -42.81 -13.22
C PHE E 248 0.23 -43.11 -12.14
N GLN E 249 -0.84 -43.80 -12.53
CA GLN E 249 -1.93 -44.23 -11.65
C GLN E 249 -2.62 -43.05 -10.90
N ASP E 250 -2.57 -41.85 -11.53
CA ASP E 250 -3.10 -40.59 -11.00
C ASP E 250 -2.54 -40.21 -9.57
N TRP E 251 -1.37 -40.76 -9.16
CA TRP E 251 -0.84 -40.42 -7.85
C TRP E 251 0.72 -40.28 -7.79
N ARG E 252 1.45 -40.94 -8.69
CA ARG E 252 2.90 -40.84 -8.62
C ARG E 252 3.58 -40.52 -9.96
N CYS E 253 4.89 -40.16 -9.87
CA CYS E 253 5.73 -39.79 -11.00
C CYS E 253 6.70 -40.89 -11.24
N VAL E 254 6.75 -41.34 -12.49
CA VAL E 254 7.64 -42.42 -12.93
C VAL E 254 8.51 -41.98 -14.13
N ASN E 255 9.70 -42.57 -14.29
CA ASN E 255 10.57 -42.24 -15.41
C ASN E 255 10.23 -43.13 -16.60
N PHE E 256 10.78 -42.83 -17.77
CA PHE E 256 10.53 -43.57 -19.00
C PHE E 256 10.90 -45.06 -18.82
N SER E 257 12.06 -45.33 -18.20
CA SER E 257 12.61 -46.66 -17.94
C SER E 257 11.59 -47.59 -17.25
N PHE E 258 10.98 -47.12 -16.14
CA PHE E 258 9.97 -47.82 -15.34
C PHE E 258 8.77 -48.20 -16.21
N CYS E 259 8.25 -47.20 -16.94
CA CYS E 259 7.11 -47.33 -17.81
C CYS E 259 7.42 -48.32 -18.94
N GLN E 260 8.66 -48.31 -19.44
CA GLN E 260 9.13 -49.22 -20.47
C GLN E 260 9.23 -50.65 -19.95
N ASP E 261 9.74 -50.84 -18.72
CA ASP E 261 9.91 -52.14 -18.11
C ASP E 261 8.59 -52.80 -17.73
N LEU E 262 7.48 -52.04 -17.60
CA LEU E 262 6.14 -52.61 -17.38
C LEU E 262 5.62 -53.11 -18.72
N HIS E 263 5.86 -52.31 -19.79
CA HIS E 263 5.45 -52.63 -21.17
C HIS E 263 6.06 -53.97 -21.61
N HIS E 264 7.39 -54.16 -21.37
CA HIS E 264 8.14 -55.36 -21.73
C HIS E 264 7.89 -56.54 -20.79
N LYS E 265 7.51 -56.28 -19.53
CA LYS E 265 7.13 -57.32 -18.55
C LYS E 265 5.83 -58.00 -19.06
N CYS E 266 4.96 -57.24 -19.73
CA CYS E 266 3.71 -57.72 -20.33
C CYS E 266 3.98 -58.21 -21.76
N CYS E 274 -2.67 -58.54 -18.19
CA CYS E 274 -1.77 -57.40 -18.06
C CYS E 274 -1.87 -56.43 -19.24
N HIS E 275 -1.29 -55.22 -19.08
CA HIS E 275 -1.30 -54.18 -20.11
C HIS E 275 0.08 -53.82 -20.57
N GLN E 276 0.22 -53.58 -21.89
CA GLN E 276 1.48 -53.12 -22.49
C GLN E 276 1.38 -51.60 -22.46
N TYR E 277 2.00 -51.00 -21.41
CA TYR E 277 1.94 -49.58 -21.07
C TYR E 277 2.48 -48.66 -22.17
N VAL E 278 1.84 -47.49 -22.31
CA VAL E 278 2.19 -46.47 -23.32
C VAL E 278 2.29 -45.06 -22.73
N ILE E 279 2.92 -44.12 -23.47
CA ILE E 279 3.04 -42.72 -23.09
C ILE E 279 2.02 -41.91 -23.87
N HIS E 280 1.20 -41.10 -23.19
CA HIS E 280 0.22 -40.20 -23.81
C HIS E 280 -0.11 -39.07 -22.85
N ASN E 281 -0.08 -37.82 -23.33
CA ASN E 281 -0.39 -36.62 -22.54
C ASN E 281 0.34 -36.59 -21.16
N ASN E 282 1.68 -36.90 -21.20
CA ASN E 282 2.60 -36.95 -20.07
C ASN E 282 2.17 -37.96 -18.98
N LYS E 283 1.50 -39.02 -19.40
CA LYS E 283 1.03 -40.08 -18.53
C LYS E 283 1.49 -41.43 -19.05
N CYS E 284 1.80 -42.33 -18.12
CA CYS E 284 2.14 -43.70 -18.45
C CYS E 284 0.81 -44.47 -18.22
N ILE E 285 0.16 -44.86 -19.33
CA ILE E 285 -1.16 -45.48 -19.28
C ILE E 285 -1.22 -46.90 -19.84
N PRO E 286 -2.24 -47.69 -19.40
CA PRO E 286 -2.36 -49.07 -19.87
C PRO E 286 -2.56 -49.26 -21.37
N GLU E 287 -3.35 -48.37 -22.01
CA GLU E 287 -3.66 -48.49 -23.44
C GLU E 287 -3.74 -47.15 -24.13
N CYS E 288 -3.35 -47.09 -25.45
CA CYS E 288 -3.47 -45.88 -26.28
C CYS E 288 -4.95 -45.58 -26.38
N PRO E 289 -5.36 -44.30 -26.32
CA PRO E 289 -6.80 -44.00 -26.47
C PRO E 289 -7.29 -44.27 -27.90
N SER E 290 -8.62 -44.30 -28.09
CA SER E 290 -9.24 -44.56 -29.39
C SER E 290 -8.80 -43.48 -30.37
N GLY E 291 -8.37 -43.90 -31.55
CA GLY E 291 -7.88 -43.00 -32.60
C GLY E 291 -6.38 -42.81 -32.57
N TYR E 292 -5.70 -43.53 -31.65
CA TYR E 292 -4.26 -43.50 -31.47
C TYR E 292 -3.65 -44.89 -31.56
N THR E 293 -2.40 -44.91 -32.04
CA THR E 293 -1.57 -46.10 -32.21
C THR E 293 -0.24 -45.92 -31.51
N MET E 294 0.36 -47.05 -31.08
CA MET E 294 1.63 -47.08 -30.39
C MET E 294 2.81 -47.04 -31.36
N ASN E 295 3.53 -45.90 -31.36
CA ASN E 295 4.74 -45.75 -32.16
C ASN E 295 5.79 -46.59 -31.43
N SER E 296 6.26 -47.65 -32.12
CA SER E 296 7.23 -48.63 -31.64
C SER E 296 8.53 -47.95 -31.15
N SER E 297 9.16 -48.56 -30.12
CA SER E 297 10.41 -48.16 -29.44
C SER E 297 10.27 -47.00 -28.46
N ASN E 298 9.56 -45.92 -28.85
CA ASN E 298 9.44 -44.77 -27.95
C ASN E 298 8.14 -44.76 -27.14
N LEU E 299 7.31 -45.82 -27.24
CA LEU E 299 6.05 -45.99 -26.49
C LEU E 299 5.03 -44.85 -26.61
N LEU E 300 5.31 -43.83 -27.43
CA LEU E 300 4.44 -42.66 -27.59
C LEU E 300 3.21 -42.89 -28.46
N CYS E 301 2.01 -42.55 -27.95
CA CYS E 301 0.77 -42.66 -28.72
C CYS E 301 0.73 -41.54 -29.75
N THR E 302 0.53 -41.90 -31.02
CA THR E 302 0.42 -40.99 -32.17
C THR E 302 -0.92 -41.23 -32.85
N PRO E 303 -1.58 -40.18 -33.40
CA PRO E 303 -2.88 -40.39 -34.04
C PRO E 303 -2.82 -41.25 -35.30
N CYS E 304 -3.86 -42.08 -35.50
CA CYS E 304 -3.97 -42.98 -36.64
C CYS E 304 -4.21 -42.21 -37.94
N LEU E 305 -3.49 -42.57 -39.00
CA LEU E 305 -3.70 -42.01 -40.34
C LEU E 305 -4.78 -42.93 -40.94
N GLY E 306 -6.04 -42.48 -40.80
CA GLY E 306 -7.20 -43.27 -41.17
C GLY E 306 -7.53 -44.21 -40.01
N PRO E 307 -8.26 -45.34 -40.23
CA PRO E 307 -8.55 -46.26 -39.10
C PRO E 307 -7.32 -46.95 -38.53
N CYS E 308 -7.42 -47.35 -37.25
CA CYS E 308 -6.36 -47.98 -36.48
C CYS E 308 -6.28 -49.48 -36.73
N PRO E 309 -5.05 -50.04 -36.99
CA PRO E 309 -4.94 -51.50 -37.21
C PRO E 309 -5.01 -52.27 -35.89
N THR F 1 -28.41 -54.18 -9.78
CA THR F 1 -28.37 -53.66 -8.41
C THR F 1 -27.01 -53.92 -7.79
N PHE F 2 -26.73 -53.29 -6.65
CA PHE F 2 -25.47 -53.45 -5.95
C PHE F 2 -25.23 -54.89 -5.49
N GLU F 3 -26.24 -55.55 -4.84
CA GLU F 3 -26.01 -56.93 -4.38
C GLU F 3 -25.75 -57.84 -5.57
N ASP F 4 -26.35 -57.57 -6.74
CA ASP F 4 -26.06 -58.43 -7.87
C ASP F 4 -24.66 -58.21 -8.44
N TYR F 5 -24.22 -56.94 -8.63
CA TYR F 5 -22.88 -56.53 -9.12
C TYR F 5 -21.78 -57.14 -8.28
N LEU F 6 -21.91 -56.97 -6.93
CA LEU F 6 -21.03 -57.51 -5.90
C LEU F 6 -20.85 -58.98 -6.16
N HIS F 7 -21.97 -59.72 -6.14
CA HIS F 7 -22.05 -61.16 -6.37
C HIS F 7 -21.45 -61.58 -7.69
N ASN F 8 -21.71 -60.82 -8.77
CA ASN F 8 -21.22 -61.14 -10.09
C ASN F 8 -19.71 -61.00 -10.14
N VAL F 9 -19.18 -59.83 -9.72
CA VAL F 9 -17.76 -59.44 -9.71
C VAL F 9 -16.93 -60.27 -8.73
N VAL F 10 -17.50 -60.57 -7.57
CA VAL F 10 -16.85 -61.35 -6.53
C VAL F 10 -16.78 -62.86 -6.88
N PHE F 11 -17.88 -63.42 -7.38
CA PHE F 11 -17.91 -64.84 -7.70
C PHE F 11 -17.45 -65.11 -9.13
N VAL F 12 -16.29 -65.79 -9.21
CA VAL F 12 -15.56 -66.14 -10.41
C VAL F 12 -15.59 -67.65 -10.66
N PRO F 13 -15.98 -68.08 -11.89
CA PRO F 13 -15.94 -69.51 -12.21
C PRO F 13 -14.54 -69.94 -12.64
N ARG F 14 -14.21 -71.25 -12.47
CA ARG F 14 -12.91 -71.81 -12.86
C ARG F 14 -12.73 -71.87 -14.41
N PRO F 15 -11.47 -71.73 -14.92
CA PRO F 15 -11.26 -71.77 -16.39
C PRO F 15 -11.72 -73.04 -17.12
N SER F 16 -11.96 -74.15 -16.37
CA SER F 16 -12.44 -75.41 -16.93
C SER F 16 -13.85 -75.74 -16.42
N GLY G 1 42.37 55.99 17.12
CA GLY G 1 42.54 55.65 15.71
C GLY G 1 43.12 56.82 14.93
N ILE G 2 42.86 56.86 13.59
CA ILE G 2 43.29 57.94 12.67
C ILE G 2 42.15 58.96 12.59
N VAL G 3 40.92 58.44 12.67
CA VAL G 3 39.68 59.17 12.68
C VAL G 3 39.67 59.91 14.00
N GLU G 4 39.96 59.16 15.07
CA GLU G 4 40.00 59.67 16.42
C GLU G 4 41.14 60.71 16.68
N GLN G 5 41.99 60.98 15.65
CA GLN G 5 43.12 61.91 15.73
C GLN G 5 43.02 63.07 14.79
N CYS G 6 42.52 62.84 13.54
CA CYS G 6 42.42 63.83 12.44
C CYS G 6 41.02 64.16 12.02
N CYS G 7 40.07 63.34 12.40
CA CYS G 7 38.70 63.59 12.02
C CYS G 7 37.94 64.24 13.16
N THR G 8 37.83 63.53 14.30
CA THR G 8 37.19 64.02 15.53
C THR G 8 38.07 65.13 16.14
N SER G 9 39.38 65.10 15.82
CA SER G 9 40.34 66.12 16.27
C SER G 9 41.21 66.60 15.09
N ILE G 10 42.13 67.54 15.28
CA ILE G 10 42.90 68.07 14.14
C ILE G 10 44.35 67.58 14.18
N CYS G 11 44.82 67.16 12.98
CA CYS G 11 46.12 66.58 12.69
C CYS G 11 47.19 67.55 12.17
N SER G 12 48.35 67.50 12.84
CA SER G 12 49.55 68.23 12.43
C SER G 12 50.19 67.39 11.31
N LEU G 13 51.15 67.98 10.57
CA LEU G 13 51.80 67.22 9.50
C LEU G 13 52.63 66.04 10.06
N TYR G 14 53.03 66.12 11.37
CA TYR G 14 53.80 65.13 12.17
C TYR G 14 52.91 63.93 12.50
N GLN G 15 51.71 64.23 13.02
CA GLN G 15 50.69 63.27 13.34
C GLN G 15 50.48 62.44 12.06
N LEU G 16 50.37 63.15 10.88
CA LEU G 16 50.12 62.54 9.58
C LEU G 16 51.25 61.74 9.04
N GLU G 17 52.45 62.32 8.87
CA GLU G 17 53.64 61.63 8.35
C GLU G 17 53.86 60.26 8.99
N ASN G 18 53.53 60.14 10.29
CA ASN G 18 53.65 58.92 11.10
C ASN G 18 52.94 57.67 10.52
N TYR G 19 51.95 57.89 9.64
CA TYR G 19 51.16 56.86 8.99
C TYR G 19 51.75 56.40 7.66
N CYS G 20 52.98 56.85 7.33
CA CYS G 20 53.67 56.51 6.09
C CYS G 20 54.74 55.43 6.28
N ASN G 21 55.26 54.85 5.18
CA ASN G 21 56.30 53.83 5.22
C ASN G 21 57.67 54.45 5.48
N ASN H 3 45.00 74.26 8.29
CA ASN H 3 44.97 73.14 9.25
C ASN H 3 43.53 72.89 9.69
N GLN H 4 43.03 71.65 9.38
CA GLN H 4 41.62 71.29 9.49
C GLN H 4 41.28 69.88 9.94
N HIS H 5 39.96 69.55 9.91
CA HIS H 5 39.35 68.23 10.15
C HIS H 5 39.44 67.47 8.81
N LEU H 6 39.94 66.24 8.83
CA LEU H 6 40.08 65.43 7.62
C LEU H 6 39.30 64.17 7.80
N CYS H 7 38.12 64.08 7.16
CA CYS H 7 37.27 62.91 7.32
C CYS H 7 36.91 62.29 6.00
N GLY H 8 36.94 60.96 5.97
CA GLY H 8 36.61 60.21 4.77
C GLY H 8 37.59 60.43 3.66
N SER H 9 37.07 60.69 2.44
CA SER H 9 37.82 60.92 1.21
C SER H 9 38.88 62.03 1.39
N HIS H 10 38.57 63.04 2.21
CA HIS H 10 39.45 64.16 2.49
C HIS H 10 40.67 63.71 3.20
N LEU H 11 40.49 62.78 4.17
CA LEU H 11 41.57 62.18 4.92
C LEU H 11 42.39 61.29 3.98
N VAL H 12 41.73 60.44 3.16
CA VAL H 12 42.45 59.58 2.23
C VAL H 12 43.38 60.43 1.37
N GLU H 13 42.83 61.30 0.49
CA GLU H 13 43.63 62.17 -0.41
C GLU H 13 44.73 62.95 0.30
N ALA H 14 44.45 63.46 1.52
CA ALA H 14 45.43 64.24 2.33
C ALA H 14 46.61 63.35 2.74
N LEU H 15 46.36 62.08 3.08
CA LEU H 15 47.38 61.13 3.49
C LEU H 15 48.35 60.86 2.37
N TYR H 16 47.79 60.77 1.15
CA TYR H 16 48.52 60.50 -0.06
C TYR H 16 49.46 61.65 -0.41
N LEU H 17 49.04 62.90 -0.16
CA LEU H 17 49.92 64.06 -0.41
C LEU H 17 51.16 63.98 0.47
N VAL H 18 50.99 63.64 1.78
CA VAL H 18 52.05 63.49 2.79
C VAL H 18 53.08 62.39 2.41
N CYS H 19 52.65 61.33 1.66
CA CYS H 19 53.55 60.24 1.22
C CYS H 19 53.16 59.58 -0.10
N GLY H 20 53.32 60.32 -1.18
CA GLY H 20 53.11 59.79 -2.52
C GLY H 20 54.35 59.01 -2.89
N GLU H 21 54.19 57.76 -3.36
CA GLU H 21 55.31 56.88 -3.74
C GLU H 21 56.02 56.24 -2.54
N ARG H 22 55.86 56.82 -1.33
CA ARG H 22 56.44 56.26 -0.10
C ARG H 22 55.54 55.16 0.37
N GLY H 23 54.24 55.44 0.33
CA GLY H 23 53.20 54.51 0.72
C GLY H 23 52.83 54.52 2.19
N PHE H 24 51.92 53.63 2.55
CA PHE H 24 51.41 53.50 3.90
C PHE H 24 52.06 52.41 4.67
N PHE H 25 52.06 52.57 5.96
CA PHE H 25 52.61 51.59 6.86
C PHE H 25 51.56 50.52 7.19
N TYR H 26 52.03 49.29 7.55
CA TYR H 26 51.30 48.08 8.02
C TYR H 26 52.26 47.11 8.72
N THR H 27 51.75 46.24 9.58
CA THR H 27 52.55 45.29 10.36
C THR H 27 53.10 44.12 9.50
N GLN I 1 27.49 3.58 -10.00
CA GLN I 1 27.75 2.23 -10.52
C GLN I 1 28.73 1.53 -9.56
N VAL I 2 28.66 1.88 -8.23
CA VAL I 2 29.47 1.39 -7.12
C VAL I 2 29.40 -0.10 -6.94
N GLN I 3 30.56 -0.76 -6.99
CA GLN I 3 30.72 -2.20 -6.83
C GLN I 3 31.87 -2.51 -5.90
N LEU I 4 31.76 -3.62 -5.16
CA LEU I 4 32.75 -4.18 -4.24
C LEU I 4 32.66 -5.70 -4.42
N LYS I 5 33.83 -6.36 -4.64
CA LYS I 5 33.88 -7.78 -4.90
C LYS I 5 35.04 -8.44 -4.17
N GLU I 6 34.70 -9.39 -3.26
CA GLU I 6 35.65 -10.17 -2.46
C GLU I 6 36.04 -11.44 -3.26
N SER I 7 37.38 -11.71 -3.28
CA SER I 7 38.03 -12.86 -3.92
C SER I 7 38.83 -13.54 -2.80
N GLY I 8 38.42 -14.75 -2.42
CA GLY I 8 39.05 -15.45 -1.32
C GLY I 8 39.01 -16.94 -1.45
N PRO I 9 39.86 -17.65 -0.69
CA PRO I 9 39.84 -19.14 -0.75
C PRO I 9 38.64 -19.62 0.05
N GLY I 10 38.04 -20.73 -0.35
CA GLY I 10 36.83 -21.22 0.30
C GLY I 10 37.15 -22.04 1.52
N LEU I 11 38.31 -22.63 1.48
CA LEU I 11 38.83 -23.52 2.47
C LEU I 11 40.24 -23.15 2.87
N VAL I 12 40.45 -23.00 4.18
CA VAL I 12 41.76 -22.72 4.77
C VAL I 12 42.03 -23.76 5.85
N ALA I 13 43.27 -24.24 5.94
CA ALA I 13 43.65 -25.19 6.97
C ALA I 13 43.84 -24.37 8.25
N PRO I 14 43.46 -24.87 9.46
CA PRO I 14 43.69 -24.09 10.69
C PRO I 14 45.17 -23.87 10.93
N SER I 15 45.52 -22.74 11.56
CA SER I 15 46.86 -22.24 11.86
C SER I 15 47.47 -21.47 10.68
N GLN I 16 46.93 -21.67 9.45
CA GLN I 16 47.33 -20.97 8.20
C GLN I 16 46.74 -19.57 8.15
N SER I 17 47.23 -18.77 7.19
CA SER I 17 46.79 -17.39 6.99
C SER I 17 45.80 -17.24 5.85
N LEU I 18 44.77 -16.39 6.07
CA LEU I 18 43.68 -16.09 5.13
C LEU I 18 43.95 -14.76 4.47
N SER I 19 43.82 -14.72 3.13
CA SER I 19 44.03 -13.49 2.36
C SER I 19 42.88 -13.27 1.39
N ILE I 20 42.14 -12.14 1.60
CA ILE I 20 40.99 -11.72 0.76
C ILE I 20 41.30 -10.39 0.07
N THR I 21 40.89 -10.26 -1.21
CA THR I 21 41.05 -9.07 -2.02
C THR I 21 39.69 -8.53 -2.37
N CYS I 22 39.46 -7.32 -1.92
CA CYS I 22 38.23 -6.62 -2.22
C CYS I 22 38.57 -5.68 -3.37
N THR I 23 37.96 -5.91 -4.55
CA THR I 23 38.19 -5.06 -5.70
C THR I 23 36.95 -4.21 -5.87
N VAL I 24 37.17 -2.91 -5.73
CA VAL I 24 36.17 -1.88 -5.81
C VAL I 24 36.12 -1.24 -7.22
N SER I 25 34.97 -0.66 -7.54
CA SER I 25 34.72 0.01 -8.81
C SER I 25 33.72 1.11 -8.56
N GLY I 26 33.83 2.13 -9.41
CA GLY I 26 32.93 3.27 -9.46
C GLY I 26 33.13 4.31 -8.41
N PHE I 27 34.27 4.27 -7.68
CA PHE I 27 34.64 5.29 -6.68
C PHE I 27 36.15 5.26 -6.38
N PRO I 28 36.76 6.36 -5.84
CA PRO I 28 38.20 6.33 -5.51
C PRO I 28 38.48 5.89 -4.08
N LEU I 29 39.41 4.95 -3.92
CA LEU I 29 39.80 4.45 -2.61
C LEU I 29 40.52 5.52 -1.76
N THR I 30 40.95 6.63 -2.40
CA THR I 30 41.64 7.76 -1.72
C THR I 30 40.67 8.69 -0.98
N ALA I 31 39.35 8.66 -1.33
CA ALA I 31 38.31 9.52 -0.77
C ALA I 31 37.37 8.76 0.15
N TYR I 32 37.25 7.40 -0.06
CA TYR I 32 36.40 6.49 0.72
C TYR I 32 37.17 5.48 1.58
N GLY I 33 36.52 5.05 2.67
CA GLY I 33 37.01 4.03 3.58
C GLY I 33 36.47 2.68 3.17
N VAL I 34 37.12 1.59 3.57
CA VAL I 34 36.65 0.23 3.25
C VAL I 34 36.80 -0.61 4.51
N ASN I 35 35.71 -1.30 4.84
CA ASN I 35 35.57 -2.13 6.03
C ASN I 35 35.56 -3.57 5.71
N TRP I 36 35.88 -4.38 6.73
CA TRP I 36 35.75 -5.82 6.68
C TRP I 36 34.83 -6.14 7.83
N VAL I 37 33.76 -6.87 7.51
CA VAL I 37 32.73 -7.34 8.44
C VAL I 37 32.54 -8.82 8.12
N ARG I 38 32.63 -9.70 9.13
CA ARG I 38 32.43 -11.13 8.94
C ARG I 38 31.16 -11.62 9.64
N GLN I 39 30.66 -12.78 9.17
CA GLN I 39 29.45 -13.32 9.72
C GLN I 39 29.45 -14.84 9.79
N PRO I 40 29.70 -15.34 11.03
CA PRO I 40 29.68 -16.80 11.27
C PRO I 40 28.35 -17.41 10.92
N PRO I 41 28.32 -18.70 10.56
CA PRO I 41 27.03 -19.33 10.19
C PRO I 41 25.94 -19.24 11.25
N GLY I 42 24.85 -18.57 10.90
CA GLY I 42 23.71 -18.37 11.78
C GLY I 42 23.98 -17.43 12.94
N LYS I 43 25.01 -16.58 12.81
CA LYS I 43 25.37 -15.60 13.83
C LYS I 43 25.35 -14.20 13.25
N GLY I 44 25.58 -13.20 14.08
CA GLY I 44 25.54 -11.81 13.67
C GLY I 44 26.79 -11.25 13.02
N LEU I 45 26.69 -9.97 12.60
CA LEU I 45 27.80 -9.25 11.98
C LEU I 45 28.80 -8.81 13.01
N GLU I 46 30.08 -8.96 12.66
CA GLU I 46 31.24 -8.65 13.47
C GLU I 46 32.15 -7.73 12.68
N TRP I 47 32.33 -6.48 13.16
CA TRP I 47 33.24 -5.56 12.49
C TRP I 47 34.70 -5.99 12.75
N LEU I 48 35.46 -6.20 11.67
CA LEU I 48 36.86 -6.61 11.79
C LEU I 48 37.79 -5.40 11.81
N GLY I 49 37.73 -4.58 10.78
CA GLY I 49 38.56 -3.40 10.67
C GLY I 49 38.14 -2.48 9.54
N MET I 50 38.89 -1.38 9.39
CA MET I 50 38.66 -0.35 8.37
C MET I 50 39.98 0.33 7.94
N ILE I 51 40.01 0.80 6.68
CA ILE I 51 41.13 1.54 6.10
C ILE I 51 40.60 2.81 5.40
N TRP I 52 40.93 3.96 6.01
CA TRP I 52 40.58 5.31 5.57
C TRP I 52 41.27 5.71 4.27
N GLY I 53 40.76 6.73 3.59
CA GLY I 53 41.34 7.19 2.33
C GLY I 53 42.82 7.50 2.46
N ASP I 54 43.19 8.17 3.57
CA ASP I 54 44.57 8.55 3.90
C ASP I 54 45.45 7.37 4.35
N GLY I 55 45.02 6.12 4.11
CA GLY I 55 45.75 4.90 4.44
C GLY I 55 45.73 4.42 5.87
N ASN I 56 45.12 5.19 6.79
CA ASN I 56 45.06 4.86 8.21
C ASN I 56 44.22 3.64 8.47
N THR I 57 44.68 2.76 9.37
CA THR I 57 43.94 1.54 9.72
C THR I 57 43.44 1.49 11.14
N ASP I 58 42.25 0.92 11.28
CA ASP I 58 41.54 0.70 12.53
C ASP I 58 41.09 -0.76 12.61
N TYR I 59 41.47 -1.48 13.68
CA TYR I 59 41.14 -2.90 13.88
C TYR I 59 40.30 -3.14 15.14
N ASN I 60 39.52 -4.24 15.13
CA ASN I 60 38.72 -4.74 16.25
C ASN I 60 39.74 -5.17 17.30
N SER I 61 39.66 -4.58 18.49
CA SER I 61 40.60 -4.81 19.58
C SER I 61 40.79 -6.28 19.94
N ALA I 62 39.72 -7.09 19.81
CA ALA I 62 39.75 -8.52 20.08
C ALA I 62 40.66 -9.29 19.09
N LEU I 63 40.61 -8.90 17.81
CA LEU I 63 41.34 -9.54 16.72
C LEU I 63 42.57 -8.78 16.18
N LYS I 64 42.85 -7.54 16.66
CA LYS I 64 43.95 -6.67 16.23
C LYS I 64 45.30 -7.40 16.08
N SER I 65 45.57 -8.27 17.05
CA SER I 65 46.75 -9.12 17.15
C SER I 65 47.03 -9.98 15.89
N ARG I 66 45.97 -10.36 15.15
CA ARG I 66 46.02 -11.26 13.98
C ARG I 66 45.57 -10.67 12.63
N LEU I 67 45.08 -9.43 12.63
CA LEU I 67 44.58 -8.74 11.44
C LEU I 67 45.54 -7.77 10.78
N SER I 68 45.41 -7.65 9.44
CA SER I 68 46.19 -6.70 8.64
C SER I 68 45.36 -6.25 7.46
N ILE I 69 45.18 -4.89 7.34
CA ILE I 69 44.42 -4.28 6.25
C ILE I 69 45.32 -3.35 5.49
N SER I 70 45.41 -3.51 4.19
CA SER I 70 46.27 -2.74 3.29
C SER I 70 45.49 -2.47 2.02
N LYS I 71 46.05 -1.66 1.10
CA LYS I 71 45.39 -1.37 -0.17
C LYS I 71 46.33 -0.87 -1.26
N ASP I 72 45.83 -0.87 -2.51
CA ASP I 72 46.50 -0.33 -3.69
C ASP I 72 45.48 0.50 -4.41
N ASN I 73 45.46 1.79 -4.13
CA ASN I 73 44.56 2.79 -4.70
C ASN I 73 44.54 2.74 -6.22
N SER I 74 45.74 2.61 -6.86
CA SER I 74 45.88 2.58 -8.32
C SER I 74 45.22 1.37 -8.94
N LYS I 75 45.25 0.23 -8.23
CA LYS I 75 44.67 -1.03 -8.65
C LYS I 75 43.21 -1.16 -8.15
N SER I 76 42.80 -0.18 -7.32
CA SER I 76 41.47 -0.09 -6.71
C SER I 76 41.16 -1.35 -5.89
N GLN I 77 42.13 -1.79 -5.07
CA GLN I 77 41.95 -3.00 -4.28
C GLN I 77 42.34 -2.80 -2.83
N VAL I 78 41.66 -3.53 -1.95
CA VAL I 78 41.90 -3.54 -0.52
C VAL I 78 42.19 -4.98 -0.14
N PHE I 79 43.09 -5.22 0.79
CA PHE I 79 43.47 -6.56 1.17
C PHE I 79 43.36 -6.80 2.65
N LEU I 80 42.65 -7.84 3.02
CA LEU I 80 42.58 -8.30 4.40
C LEU I 80 43.49 -9.52 4.49
N LYS I 81 44.23 -9.65 5.60
CA LYS I 81 45.09 -10.78 5.88
C LYS I 81 44.93 -11.16 7.36
N MET I 82 44.50 -12.39 7.62
CA MET I 82 44.29 -12.88 8.99
C MET I 82 45.16 -14.13 9.29
N ASN I 83 45.94 -14.08 10.38
CA ASN I 83 46.87 -15.14 10.80
C ASN I 83 46.31 -16.12 11.79
N SER I 84 46.97 -17.31 11.85
CA SER I 84 46.70 -18.45 12.73
C SER I 84 45.21 -18.66 13.01
N LEU I 85 44.46 -18.98 11.95
CA LEU I 85 43.02 -19.16 11.97
C LEU I 85 42.61 -20.38 12.77
N GLN I 86 41.45 -20.29 13.42
CA GLN I 86 40.84 -21.36 14.21
C GLN I 86 39.45 -21.63 13.61
N THR I 87 38.73 -22.62 14.14
CA THR I 87 37.39 -23.00 13.66
C THR I 87 36.35 -21.89 13.85
N ASP I 88 36.52 -21.08 14.90
CA ASP I 88 35.63 -19.95 15.20
C ASP I 88 35.81 -18.80 14.21
N ASP I 89 36.80 -18.92 13.29
CA ASP I 89 37.03 -17.91 12.25
C ASP I 89 36.24 -18.23 10.97
N THR I 90 35.56 -19.41 10.94
CA THR I 90 34.71 -19.80 9.81
C THR I 90 33.52 -18.83 9.77
N ALA I 91 33.44 -18.05 8.67
CA ALA I 91 32.44 -17.03 8.45
C ALA I 91 32.39 -16.55 6.98
N ARG I 92 31.39 -15.69 6.63
CA ARG I 92 31.29 -15.05 5.31
C ARG I 92 31.91 -13.68 5.52
N TYR I 93 32.91 -13.35 4.73
CA TYR I 93 33.59 -12.07 4.86
C TYR I 93 33.10 -11.09 3.82
N TYR I 94 32.61 -9.93 4.29
CA TYR I 94 32.15 -8.86 3.42
C TYR I 94 33.05 -7.64 3.57
N CYS I 95 33.27 -6.94 2.47
CA CYS I 95 33.95 -5.66 2.45
C CYS I 95 32.81 -4.66 2.06
N ALA I 96 32.76 -3.49 2.74
CA ALA I 96 31.74 -2.47 2.49
C ALA I 96 32.38 -1.09 2.44
N ARG I 97 31.77 -0.15 1.67
CA ARG I 97 32.33 1.20 1.51
C ARG I 97 31.94 2.08 2.67
N ASP I 98 32.89 2.89 3.15
CA ASP I 98 32.61 3.82 4.22
C ASP I 98 32.71 5.24 3.72
N PRO I 99 31.58 5.89 3.38
CA PRO I 99 31.64 7.32 3.02
C PRO I 99 31.72 8.13 4.34
N TYR I 100 32.86 7.98 5.05
CA TYR I 100 33.11 8.58 6.36
C TYR I 100 32.94 10.07 6.37
N GLY I 101 32.07 10.54 7.28
CA GLY I 101 31.77 11.96 7.42
C GLY I 101 30.42 12.31 6.83
N SER I 102 29.85 11.39 6.04
CA SER I 102 28.56 11.62 5.39
C SER I 102 27.56 10.46 5.71
N LYS I 103 28.00 9.20 5.49
CA LYS I 103 27.21 7.99 5.72
C LYS I 103 28.03 6.84 6.38
N PRO I 104 27.31 5.86 7.00
CA PRO I 104 28.02 4.65 7.49
C PRO I 104 28.19 3.70 6.31
N MET I 105 28.72 2.47 6.52
CA MET I 105 28.83 1.51 5.42
C MET I 105 27.58 1.50 4.51
N ASP I 106 27.69 1.95 3.26
CA ASP I 106 26.52 1.95 2.41
C ASP I 106 26.46 0.76 1.46
N TYR I 107 27.45 0.62 0.55
CA TYR I 107 27.51 -0.47 -0.43
C TYR I 107 28.29 -1.62 0.11
N TRP I 108 27.74 -2.84 0.01
CA TRP I 108 28.42 -4.04 0.47
C TRP I 108 28.74 -4.98 -0.67
N GLY I 109 29.73 -5.85 -0.46
CA GLY I 109 30.09 -6.90 -1.41
C GLY I 109 29.13 -8.06 -1.21
N GLN I 110 29.09 -9.04 -2.13
CA GLN I 110 28.14 -10.12 -1.89
C GLN I 110 28.65 -11.09 -0.79
N GLY I 111 29.94 -11.09 -0.55
CA GLY I 111 30.58 -11.88 0.48
C GLY I 111 31.55 -12.87 -0.11
N THR I 112 32.23 -13.60 0.78
CA THR I 112 33.12 -14.71 0.45
C THR I 112 33.03 -15.71 1.59
N SER I 113 32.59 -16.95 1.27
CA SER I 113 32.46 -18.00 2.28
C SER I 113 33.83 -18.58 2.50
N VAL I 114 34.26 -18.53 3.78
CA VAL I 114 35.55 -19.01 4.25
C VAL I 114 35.32 -20.06 5.34
N THR I 115 35.82 -21.29 5.08
CA THR I 115 35.70 -22.41 5.99
C THR I 115 37.08 -22.87 6.47
N VAL I 116 37.20 -23.10 7.79
CA VAL I 116 38.41 -23.57 8.45
C VAL I 116 38.15 -25.01 8.93
N SER I 117 39.01 -26.01 8.51
CA SER I 117 38.85 -27.43 8.85
C SER I 117 40.07 -28.33 8.58
N SER J 3 37.91 2.75 25.52
CA SER J 3 37.38 1.39 25.44
C SER J 3 36.19 1.30 24.49
N ASP J 4 36.23 0.28 23.59
CA ASP J 4 35.27 -0.05 22.54
C ASP J 4 33.81 0.02 22.98
N ILE J 5 32.93 0.55 22.09
CA ILE J 5 31.50 0.71 22.35
C ILE J 5 30.77 -0.62 22.24
N VAL J 6 29.87 -0.91 23.21
CA VAL J 6 29.08 -2.14 23.20
C VAL J 6 27.63 -1.85 22.78
N MET J 7 27.15 -2.61 21.79
CA MET J 7 25.79 -2.49 21.22
C MET J 7 24.92 -3.66 21.61
N SER J 8 23.69 -3.38 22.02
CA SER J 8 22.78 -4.45 22.42
C SER J 8 21.39 -4.23 21.86
N GLN J 9 20.74 -5.31 21.37
CA GLN J 9 19.39 -5.22 20.81
C GLN J 9 18.33 -6.08 21.52
N SER J 10 17.07 -5.62 21.48
CA SER J 10 15.92 -6.30 22.08
C SER J 10 14.64 -6.06 21.26
N PRO J 11 13.84 -7.12 21.00
CA PRO J 11 14.05 -8.54 21.34
C PRO J 11 15.05 -9.20 20.41
N SER J 12 15.46 -10.43 20.73
CA SER J 12 16.35 -11.22 19.91
C SER J 12 15.61 -11.64 18.64
N SER J 13 14.30 -11.88 18.79
CA SER J 13 13.38 -12.33 17.74
C SER J 13 11.97 -11.86 18.01
N LEU J 14 11.25 -11.67 16.90
CA LEU J 14 9.90 -11.17 16.85
C LEU J 14 9.08 -11.95 15.84
N VAL J 15 7.78 -12.14 16.12
CA VAL J 15 6.88 -12.79 15.17
C VAL J 15 5.63 -11.91 15.09
N VAL J 16 5.35 -11.34 13.91
CA VAL J 16 4.20 -10.44 13.72
C VAL J 16 3.33 -10.81 12.49
N SER J 17 2.10 -10.29 12.41
CA SER J 17 1.23 -10.54 11.26
C SER J 17 1.40 -9.42 10.22
N VAL J 18 1.03 -9.69 8.96
CA VAL J 18 1.18 -8.70 7.87
C VAL J 18 0.28 -7.50 8.13
N GLY J 19 0.83 -6.29 7.93
CA GLY J 19 0.11 -5.03 8.10
C GLY J 19 0.09 -4.43 9.49
N GLU J 20 0.70 -5.11 10.47
CA GLU J 20 0.80 -4.62 11.86
C GLU J 20 2.02 -3.69 12.05
N LYS J 21 2.05 -2.94 13.17
CA LYS J 21 3.16 -2.06 13.49
C LYS J 21 4.18 -2.89 14.27
N VAL J 22 5.46 -2.57 14.12
CA VAL J 22 6.57 -3.27 14.78
C VAL J 22 7.62 -2.27 15.28
N THR J 23 8.08 -2.44 16.53
CA THR J 23 9.10 -1.59 17.12
C THR J 23 10.16 -2.43 17.84
N MET J 24 11.41 -2.30 17.41
CA MET J 24 12.57 -2.97 18.01
C MET J 24 13.54 -1.90 18.54
N SER J 25 14.40 -2.25 19.51
CA SER J 25 15.29 -1.28 20.10
C SER J 25 16.79 -1.64 20.06
N CYS J 26 17.66 -0.60 20.18
CA CYS J 26 19.14 -0.63 20.16
C CYS J 26 19.69 0.22 21.32
N LYS J 27 20.63 -0.34 22.11
CA LYS J 27 21.25 0.36 23.24
C LYS J 27 22.74 0.39 23.08
N SER J 28 23.34 1.55 23.36
CA SER J 28 24.78 1.77 23.26
C SER J 28 25.39 2.05 24.64
N SER J 29 26.60 1.52 24.92
CA SER J 29 27.28 1.71 26.22
C SER J 29 27.58 3.18 26.53
N GLN J 30 27.82 3.98 25.47
CA GLN J 30 28.16 5.41 25.53
C GLN J 30 27.24 6.21 24.63
N SER J 31 27.16 7.53 24.84
CA SER J 31 26.35 8.37 23.96
C SER J 31 27.03 8.51 22.60
N LEU J 32 26.23 8.31 21.53
CA LEU J 32 26.61 8.41 20.12
C LEU J 32 26.23 9.80 19.54
N LEU J 33 25.86 10.73 20.41
CA LEU J 33 25.49 12.08 20.03
C LEU J 33 26.72 12.98 19.94
N TYR J 34 27.06 13.37 18.69
CA TYR J 34 28.18 14.22 18.33
C TYR J 34 27.86 15.65 18.66
N SER J 35 28.66 16.27 19.54
CA SER J 35 28.48 17.66 19.97
C SER J 35 28.46 18.63 18.79
N SER J 36 29.46 18.49 17.90
CA SER J 36 29.68 19.28 16.69
C SER J 36 28.42 19.56 15.90
N ASN J 37 27.60 18.51 15.61
CA ASN J 37 26.38 18.71 14.81
C ASN J 37 25.04 18.31 15.48
N GLN J 38 25.08 17.82 16.73
CA GLN J 38 23.90 17.41 17.49
C GLN J 38 23.08 16.31 16.76
N LYS J 39 23.86 15.37 16.16
CA LYS J 39 23.41 14.20 15.43
C LYS J 39 23.98 12.93 16.06
N ASN J 40 23.26 11.81 15.90
CA ASN J 40 23.66 10.55 16.48
C ASN J 40 24.32 9.65 15.45
N PHE J 41 25.55 9.15 15.75
CA PHE J 41 26.31 8.26 14.87
C PHE J 41 25.77 6.84 14.94
N LEU J 42 24.47 6.67 14.61
CA LEU J 42 23.82 5.38 14.62
C LEU J 42 23.09 5.06 13.33
N ALA J 43 23.19 3.79 12.92
CA ALA J 43 22.60 3.25 11.71
C ALA J 43 21.83 2.00 11.99
N TRP J 44 21.00 1.63 11.02
CA TRP J 44 20.17 0.42 11.00
C TRP J 44 20.34 -0.22 9.66
N TYR J 45 20.66 -1.52 9.68
CA TYR J 45 20.79 -2.33 8.47
C TYR J 45 19.73 -3.38 8.47
N GLN J 46 19.25 -3.74 7.27
CA GLN J 46 18.28 -4.81 7.05
C GLN J 46 18.98 -5.87 6.24
N GLN J 47 18.98 -7.08 6.75
CA GLN J 47 19.60 -8.13 6.01
C GLN J 47 18.57 -9.22 5.72
N LYS J 48 18.15 -9.28 4.46
CA LYS J 48 17.20 -10.26 3.98
C LYS J 48 17.89 -11.62 3.88
N PRO J 49 17.13 -12.73 4.02
CA PRO J 49 17.75 -14.05 3.96
C PRO J 49 18.43 -14.32 2.63
N GLY J 50 19.68 -14.75 2.69
CA GLY J 50 20.46 -15.09 1.52
C GLY J 50 20.91 -13.90 0.70
N GLN J 51 20.97 -12.68 1.35
CA GLN J 51 21.44 -11.43 0.73
C GLN J 51 22.24 -10.62 1.71
N SER J 52 23.24 -9.81 1.21
CA SER J 52 24.11 -9.00 2.08
C SER J 52 23.35 -7.84 2.73
N PRO J 53 23.84 -7.21 3.83
CA PRO J 53 23.08 -6.14 4.48
C PRO J 53 22.85 -4.92 3.60
N LYS J 54 21.77 -4.18 3.92
CA LYS J 54 21.31 -2.97 3.25
C LYS J 54 21.13 -1.87 4.30
N LEU J 55 21.61 -0.65 4.02
CA LEU J 55 21.43 0.46 4.95
C LEU J 55 20.03 0.96 4.86
N LEU J 56 19.39 1.11 6.03
CA LEU J 56 18.02 1.61 6.11
C LEU J 56 18.05 3.00 6.58
N ILE J 57 18.68 3.23 7.75
CA ILE J 57 18.76 4.53 8.45
C ILE J 57 20.20 4.90 8.87
N TYR J 58 20.52 6.20 8.84
CA TYR J 58 21.76 6.74 9.37
C TYR J 58 21.45 8.02 10.11
N TRP J 59 22.38 8.50 10.95
CA TRP J 59 22.10 9.69 11.77
C TRP J 59 20.89 9.44 12.67
N ALA J 60 20.66 8.16 13.00
CA ALA J 60 19.59 7.59 13.82
C ALA J 60 18.18 7.78 13.26
N SER J 61 17.93 8.82 12.41
CA SER J 61 16.61 9.13 11.87
C SER J 61 16.57 9.46 10.37
N THR J 62 17.73 9.59 9.70
CA THR J 62 17.73 9.90 8.27
C THR J 62 17.58 8.64 7.47
N ARG J 63 16.55 8.62 6.64
CA ARG J 63 16.20 7.51 5.77
C ARG J 63 17.14 7.51 4.57
N GLU J 64 17.71 6.32 4.24
CA GLU J 64 18.60 6.17 3.10
C GLU J 64 17.80 6.22 1.82
N SER J 65 18.42 6.66 0.71
CA SER J 65 17.72 6.73 -0.57
C SER J 65 17.21 5.33 -1.01
N GLY J 66 15.98 5.27 -1.48
CA GLY J 66 15.36 4.01 -1.87
C GLY J 66 14.79 3.21 -0.71
N VAL J 67 14.57 3.87 0.45
CA VAL J 67 14.02 3.21 1.63
C VAL J 67 12.55 3.64 1.82
N PRO J 68 11.61 2.64 1.87
CA PRO J 68 10.19 2.92 2.06
C PRO J 68 9.89 3.77 3.29
N ASP J 69 8.83 4.57 3.19
CA ASP J 69 8.36 5.45 4.24
C ASP J 69 7.94 4.73 5.52
N ARG J 70 7.61 3.43 5.41
CA ARG J 70 7.16 2.64 6.57
C ARG J 70 8.28 2.42 7.60
N PHE J 71 9.55 2.57 7.21
CA PHE J 71 10.71 2.47 8.09
C PHE J 71 11.03 3.84 8.72
N THR J 72 10.97 3.91 10.07
CA THR J 72 11.21 5.14 10.85
C THR J 72 12.17 4.85 11.98
N GLY J 73 13.27 5.61 12.00
CA GLY J 73 14.29 5.55 13.05
C GLY J 73 14.08 6.70 14.01
N SER J 74 14.20 6.41 15.32
CA SER J 74 14.07 7.42 16.37
C SER J 74 15.08 7.19 17.52
N GLY J 75 14.97 8.02 18.57
CA GLY J 75 15.84 7.97 19.73
C GLY J 75 17.07 8.84 19.60
N SER J 76 17.79 9.04 20.73
CA SER J 76 19.02 9.84 20.80
C SER J 76 19.92 9.38 21.95
N GLY J 77 21.24 9.58 21.78
CA GLY J 77 22.26 9.25 22.75
C GLY J 77 22.61 7.78 22.85
N THR J 78 21.90 7.04 23.73
CA THR J 78 22.15 5.63 23.99
C THR J 78 20.95 4.73 23.73
N ASP J 79 19.75 5.32 23.63
CA ASP J 79 18.53 4.54 23.39
C ASP J 79 17.93 4.87 22.05
N PHE J 80 17.75 3.85 21.22
CA PHE J 80 17.24 4.03 19.87
C PHE J 80 16.25 2.95 19.56
N THR J 81 15.32 3.24 18.65
CA THR J 81 14.30 2.30 18.20
C THR J 81 14.12 2.37 16.69
N LEU J 82 13.69 1.26 16.11
CA LEU J 82 13.34 1.19 14.70
C LEU J 82 11.85 0.84 14.65
N THR J 83 11.08 1.52 13.79
CA THR J 83 9.64 1.28 13.64
C THR J 83 9.24 0.97 12.19
N ILE J 84 8.41 -0.06 12.01
CA ILE J 84 7.83 -0.45 10.72
C ILE J 84 6.35 -0.28 10.89
N SER J 85 5.77 0.71 10.20
CA SER J 85 4.35 1.01 10.33
C SER J 85 3.43 -0.10 9.80
N SER J 86 3.56 -0.45 8.52
CA SER J 86 2.72 -1.48 7.92
C SER J 86 3.62 -2.56 7.40
N VAL J 87 3.93 -3.54 8.26
CA VAL J 87 4.79 -4.69 7.96
C VAL J 87 4.32 -5.42 6.73
N LYS J 88 5.25 -5.66 5.81
CA LYS J 88 5.01 -6.39 4.57
C LYS J 88 5.72 -7.76 4.60
N ALA J 89 5.31 -8.67 3.72
CA ALA J 89 5.95 -9.98 3.70
C ALA J 89 7.45 -9.84 3.41
N GLU J 90 7.82 -8.91 2.50
CA GLU J 90 9.20 -8.68 2.08
C GLU J 90 10.10 -8.12 3.20
N ASP J 91 9.50 -7.70 4.34
CA ASP J 91 10.22 -7.15 5.49
C ASP J 91 10.85 -8.25 6.36
N LEU J 92 10.63 -9.52 6.00
CA LEU J 92 11.26 -10.66 6.66
C LEU J 92 12.75 -10.51 6.46
N ALA J 93 13.48 -10.26 7.59
CA ALA J 93 14.93 -10.01 7.64
C ALA J 93 15.44 -9.91 9.08
N VAL J 94 16.79 -9.78 9.22
CA VAL J 94 17.45 -9.57 10.52
C VAL J 94 17.91 -8.15 10.52
N TYR J 95 17.44 -7.41 11.52
CA TYR J 95 17.74 -6.00 11.67
C TYR J 95 18.87 -5.74 12.63
N TYR J 96 19.86 -4.99 12.17
CA TYR J 96 21.05 -4.70 12.96
C TYR J 96 21.22 -3.22 13.18
N CYS J 97 21.64 -2.86 14.38
CA CYS J 97 22.01 -1.50 14.60
C CYS J 97 23.51 -1.51 14.70
N GLN J 98 24.14 -0.43 14.24
CA GLN J 98 25.59 -0.27 14.25
C GLN J 98 25.95 1.12 14.71
N GLN J 99 26.96 1.25 15.58
CA GLN J 99 27.41 2.60 15.89
C GLN J 99 28.57 2.89 14.96
N TYR J 100 28.71 4.11 14.47
CA TYR J 100 29.83 4.33 13.58
C TYR J 100 30.53 5.59 13.99
N PHE J 101 30.55 5.82 15.33
CA PHE J 101 31.12 6.98 16.02
C PHE J 101 32.63 6.91 16.03
N ARG J 102 33.17 5.94 16.75
CA ARG J 102 34.60 5.64 16.78
C ARG J 102 34.67 4.11 16.58
N TYR J 103 35.29 3.75 15.43
CA TYR J 103 35.35 2.39 14.93
C TYR J 103 33.89 2.09 14.60
N ARG J 104 33.46 0.86 14.73
CA ARG J 104 32.10 0.44 14.47
C ARG J 104 31.86 -0.76 15.27
N THR J 105 30.64 -0.91 15.72
CA THR J 105 30.23 -2.06 16.50
C THR J 105 28.82 -2.34 16.06
N PHE J 106 28.54 -3.62 15.72
CA PHE J 106 27.21 -4.06 15.33
C PHE J 106 26.51 -4.72 16.49
N GLY J 107 25.20 -4.51 16.54
CA GLY J 107 24.31 -5.07 17.54
C GLY J 107 24.05 -6.54 17.30
N GLY J 108 23.51 -7.19 18.33
CA GLY J 108 23.20 -8.61 18.29
C GLY J 108 22.20 -9.02 17.23
N GLY J 109 21.41 -8.07 16.74
CA GLY J 109 20.39 -8.35 15.74
C GLY J 109 19.02 -8.67 16.31
N THR J 110 17.99 -8.50 15.47
CA THR J 110 16.61 -8.76 15.82
C THR J 110 16.00 -9.48 14.62
N LYS J 111 15.62 -10.76 14.80
CA LYS J 111 15.06 -11.56 13.72
C LYS J 111 13.57 -11.29 13.66
N LEU J 112 13.11 -10.74 12.53
CA LEU J 112 11.69 -10.46 12.35
C LEU J 112 11.01 -11.51 11.46
N GLU J 113 10.13 -12.31 12.05
CA GLU J 113 9.39 -13.33 11.32
C GLU J 113 7.95 -12.88 11.09
N ILE J 114 7.32 -13.39 10.03
CA ILE J 114 5.98 -13.02 9.63
C ILE J 114 5.02 -14.22 9.69
N LYS J 115 3.80 -13.99 10.22
CA LYS J 115 2.76 -15.01 10.26
C LYS J 115 2.12 -15.09 8.88
N PRO K 4 44.12 19.66 -5.08
CA PRO K 4 43.96 20.24 -6.41
C PRO K 4 44.46 21.70 -6.57
N GLY K 5 45.36 22.11 -5.67
CA GLY K 5 45.99 23.43 -5.63
C GLY K 5 46.64 23.66 -4.28
N GLU K 6 46.81 24.92 -3.86
CA GLU K 6 47.45 25.22 -2.57
C GLU K 6 46.58 26.01 -1.60
N VAL K 7 46.65 25.70 -0.31
CA VAL K 7 45.90 26.44 0.71
C VAL K 7 46.83 27.50 1.28
N CYS K 8 46.48 28.77 1.08
CA CYS K 8 47.32 29.88 1.53
C CYS K 8 46.72 30.63 2.67
N PRO K 9 47.54 31.39 3.43
CA PRO K 9 46.98 32.18 4.51
C PRO K 9 46.42 33.50 4.01
N GLY K 10 45.70 34.19 4.90
CA GLY K 10 45.13 35.50 4.64
C GLY K 10 46.20 36.52 4.36
N MET K 11 45.92 37.46 3.44
CA MET K 11 46.87 38.47 3.01
C MET K 11 46.36 39.88 2.92
N ASP K 12 47.25 40.84 3.19
CA ASP K 12 47.05 42.28 3.03
C ASP K 12 48.11 42.72 2.00
N ILE K 13 47.64 43.21 0.85
CA ILE K 13 48.50 43.64 -0.23
C ILE K 13 48.19 45.13 -0.48
N ARG K 14 49.19 45.99 -0.23
CA ARG K 14 49.07 47.44 -0.38
C ARG K 14 50.26 48.07 -1.07
N ASN K 15 50.13 49.37 -1.42
CA ASN K 15 51.12 50.27 -2.01
C ASN K 15 51.54 49.90 -3.45
N ASN K 16 52.04 48.65 -3.67
CA ASN K 16 52.48 48.16 -4.98
C ASN K 16 52.15 46.67 -5.17
N LEU K 17 52.04 46.29 -6.46
CA LEU K 17 51.65 44.95 -6.92
C LEU K 17 52.64 43.80 -6.74
N THR K 18 53.94 44.10 -6.50
CA THR K 18 54.98 43.07 -6.37
C THR K 18 54.54 41.88 -5.50
N ARG K 19 53.97 42.16 -4.32
CA ARG K 19 53.56 41.09 -3.39
C ARG K 19 52.36 40.28 -3.86
N LEU K 20 51.64 40.77 -4.87
CA LEU K 20 50.45 40.09 -5.39
C LEU K 20 50.75 38.72 -5.97
N HIS K 21 51.99 38.52 -6.44
CA HIS K 21 52.46 37.26 -7.03
C HIS K 21 52.55 36.15 -6.02
N GLU K 22 52.41 36.47 -4.72
CA GLU K 22 52.41 35.47 -3.66
C GLU K 22 51.15 34.58 -3.73
N LEU K 23 50.10 35.03 -4.45
CA LEU K 23 48.84 34.30 -4.63
C LEU K 23 48.91 33.29 -5.77
N GLU K 24 50.03 33.32 -6.53
CA GLU K 24 50.34 32.50 -7.70
C GLU K 24 49.71 31.09 -7.74
N ASN K 25 49.85 30.34 -6.64
CA ASN K 25 49.45 28.93 -6.57
C ASN K 25 48.25 28.60 -5.63
N CYS K 26 47.56 29.63 -5.10
CA CYS K 26 46.43 29.36 -4.19
C CYS K 26 45.19 28.96 -4.90
N SER K 27 44.53 27.92 -4.40
CA SER K 27 43.22 27.56 -4.88
C SER K 27 42.23 27.93 -3.79
N VAL K 28 42.71 28.01 -2.53
CA VAL K 28 41.93 28.39 -1.35
C VAL K 28 42.71 29.37 -0.49
N ILE K 29 42.08 30.49 -0.11
CA ILE K 29 42.68 31.42 0.84
C ILE K 29 42.00 31.18 2.17
N GLU K 30 42.75 30.58 3.09
CA GLU K 30 42.31 30.27 4.44
C GLU K 30 42.63 31.53 5.26
N GLY K 31 41.75 32.51 5.11
CA GLY K 31 41.85 33.83 5.73
C GLY K 31 41.14 34.86 4.87
N HIS K 32 41.54 36.10 4.97
CA HIS K 32 40.92 37.14 4.15
C HIS K 32 41.86 37.62 3.07
N LEU K 33 41.31 38.37 2.11
CA LEU K 33 42.10 38.97 1.05
C LEU K 33 41.81 40.46 0.97
N GLN K 34 42.80 41.28 1.34
CA GLN K 34 42.73 42.73 1.27
C GLN K 34 43.69 43.24 0.23
N ILE K 35 43.17 43.89 -0.81
CA ILE K 35 43.99 44.52 -1.86
C ILE K 35 43.58 45.98 -1.80
N LEU K 36 44.49 46.86 -1.35
CA LEU K 36 44.17 48.27 -1.09
C LEU K 36 45.34 49.25 -1.17
N LEU K 37 45.00 50.51 -1.43
CA LEU K 37 45.88 51.67 -1.44
C LEU K 37 47.00 51.58 -2.46
N MET K 38 46.61 51.40 -3.73
CA MET K 38 47.54 51.37 -4.84
C MET K 38 47.22 52.53 -5.76
N PHE K 39 47.91 53.64 -5.52
CA PHE K 39 47.62 54.89 -6.19
C PHE K 39 48.32 55.14 -7.52
N LYS K 40 49.45 54.45 -7.73
CA LYS K 40 50.25 54.67 -8.93
C LYS K 40 50.05 53.61 -10.00
N THR K 41 49.24 52.57 -9.70
CA THR K 41 48.91 51.50 -10.64
C THR K 41 48.02 51.99 -11.76
N ARG K 42 48.25 51.46 -12.97
CA ARG K 42 47.52 51.78 -14.20
C ARG K 42 47.04 50.46 -14.83
N PRO K 43 46.02 50.47 -15.73
CA PRO K 43 45.53 49.20 -16.33
C PRO K 43 46.61 48.27 -16.90
N GLU K 44 47.67 48.83 -17.52
CA GLU K 44 48.81 48.08 -18.11
C GLU K 44 49.49 47.19 -17.08
N ASP K 45 49.51 47.61 -15.80
CA ASP K 45 50.11 46.85 -14.70
C ASP K 45 49.32 45.58 -14.36
N PHE K 46 48.06 45.51 -14.79
CA PHE K 46 47.12 44.41 -14.56
C PHE K 46 46.84 43.54 -15.78
N ARG K 47 47.33 43.93 -16.97
CA ARG K 47 47.04 43.24 -18.24
C ARG K 47 47.35 41.72 -18.24
N ASP K 48 48.53 41.29 -17.70
CA ASP K 48 48.90 39.88 -17.63
C ASP K 48 48.81 39.29 -16.21
N LEU K 49 47.93 39.86 -15.39
CA LEU K 49 47.71 39.47 -14.01
C LEU K 49 46.40 38.71 -13.87
N SER K 50 46.51 37.45 -13.52
CA SER K 50 45.38 36.54 -13.40
C SER K 50 45.66 35.49 -12.35
N PHE K 51 44.63 35.15 -11.54
CA PHE K 51 44.71 34.11 -10.52
C PHE K 51 43.59 33.11 -10.75
N PRO K 52 43.72 32.26 -11.79
CA PRO K 52 42.62 31.34 -12.12
C PRO K 52 42.50 30.18 -11.16
N LYS K 53 43.56 29.95 -10.35
CA LYS K 53 43.58 28.87 -9.37
C LYS K 53 42.66 29.16 -8.20
N LEU K 54 42.48 30.44 -7.86
CA LEU K 54 41.64 30.85 -6.73
C LEU K 54 40.15 30.55 -6.95
N ILE K 55 39.64 29.68 -6.07
CA ILE K 55 38.28 29.16 -6.07
C ILE K 55 37.53 29.64 -4.85
N MET K 56 38.24 29.84 -3.74
CA MET K 56 37.57 30.19 -2.52
C MET K 56 38.37 31.01 -1.51
N ILE K 57 37.68 31.94 -0.83
CA ILE K 57 38.22 32.76 0.26
C ILE K 57 37.37 32.41 1.47
N THR K 58 37.98 31.90 2.54
CA THR K 58 37.24 31.46 3.72
C THR K 58 36.70 32.59 4.58
N ASP K 59 37.34 33.80 4.57
CA ASP K 59 36.87 34.95 5.36
C ASP K 59 36.17 35.98 4.46
N TYR K 60 36.85 37.10 4.12
CA TYR K 60 36.27 38.12 3.26
C TYR K 60 37.19 38.61 2.15
N LEU K 61 36.61 39.32 1.16
CA LEU K 61 37.38 39.97 0.11
C LEU K 61 37.14 41.48 0.22
N LEU K 62 38.22 42.25 0.45
CA LEU K 62 38.16 43.72 0.54
C LEU K 62 39.06 44.38 -0.52
N LEU K 63 38.48 45.31 -1.28
CA LEU K 63 39.16 46.07 -2.33
C LEU K 63 38.92 47.55 -2.10
N PHE K 64 40.00 48.29 -1.83
CA PHE K 64 39.92 49.70 -1.49
C PHE K 64 41.00 50.52 -2.18
N ARG K 65 40.61 51.58 -2.91
CA ARG K 65 41.55 52.50 -3.57
C ARG K 65 42.63 51.84 -4.40
N VAL K 66 42.22 50.91 -5.29
CA VAL K 66 43.14 50.25 -6.23
C VAL K 66 42.90 50.90 -7.61
N TYR K 67 43.83 51.79 -7.97
CA TYR K 67 43.77 52.55 -9.20
C TYR K 67 44.18 51.70 -10.38
N GLY K 68 43.54 51.92 -11.53
CA GLY K 68 43.84 51.18 -12.75
C GLY K 68 43.14 49.83 -12.91
N LEU K 69 42.50 49.35 -11.85
CA LEU K 69 41.76 48.08 -11.91
C LEU K 69 40.35 48.37 -12.39
N GLU K 70 40.00 47.84 -13.57
CA GLU K 70 38.71 48.11 -14.24
C GLU K 70 37.66 47.01 -14.10
N SER K 71 38.10 45.78 -13.82
CA SER K 71 37.26 44.61 -13.68
C SER K 71 38.02 43.57 -12.90
N LEU K 72 37.31 42.60 -12.35
CA LEU K 72 37.94 41.50 -11.62
C LEU K 72 37.86 40.22 -12.44
N LYS K 73 37.29 40.29 -13.67
CA LYS K 73 37.08 39.17 -14.59
C LYS K 73 38.37 38.41 -14.93
N ASP K 74 39.50 39.13 -14.96
CA ASP K 74 40.79 38.53 -15.26
C ASP K 74 41.56 38.19 -14.00
N LEU K 75 41.35 38.98 -12.94
CA LEU K 75 42.03 38.75 -11.69
C LEU K 75 41.56 37.50 -10.96
N PHE K 76 40.24 37.39 -10.74
CA PHE K 76 39.64 36.26 -10.02
C PHE K 76 38.52 35.60 -10.85
N PRO K 77 38.89 34.96 -11.98
CA PRO K 77 37.85 34.40 -12.86
C PRO K 77 37.10 33.21 -12.32
N ASN K 78 37.75 32.44 -11.43
CA ASN K 78 37.16 31.22 -10.89
C ASN K 78 36.80 31.29 -9.40
N LEU K 79 36.82 32.49 -8.82
CA LEU K 79 36.43 32.63 -7.42
C LEU K 79 34.95 32.31 -7.38
N THR K 80 34.60 31.23 -6.69
CA THR K 80 33.24 30.68 -6.64
C THR K 80 32.54 30.94 -5.32
N VAL K 81 33.27 30.83 -4.19
CA VAL K 81 32.70 30.98 -2.86
C VAL K 81 33.51 31.92 -1.98
N ILE K 82 32.80 32.80 -1.23
CA ILE K 82 33.36 33.60 -0.14
C ILE K 82 32.59 33.09 1.06
N ARG K 83 33.26 32.33 1.94
CA ARG K 83 32.61 31.67 3.08
C ARG K 83 32.19 32.59 4.20
N GLY K 84 32.94 33.68 4.39
CA GLY K 84 32.65 34.66 5.42
C GLY K 84 32.74 34.15 6.83
N SER K 85 33.71 33.25 7.14
CA SER K 85 33.94 32.69 8.49
C SER K 85 34.21 33.82 9.45
N ARG K 86 35.00 34.80 8.98
CA ARG K 86 35.34 36.02 9.68
C ARG K 86 35.05 37.14 8.69
N LEU K 87 34.35 38.20 9.16
CA LEU K 87 33.89 39.29 8.30
C LEU K 87 34.47 40.68 8.63
N PHE K 88 34.54 41.55 7.59
CA PHE K 88 34.96 42.93 7.74
C PHE K 88 33.72 43.82 7.93
N PHE K 89 33.46 44.27 9.17
CA PHE K 89 32.30 45.11 9.50
C PHE K 89 30.95 44.47 9.08
N ASN K 90 30.88 43.12 9.14
CA ASN K 90 29.77 42.22 8.83
C ASN K 90 29.59 41.95 7.32
N TYR K 91 30.64 42.27 6.54
CA TYR K 91 30.66 42.06 5.09
C TYR K 91 31.67 41.01 4.68
N ALA K 92 31.27 40.20 3.71
CA ALA K 92 32.15 39.21 3.13
C ALA K 92 32.74 39.77 1.81
N LEU K 93 32.09 40.80 1.24
CA LEU K 93 32.60 41.45 0.05
C LEU K 93 32.53 42.96 0.25
N VAL K 94 33.70 43.66 0.12
CA VAL K 94 33.81 45.11 0.29
C VAL K 94 34.52 45.72 -0.91
N ILE K 95 33.81 46.55 -1.69
CA ILE K 95 34.35 47.25 -2.86
C ILE K 95 34.12 48.70 -2.55
N PHE K 96 35.18 49.40 -2.11
CA PHE K 96 35.07 50.77 -1.66
C PHE K 96 36.10 51.68 -2.28
N GLU K 97 35.64 52.82 -2.79
CA GLU K 97 36.49 53.83 -3.42
C GLU K 97 37.46 53.20 -4.45
N MET K 98 36.92 52.29 -5.27
CA MET K 98 37.64 51.67 -6.38
C MET K 98 37.32 52.56 -7.60
N VAL K 99 38.10 53.62 -7.68
CA VAL K 99 37.96 54.74 -8.60
C VAL K 99 37.88 54.36 -10.09
N HIS K 100 38.49 53.25 -10.53
CA HIS K 100 38.48 52.93 -11.96
C HIS K 100 37.71 51.68 -12.32
N LEU K 101 37.15 51.00 -11.31
CA LEU K 101 36.38 49.77 -11.51
C LEU K 101 35.09 50.06 -12.26
N LYS K 102 34.95 49.42 -13.44
CA LYS K 102 33.81 49.57 -14.35
C LYS K 102 32.75 48.48 -14.16
N GLU K 103 33.17 47.31 -13.70
CA GLU K 103 32.29 46.17 -13.44
C GLU K 103 32.95 45.30 -12.36
N LEU K 104 32.19 44.36 -11.75
CA LEU K 104 32.82 43.42 -10.82
C LEU K 104 33.44 42.30 -11.67
N GLY K 105 32.61 41.63 -12.46
CA GLY K 105 33.05 40.55 -13.37
C GLY K 105 33.47 39.27 -12.69
N LEU K 106 33.03 39.03 -11.45
CA LEU K 106 33.32 37.79 -10.71
C LEU K 106 32.31 36.72 -11.17
N TYR K 107 32.27 36.45 -12.51
CA TYR K 107 31.29 35.58 -13.19
C TYR K 107 31.21 34.16 -12.66
N ASN K 108 32.12 33.76 -11.76
CA ASN K 108 32.05 32.44 -11.13
C ASN K 108 31.58 32.49 -9.64
N LEU K 109 31.28 33.68 -9.11
CA LEU K 109 30.85 33.80 -7.73
C LEU K 109 29.38 33.35 -7.57
N MET K 110 29.19 32.22 -6.90
CA MET K 110 27.86 31.61 -6.75
C MET K 110 27.28 31.73 -5.35
N ASN K 111 28.14 31.81 -4.35
CA ASN K 111 27.67 31.83 -2.98
C ASN K 111 28.61 32.59 -2.02
N ILE K 112 28.00 33.42 -1.19
CA ILE K 112 28.61 34.14 -0.08
C ILE K 112 27.89 33.53 1.09
N THR K 113 28.54 32.56 1.73
CA THR K 113 27.96 31.69 2.75
C THR K 113 27.52 32.41 4.02
N ARG K 114 28.20 33.52 4.38
CA ARG K 114 27.90 34.26 5.58
C ARG K 114 28.36 35.67 5.34
N GLY K 115 27.59 36.62 5.86
CA GLY K 115 27.89 38.04 5.72
C GLY K 115 27.20 38.68 4.55
N SER K 116 27.33 40.00 4.43
CA SER K 116 26.70 40.77 3.38
C SER K 116 27.69 41.42 2.41
N VAL K 117 27.17 42.24 1.50
CA VAL K 117 27.97 42.92 0.48
C VAL K 117 27.94 44.45 0.64
N ARG K 118 29.10 45.11 0.55
CA ARG K 118 29.18 46.57 0.61
C ARG K 118 29.93 47.06 -0.63
N ILE K 119 29.21 47.73 -1.55
CA ILE K 119 29.77 48.28 -2.78
C ILE K 119 29.39 49.73 -2.78
N GLU K 120 30.35 50.58 -2.45
CA GLU K 120 30.11 52.00 -2.25
C GLU K 120 31.21 52.91 -2.77
N LYS K 121 30.80 54.07 -3.33
CA LYS K 121 31.69 55.13 -3.79
C LYS K 121 32.64 54.69 -4.92
N ASN K 122 32.11 53.90 -5.87
CA ASN K 122 32.87 53.44 -7.05
C ASN K 122 32.26 54.13 -8.25
N ASN K 123 32.77 55.30 -8.55
CA ASN K 123 32.23 56.24 -9.54
C ASN K 123 32.19 55.72 -10.98
N GLU K 124 32.89 54.62 -11.30
CA GLU K 124 32.83 54.13 -12.67
C GLU K 124 32.07 52.82 -12.80
N LEU K 125 31.59 52.30 -11.66
CA LEU K 125 30.99 50.99 -11.51
C LEU K 125 29.59 50.81 -12.06
N CYS K 126 29.51 49.92 -13.04
CA CYS K 126 28.30 49.47 -13.70
C CYS K 126 28.16 47.97 -13.51
N TYR K 127 27.17 47.35 -14.19
CA TYR K 127 26.89 45.91 -14.12
C TYR K 127 26.65 45.45 -12.68
N LEU K 128 25.90 46.29 -11.93
CA LEU K 128 25.53 46.04 -10.54
C LEU K 128 24.05 45.68 -10.48
N ALA K 129 23.23 46.44 -11.26
CA ALA K 129 21.78 46.26 -11.38
C ALA K 129 21.45 44.93 -12.04
N THR K 130 22.40 44.39 -12.84
CA THR K 130 22.31 43.14 -13.58
C THR K 130 22.66 41.95 -12.71
N ILE K 131 23.08 42.18 -11.45
CA ILE K 131 23.41 41.08 -10.53
C ILE K 131 22.23 40.80 -9.62
N ASP K 132 21.76 39.55 -9.63
CA ASP K 132 20.71 39.09 -8.73
C ASP K 132 21.42 38.44 -7.55
N TRP K 133 21.68 39.26 -6.52
CA TRP K 133 22.35 38.83 -5.30
C TRP K 133 21.56 37.80 -4.51
N SER K 134 20.24 37.72 -4.68
CA SER K 134 19.40 36.74 -3.99
C SER K 134 19.81 35.29 -4.31
N ARG K 135 20.46 35.08 -5.46
CA ARG K 135 20.94 33.78 -5.89
C ARG K 135 22.32 33.45 -5.31
N ILE K 136 22.97 34.45 -4.68
CA ILE K 136 24.32 34.37 -4.09
C ILE K 136 24.30 34.41 -2.53
N LEU K 137 23.45 35.26 -1.92
CA LEU K 137 23.30 35.39 -0.47
C LEU K 137 21.87 35.15 -0.08
N ASP K 138 21.66 34.62 1.13
CA ASP K 138 20.31 34.50 1.65
C ASP K 138 19.85 35.87 2.17
N SER K 139 20.78 36.61 2.80
CA SER K 139 20.59 37.94 3.39
C SER K 139 21.06 39.08 2.47
N VAL K 140 20.13 39.61 1.67
CA VAL K 140 20.43 40.73 0.76
C VAL K 140 19.91 42.04 1.35
N GLU K 141 19.06 41.93 2.36
CA GLU K 141 18.44 43.06 3.04
C GLU K 141 19.53 43.91 3.70
N ASP K 142 20.67 43.26 4.08
CA ASP K 142 21.79 43.90 4.77
C ASP K 142 22.91 44.38 3.81
N ASN K 143 22.69 44.22 2.50
CA ASN K 143 23.63 44.71 1.47
C ASN K 143 23.59 46.22 1.43
N HIS K 144 24.74 46.84 1.22
CA HIS K 144 24.78 48.28 1.12
C HIS K 144 25.44 48.66 -0.18
N ILE K 145 24.62 48.86 -1.24
CA ILE K 145 25.13 49.13 -2.59
C ILE K 145 24.67 50.49 -3.06
N VAL K 146 25.49 51.50 -2.81
CA VAL K 146 25.14 52.90 -3.08
C VAL K 146 26.35 53.72 -3.58
N LEU K 147 26.06 54.93 -4.09
CA LEU K 147 27.05 55.90 -4.56
C LEU K 147 28.00 55.33 -5.64
N ASN K 148 27.44 54.57 -6.59
CA ASN K 148 28.19 54.02 -7.73
C ASN K 148 27.68 54.67 -9.02
N LYS K 149 28.37 54.49 -10.17
CA LYS K 149 27.96 55.11 -11.45
C LYS K 149 26.50 54.84 -11.74
N ASP K 150 26.03 53.60 -11.48
CA ASP K 150 24.65 53.15 -11.68
C ASP K 150 23.58 54.01 -10.94
N ASP K 151 23.96 54.65 -9.80
CA ASP K 151 23.08 55.53 -9.02
C ASP K 151 22.73 56.81 -9.77
N ASN K 152 23.56 57.21 -10.76
CA ASN K 152 23.30 58.35 -11.66
C ASN K 152 22.87 57.80 -13.04
N GLU K 153 22.45 56.48 -13.06
CA GLU K 153 21.98 55.61 -14.17
C GLU K 153 22.48 56.03 -15.55
N GLU K 154 23.79 56.15 -15.65
CA GLU K 154 24.49 56.45 -16.89
C GLU K 154 24.88 55.09 -17.47
N CYS K 155 24.52 53.99 -16.73
CA CYS K 155 24.91 52.66 -17.14
C CYS K 155 24.01 52.06 -18.20
N GLY K 156 24.63 51.74 -19.33
CA GLY K 156 23.97 51.05 -20.42
C GLY K 156 24.33 49.59 -20.26
N ASP K 157 23.83 48.97 -19.20
CA ASP K 157 24.17 47.57 -18.90
C ASP K 157 23.62 46.60 -19.94
N ILE K 158 24.43 46.33 -20.97
CA ILE K 158 24.02 45.45 -22.07
C ILE K 158 24.51 44.03 -21.81
N CYS K 159 23.58 43.10 -21.64
CA CYS K 159 23.92 41.72 -21.39
C CYS K 159 24.11 40.93 -22.69
N PRO K 160 24.90 39.81 -22.65
CA PRO K 160 25.05 38.99 -23.86
C PRO K 160 23.74 38.43 -24.41
N GLY K 161 23.68 38.32 -25.73
CA GLY K 161 22.50 37.86 -26.43
C GLY K 161 21.81 39.00 -27.15
N THR K 162 21.90 40.23 -26.57
CA THR K 162 21.31 41.45 -27.10
C THR K 162 21.98 41.85 -28.43
N ASN K 168 19.88 35.69 -24.74
CA ASN K 168 20.62 34.45 -24.45
C ASN K 168 21.12 34.39 -22.99
N CYS K 169 20.69 35.37 -22.19
CA CYS K 169 21.07 35.51 -20.78
C CYS K 169 19.89 35.13 -19.86
N PRO K 170 20.14 34.50 -18.67
CA PRO K 170 19.03 34.16 -17.75
C PRO K 170 18.33 35.41 -17.18
N ALA K 171 17.01 35.35 -16.96
CA ALA K 171 16.26 36.48 -16.42
C ALA K 171 15.50 36.12 -15.15
N THR K 172 15.64 36.97 -14.12
CA THR K 172 14.96 36.81 -12.83
C THR K 172 14.21 38.10 -12.45
N VAL K 173 13.34 38.01 -11.41
CA VAL K 173 12.54 39.12 -10.90
C VAL K 173 13.21 39.81 -9.71
N ILE K 174 13.12 41.16 -9.68
CA ILE K 174 13.52 42.05 -8.60
C ILE K 174 12.52 43.20 -8.61
N ASN K 175 11.72 43.26 -7.52
CA ASN K 175 10.67 44.26 -7.28
C ASN K 175 9.62 44.28 -8.43
N GLY K 176 9.19 43.08 -8.85
CA GLY K 176 8.19 42.87 -9.89
C GLY K 176 8.67 42.89 -11.33
N GLN K 177 9.90 43.41 -11.55
CA GLN K 177 10.50 43.53 -12.88
C GLN K 177 11.42 42.35 -13.24
N PHE K 178 11.12 41.68 -14.38
CA PHE K 178 11.92 40.58 -14.95
C PHE K 178 13.07 41.22 -15.70
N VAL K 179 14.30 40.87 -15.33
CA VAL K 179 15.51 41.47 -15.87
C VAL K 179 16.57 40.41 -16.16
N GLU K 180 17.26 40.52 -17.32
CA GLU K 180 18.34 39.60 -17.67
C GLU K 180 19.56 39.88 -16.77
N ARG K 181 20.22 38.80 -16.33
CA ARG K 181 21.29 38.86 -15.36
C ARG K 181 22.65 38.48 -15.87
N CYS K 182 23.59 39.40 -15.72
CA CYS K 182 24.95 39.23 -16.17
C CYS K 182 25.96 40.01 -15.34
N TRP K 183 27.23 39.62 -15.45
CA TRP K 183 28.38 40.21 -14.75
C TRP K 183 29.12 41.19 -15.62
N THR K 184 29.16 40.94 -16.96
CA THR K 184 29.80 41.76 -18.02
C THR K 184 28.96 41.68 -19.29
N HIS K 185 29.36 42.41 -20.34
CA HIS K 185 28.68 42.36 -21.64
C HIS K 185 28.82 40.98 -22.27
N SER K 186 29.85 40.22 -21.86
CA SER K 186 30.13 38.89 -22.41
C SER K 186 29.89 37.69 -21.46
N HIS K 187 29.62 37.96 -20.15
CA HIS K 187 29.41 36.91 -19.15
C HIS K 187 28.07 36.98 -18.43
N CYS K 188 27.22 35.95 -18.63
CA CYS K 188 25.93 35.81 -17.96
C CYS K 188 26.12 35.41 -16.49
N GLN K 189 25.07 35.58 -15.69
CA GLN K 189 25.08 35.09 -14.32
C GLN K 189 24.52 33.68 -14.41
N LYS K 190 25.23 32.68 -13.85
CA LYS K 190 24.75 31.31 -13.88
C LYS K 190 23.63 31.15 -12.86
N VAL K 191 22.51 30.57 -13.30
CA VAL K 191 21.34 30.27 -12.45
C VAL K 191 20.98 28.82 -12.68
N CYS K 192 20.82 28.09 -11.59
CA CYS K 192 20.47 26.67 -11.61
C CYS K 192 18.99 26.44 -11.31
N PRO K 193 18.40 25.28 -11.74
CA PRO K 193 17.00 25.00 -11.36
C PRO K 193 16.83 25.02 -9.85
N THR K 194 15.64 25.38 -9.40
CA THR K 194 15.27 25.53 -7.99
C THR K 194 15.67 24.30 -7.13
N ILE K 195 15.41 23.10 -7.67
CA ILE K 195 15.73 21.81 -7.04
C ILE K 195 17.23 21.63 -6.74
N CYS K 196 18.12 22.33 -7.47
CA CYS K 196 19.56 22.23 -7.24
C CYS K 196 19.96 22.99 -6.00
N LYS K 197 19.11 23.95 -5.58
CA LYS K 197 19.34 24.78 -4.41
C LYS K 197 20.72 25.47 -4.57
N SER K 198 21.53 25.50 -3.50
CA SER K 198 22.86 26.11 -3.46
C SER K 198 23.99 25.26 -4.06
N HIS K 199 23.70 23.95 -4.35
CA HIS K 199 24.64 22.92 -4.80
C HIS K 199 25.29 23.17 -6.12
N GLY K 200 24.59 23.85 -7.01
CA GLY K 200 25.10 24.11 -8.33
C GLY K 200 24.66 23.04 -9.29
N CYS K 201 25.03 23.21 -10.56
CA CYS K 201 24.64 22.32 -11.64
C CYS K 201 25.60 22.38 -12.82
N THR K 202 25.49 21.39 -13.71
CA THR K 202 26.27 21.37 -14.95
C THR K 202 25.57 22.31 -15.97
N ALA K 203 26.23 22.60 -17.10
CA ALA K 203 25.69 23.46 -18.17
C ALA K 203 24.31 22.96 -18.66
N GLU K 204 24.11 21.63 -18.64
CA GLU K 204 22.91 20.91 -19.08
C GLU K 204 21.76 20.99 -18.05
N GLY K 205 22.06 21.55 -16.87
CA GLY K 205 21.10 21.75 -15.80
C GLY K 205 21.05 20.68 -14.74
N LEU K 206 21.90 19.64 -14.88
CA LEU K 206 21.98 18.50 -13.95
C LEU K 206 22.60 18.92 -12.64
N CYS K 207 21.88 18.67 -11.52
CA CYS K 207 22.32 19.03 -10.18
C CYS K 207 23.59 18.36 -9.76
N CYS K 208 24.40 19.15 -9.05
CA CYS K 208 25.63 18.73 -8.43
C CYS K 208 25.20 17.94 -7.21
N HIS K 209 26.17 17.25 -6.59
CA HIS K 209 25.93 16.51 -5.36
C HIS K 209 25.47 17.44 -4.21
N SER K 210 24.65 16.89 -3.30
CA SER K 210 24.07 17.54 -2.11
C SER K 210 25.14 18.19 -1.21
N GLU K 211 26.41 17.70 -1.29
CA GLU K 211 27.54 18.16 -0.47
C GLU K 211 28.39 19.24 -1.15
N CYS K 212 28.10 19.53 -2.45
CA CYS K 212 28.76 20.60 -3.23
C CYS K 212 28.18 21.97 -2.87
N LEU K 213 28.93 23.00 -3.29
CA LEU K 213 28.54 24.39 -3.18
C LEU K 213 28.95 25.08 -4.47
N GLY K 214 27.97 25.73 -5.08
CA GLY K 214 28.13 26.53 -6.30
C GLY K 214 28.29 25.83 -7.63
N ASN K 215 29.24 24.89 -7.72
CA ASN K 215 29.54 24.21 -8.98
C ASN K 215 30.27 22.86 -8.76
N CYS K 216 30.38 22.06 -9.82
CA CYS K 216 31.04 20.75 -9.84
C CYS K 216 31.46 20.40 -11.27
N SER K 217 32.45 19.49 -11.41
CA SER K 217 32.93 19.02 -12.71
C SER K 217 32.03 17.88 -13.29
N GLN K 218 31.29 17.18 -12.43
CA GLN K 218 30.36 16.11 -12.81
C GLN K 218 29.19 16.07 -11.84
N PRO K 219 27.97 15.70 -12.32
CA PRO K 219 26.80 15.67 -11.42
C PRO K 219 26.83 14.50 -10.45
N ASP K 220 26.15 14.68 -9.31
CA ASP K 220 25.93 13.69 -8.25
C ASP K 220 27.23 12.94 -7.80
N ASP K 221 28.33 13.69 -7.60
CA ASP K 221 29.60 13.13 -7.14
C ASP K 221 30.27 14.11 -6.15
N PRO K 222 30.46 13.66 -4.88
CA PRO K 222 31.06 14.56 -3.87
C PRO K 222 32.57 14.70 -3.93
N THR K 223 33.19 14.05 -4.93
CA THR K 223 34.62 14.14 -5.17
C THR K 223 34.85 15.07 -6.39
N LYS K 224 33.76 15.55 -6.98
CA LYS K 224 33.81 16.39 -8.17
C LYS K 224 33.37 17.85 -7.93
N CYS K 225 33.24 18.25 -6.64
CA CYS K 225 32.84 19.59 -6.23
C CYS K 225 33.93 20.61 -6.47
N VAL K 226 33.51 21.85 -6.77
CA VAL K 226 34.42 22.98 -6.92
C VAL K 226 34.69 23.45 -5.50
N ALA K 227 33.66 23.44 -4.65
CA ALA K 227 33.74 23.82 -3.24
C ALA K 227 32.70 23.04 -2.46
N CYS K 228 32.89 22.90 -1.13
CA CYS K 228 31.99 22.10 -0.29
C CYS K 228 30.98 22.93 0.46
N ARG K 229 29.77 22.38 0.66
CA ARG K 229 28.68 23.01 1.42
C ARG K 229 29.07 23.02 2.90
N ASN K 230 29.70 21.93 3.36
CA ASN K 230 30.13 21.78 4.74
C ASN K 230 31.65 21.70 4.92
N PHE K 231 32.19 20.48 4.95
CA PHE K 231 33.60 20.23 5.19
C PHE K 231 34.28 19.49 4.09
N TYR K 232 35.59 19.64 4.03
CA TYR K 232 36.41 19.00 3.01
C TYR K 232 37.36 18.05 3.69
N LEU K 233 37.51 16.85 3.12
CA LEU K 233 38.39 15.83 3.62
C LEU K 233 38.71 14.85 2.53
N ASP K 234 39.99 14.50 2.41
CA ASP K 234 40.52 13.48 1.48
C ASP K 234 39.93 13.57 0.05
N GLY K 235 39.77 14.80 -0.43
CA GLY K 235 39.25 15.07 -1.78
C GLY K 235 37.77 14.94 -1.95
N ARG K 236 37.05 14.83 -0.82
CA ARG K 236 35.62 14.64 -0.78
C ARG K 236 34.95 15.65 0.11
N CYS K 237 33.73 16.03 -0.27
CA CYS K 237 32.92 16.94 0.52
C CYS K 237 32.11 16.10 1.47
N VAL K 238 32.40 16.28 2.78
CA VAL K 238 31.77 15.57 3.87
C VAL K 238 30.80 16.51 4.65
N GLU K 239 29.81 15.92 5.33
CA GLU K 239 28.82 16.61 6.13
C GLU K 239 29.43 17.08 7.46
N THR K 240 30.27 16.24 8.07
CA THR K 240 30.91 16.52 9.35
C THR K 240 32.29 15.91 9.34
N CYS K 241 33.22 16.41 10.17
CA CYS K 241 34.54 15.77 10.30
C CYS K 241 34.31 14.65 11.30
N PRO K 242 34.45 13.37 10.88
CA PRO K 242 34.18 12.29 11.82
C PRO K 242 35.37 12.08 12.75
N PRO K 243 35.15 11.50 13.94
CA PRO K 243 36.29 11.17 14.81
C PRO K 243 37.21 10.20 14.01
N PRO K 244 38.57 10.33 14.02
CA PRO K 244 39.43 11.20 14.83
C PRO K 244 39.84 12.54 14.20
N TYR K 245 39.05 13.04 13.24
CA TYR K 245 39.35 14.30 12.58
C TYR K 245 38.65 15.48 13.28
N TYR K 246 39.28 16.66 13.17
CA TYR K 246 38.84 17.88 13.79
C TYR K 246 38.51 18.92 12.75
N HIS K 247 37.45 19.72 13.02
CA HIS K 247 36.95 20.76 12.15
C HIS K 247 37.91 21.91 12.30
N PHE K 248 38.43 22.39 11.19
CA PHE K 248 39.42 23.44 11.20
C PHE K 248 39.01 24.55 10.27
N GLN K 249 39.02 25.79 10.79
CA GLN K 249 38.71 27.01 10.05
C GLN K 249 37.31 26.97 9.39
N ASP K 250 36.40 26.20 10.01
CA ASP K 250 35.01 26.02 9.59
C ASP K 250 34.87 25.48 8.12
N TRP K 251 35.93 24.87 7.55
CA TRP K 251 35.81 24.37 6.18
C TRP K 251 36.54 23.02 5.90
N ARG K 252 37.58 22.69 6.69
CA ARG K 252 38.30 21.45 6.43
C ARG K 252 38.50 20.60 7.67
N CYS K 253 38.91 19.33 7.44
CA CYS K 253 39.14 18.32 8.46
C CYS K 253 40.59 18.08 8.57
N VAL K 254 41.09 18.17 9.80
CA VAL K 254 42.50 17.95 10.10
C VAL K 254 42.69 16.88 11.19
N ASN K 255 43.85 16.18 11.19
CA ASN K 255 44.12 15.19 12.22
C ASN K 255 44.75 15.87 13.45
N PHE K 256 44.89 15.13 14.56
CA PHE K 256 45.46 15.65 15.80
C PHE K 256 46.90 16.18 15.56
N SER K 257 47.70 15.41 14.79
CA SER K 257 49.08 15.70 14.44
C SER K 257 49.27 17.11 13.86
N PHE K 258 48.45 17.45 12.85
CA PHE K 258 48.43 18.74 12.16
C PHE K 258 48.19 19.88 13.15
N CYS K 259 47.14 19.71 13.95
CA CYS K 259 46.69 20.67 14.95
C CYS K 259 47.78 20.85 16.01
N GLN K 260 48.47 19.76 16.35
CA GLN K 260 49.58 19.75 17.32
C GLN K 260 50.79 20.50 16.77
N ASP K 261 51.13 20.27 15.49
CA ASP K 261 52.28 20.89 14.83
C ASP K 261 52.08 22.40 14.59
N LEU K 262 50.83 22.91 14.69
CA LEU K 262 50.52 24.35 14.55
C LEU K 262 50.97 25.11 15.81
N HIS K 263 50.89 24.41 16.96
CA HIS K 263 51.26 24.88 18.30
C HIS K 263 52.67 25.49 18.40
N HIS K 264 53.43 25.40 17.29
CA HIS K 264 54.79 25.85 16.99
C HIS K 264 55.24 27.18 17.58
N LYS K 265 56.55 27.21 17.98
CA LYS K 265 57.33 28.31 18.58
C LYS K 265 56.66 28.85 19.85
N CYS K 266 55.56 29.62 19.65
CA CYS K 266 54.70 30.27 20.64
C CYS K 266 54.08 29.29 21.65
N CYS K 274 50.83 34.89 16.90
CA CYS K 274 50.76 33.43 16.91
C CYS K 274 49.73 32.89 17.87
N HIS K 275 49.04 31.80 17.46
CA HIS K 275 48.12 31.11 18.36
C HIS K 275 48.56 29.69 18.62
N GLN K 276 48.51 29.31 19.90
CA GLN K 276 48.82 27.98 20.39
C GLN K 276 47.48 27.27 20.30
N TYR K 277 47.25 26.57 19.17
CA TYR K 277 45.99 25.90 18.84
C TYR K 277 45.57 24.85 19.84
N VAL K 278 44.25 24.74 20.08
CA VAL K 278 43.65 23.83 21.06
C VAL K 278 42.48 23.01 20.47
N ILE K 279 42.11 21.92 21.15
CA ILE K 279 40.99 21.07 20.78
C ILE K 279 39.82 21.41 21.70
N HIS K 280 38.64 21.70 21.11
CA HIS K 280 37.40 21.97 21.85
C HIS K 280 36.20 21.71 20.95
N ASN K 281 35.22 20.95 21.44
CA ASN K 281 33.99 20.59 20.71
C ASN K 281 34.29 20.05 19.28
N ASN K 282 35.28 19.13 19.16
CA ASN K 282 35.75 18.48 17.92
C ASN K 282 36.28 19.49 16.87
N LYS K 283 36.82 20.60 17.35
CA LYS K 283 37.37 21.66 16.51
C LYS K 283 38.77 21.97 16.95
N CYS K 284 39.63 22.32 15.99
CA CYS K 284 40.99 22.77 16.26
C CYS K 284 40.91 24.30 16.17
N ILE K 285 40.95 24.97 17.33
CA ILE K 285 40.74 26.42 17.42
C ILE K 285 41.94 27.19 17.99
N PRO K 286 42.05 28.53 17.69
CA PRO K 286 43.19 29.34 18.17
C PRO K 286 43.34 29.45 19.67
N GLU K 287 42.21 29.60 20.39
CA GLU K 287 42.20 29.79 21.84
C GLU K 287 41.03 29.08 22.51
N CYS K 288 41.26 28.63 23.76
CA CYS K 288 40.23 28.01 24.60
C CYS K 288 39.16 29.05 24.86
N PRO K 289 37.87 28.67 24.86
CA PRO K 289 36.83 29.66 25.16
C PRO K 289 36.87 30.10 26.62
N SER K 290 36.13 31.19 26.95
CA SER K 290 36.06 31.74 28.30
C SER K 290 35.52 30.67 29.27
N GLY K 291 36.22 30.51 30.39
CA GLY K 291 35.87 29.51 31.40
C GLY K 291 36.60 28.19 31.23
N TYR K 292 37.48 28.13 30.21
CA TYR K 292 38.27 26.95 29.89
C TYR K 292 39.77 27.24 29.85
N THR K 293 40.55 26.20 30.19
CA THR K 293 42.01 26.19 30.22
C THR K 293 42.55 25.03 29.40
N MET K 294 43.76 25.22 28.86
CA MET K 294 44.46 24.27 28.00
C MET K 294 45.18 23.21 28.82
N ASN K 295 44.67 21.99 28.77
CA ASN K 295 45.31 20.85 29.43
C ASN K 295 46.52 20.51 28.53
N SER K 296 47.73 20.71 29.08
CA SER K 296 49.01 20.48 28.39
C SER K 296 49.14 19.04 27.86
N SER K 297 49.86 18.89 26.73
CA SER K 297 50.16 17.64 25.99
C SER K 297 49.00 17.11 25.15
N ASN K 298 47.76 17.08 25.67
CA ASN K 298 46.65 16.56 24.86
C ASN K 298 45.82 17.67 24.17
N LEU K 299 46.26 18.94 24.30
CA LEU K 299 45.65 20.13 23.69
C LEU K 299 44.15 20.36 23.99
N LEU K 300 43.55 19.53 24.83
CA LEU K 300 42.12 19.59 25.11
C LEU K 300 41.71 20.67 26.10
N CYS K 301 40.71 21.50 25.74
CA CYS K 301 40.19 22.53 26.64
C CYS K 301 39.35 21.86 27.71
N THR K 302 39.66 22.16 28.99
CA THR K 302 38.96 21.65 30.18
C THR K 302 38.45 22.84 31.01
N PRO K 303 37.27 22.74 31.64
CA PRO K 303 36.76 23.89 32.43
C PRO K 303 37.64 24.25 33.62
N CYS K 304 37.76 25.55 33.90
CA CYS K 304 38.58 26.09 34.99
C CYS K 304 38.04 25.72 36.37
N LEU K 305 38.92 25.25 37.26
CA LEU K 305 38.58 24.98 38.65
C LEU K 305 38.85 26.32 39.33
N GLY K 306 37.78 27.09 39.48
CA GLY K 306 37.84 28.46 39.98
C GLY K 306 38.18 29.38 38.82
N PRO K 307 38.71 30.59 39.05
CA PRO K 307 39.04 31.47 37.91
C PRO K 307 40.20 30.96 37.05
N CYS K 308 40.22 31.39 35.79
CA CYS K 308 41.22 31.01 34.79
C CYS K 308 42.46 31.93 34.89
N PRO K 309 43.69 31.37 34.92
CA PRO K 309 44.89 32.23 34.98
C PRO K 309 45.22 32.83 33.61
N THR L 1 30.94 54.65 11.95
CA THR L 1 30.60 54.22 10.59
C THR L 1 31.54 53.21 10.04
N PHE L 2 31.15 52.66 8.89
CA PHE L 2 31.91 51.71 8.12
C PHE L 2 33.22 52.37 7.64
N GLU L 3 33.11 53.46 6.86
CA GLU L 3 34.27 54.18 6.36
C GLU L 3 35.21 54.58 7.50
N ASP L 4 34.66 54.95 8.67
CA ASP L 4 35.45 55.31 9.84
C ASP L 4 36.25 54.10 10.31
N TYR L 5 35.59 52.89 10.40
CA TYR L 5 36.20 51.61 10.83
C TYR L 5 37.36 51.21 9.89
N LEU L 6 37.12 51.27 8.57
CA LEU L 6 38.07 50.97 7.51
C LEU L 6 39.31 51.87 7.66
N HIS L 7 39.12 53.18 7.77
CA HIS L 7 40.23 54.12 7.97
C HIS L 7 41.02 53.73 9.19
N ASN L 8 40.34 53.49 10.33
CA ASN L 8 40.93 53.08 11.60
C ASN L 8 41.60 51.71 11.57
N VAL L 9 41.20 50.84 10.63
CA VAL L 9 41.72 49.48 10.50
C VAL L 9 42.96 49.44 9.61
N VAL L 10 42.81 50.03 8.44
CA VAL L 10 43.71 50.12 7.31
C VAL L 10 44.90 51.02 7.58
N PHE L 11 44.65 52.25 8.12
CA PHE L 11 45.69 53.24 8.44
C PHE L 11 46.27 52.99 9.81
N VAL L 12 47.54 52.53 9.75
CA VAL L 12 48.37 52.11 10.87
C VAL L 12 49.51 53.12 11.07
N PRO L 13 49.65 53.68 12.29
CA PRO L 13 50.77 54.57 12.54
C PRO L 13 52.03 53.77 12.92
N ARG L 14 53.23 54.34 12.71
CA ARG L 14 54.49 53.65 13.06
C ARG L 14 54.68 53.49 14.59
N PRO L 15 55.40 52.43 15.08
CA PRO L 15 55.57 52.25 16.54
C PRO L 15 56.22 53.41 17.30
N SER L 16 56.90 54.34 16.59
CA SER L 16 57.49 55.52 17.21
C SER L 16 56.80 56.80 16.71
N GLY M 1 -34.51 -57.87 -16.12
CA GLY M 1 -34.71 -57.01 -17.28
C GLY M 1 -35.01 -57.78 -18.55
N ILE M 2 -35.10 -57.04 -19.68
CA ILE M 2 -35.35 -57.62 -21.03
C ILE M 2 -34.20 -58.57 -21.45
N VAL M 3 -32.95 -58.15 -21.15
CA VAL M 3 -31.69 -58.86 -21.37
C VAL M 3 -31.81 -60.12 -20.58
N GLU M 4 -32.07 -60.00 -19.28
CA GLU M 4 -32.22 -61.14 -18.41
C GLU M 4 -33.14 -62.21 -19.00
N GLN M 5 -34.27 -61.78 -19.61
CA GLN M 5 -35.30 -62.63 -20.22
C GLN M 5 -34.90 -63.23 -21.52
N CYS M 6 -34.35 -62.41 -22.47
CA CYS M 6 -34.11 -62.78 -23.86
C CYS M 6 -32.68 -62.85 -24.30
N CYS M 7 -31.76 -62.66 -23.42
CA CYS M 7 -30.36 -62.63 -23.78
C CYS M 7 -29.72 -63.65 -22.88
N THR M 8 -29.63 -63.36 -21.57
CA THR M 8 -29.12 -64.31 -20.56
C THR M 8 -30.25 -65.28 -20.08
N SER M 9 -30.89 -65.94 -21.08
CA SER M 9 -32.02 -66.88 -21.13
C SER M 9 -32.69 -66.67 -22.52
N ILE M 10 -33.70 -67.52 -22.89
CA ILE M 10 -34.37 -67.42 -24.19
C ILE M 10 -35.80 -66.91 -24.05
N CYS M 11 -36.17 -65.98 -24.95
CA CYS M 11 -37.48 -65.36 -25.06
C CYS M 11 -38.39 -66.03 -26.06
N SER M 12 -39.70 -66.03 -25.77
CA SER M 12 -40.70 -66.57 -26.68
C SER M 12 -41.27 -65.40 -27.46
N LEU M 13 -42.08 -65.66 -28.51
CA LEU M 13 -42.66 -64.53 -29.22
C LEU M 13 -43.68 -63.76 -28.36
N TYR M 14 -44.42 -64.48 -27.45
CA TYR M 14 -45.38 -63.87 -26.52
C TYR M 14 -44.63 -62.99 -25.53
N GLN M 15 -43.44 -63.48 -25.06
CA GLN M 15 -42.53 -62.80 -24.13
C GLN M 15 -42.05 -61.51 -24.76
N LEU M 16 -41.74 -61.55 -26.08
CA LEU M 16 -41.28 -60.38 -26.80
C LEU M 16 -42.37 -59.40 -27.12
N GLU M 17 -43.56 -59.89 -27.47
CA GLU M 17 -44.72 -59.03 -27.74
C GLU M 17 -45.07 -58.11 -26.55
N ASN M 18 -44.86 -58.58 -25.30
CA ASN M 18 -45.14 -57.86 -24.05
C ASN M 18 -44.46 -56.49 -23.93
N TYR M 19 -43.36 -56.29 -24.68
CA TYR M 19 -42.54 -55.09 -24.72
C TYR M 19 -43.03 -54.07 -25.78
N CYS M 20 -44.20 -54.31 -26.38
CA CYS M 20 -44.78 -53.44 -27.42
C CYS M 20 -45.93 -52.60 -26.87
N ASN M 21 -46.48 -51.65 -27.67
CA ASN M 21 -47.64 -50.83 -27.26
C ASN M 21 -48.94 -51.65 -27.24
N VAL N 2 -38.20 -68.75 -34.64
CA VAL N 2 -36.78 -68.95 -34.33
C VAL N 2 -36.46 -68.61 -32.84
N ASN N 3 -36.36 -69.67 -31.99
CA ASN N 3 -36.08 -69.55 -30.56
C ASN N 3 -34.58 -69.56 -30.31
N GLN N 4 -34.04 -68.37 -29.93
CA GLN N 4 -32.62 -68.11 -29.69
C GLN N 4 -32.37 -67.04 -28.64
N HIS N 5 -31.07 -66.76 -28.40
CA HIS N 5 -30.58 -65.70 -27.51
C HIS N 5 -30.51 -64.42 -28.38
N LEU N 6 -31.05 -63.30 -27.88
CA LEU N 6 -31.11 -62.04 -28.61
C LEU N 6 -30.41 -60.98 -27.79
N CYS N 7 -29.22 -60.55 -28.25
CA CYS N 7 -28.48 -59.59 -27.46
C CYS N 7 -28.01 -58.41 -28.27
N GLY N 8 -28.07 -57.21 -27.67
CA GLY N 8 -27.65 -55.99 -28.33
C GLY N 8 -28.45 -55.74 -29.59
N SER N 9 -27.75 -55.43 -30.69
CA SER N 9 -28.32 -55.16 -32.02
C SER N 9 -29.42 -56.14 -32.30
N HIS N 10 -29.14 -57.43 -32.15
CA HIS N 10 -30.05 -58.56 -32.37
C HIS N 10 -31.34 -58.45 -31.60
N LEU N 11 -31.29 -58.06 -30.33
CA LEU N 11 -32.50 -57.85 -29.49
C LEU N 11 -33.32 -56.70 -30.08
N VAL N 12 -32.67 -55.56 -30.34
CA VAL N 12 -33.27 -54.36 -30.91
C VAL N 12 -34.00 -54.65 -32.22
N GLU N 13 -33.31 -55.23 -33.22
CA GLU N 13 -33.88 -55.54 -34.53
C GLU N 13 -35.00 -56.60 -34.47
N ALA N 14 -34.89 -57.54 -33.53
CA ALA N 14 -35.85 -58.62 -33.34
C ALA N 14 -37.09 -58.06 -32.71
N LEU N 15 -36.93 -57.12 -31.74
CA LEU N 15 -38.05 -56.47 -31.09
C LEU N 15 -38.87 -55.58 -32.04
N TYR N 16 -38.19 -54.91 -33.01
CA TYR N 16 -38.81 -54.06 -34.02
C TYR N 16 -39.64 -54.93 -34.98
N LEU N 17 -39.17 -56.14 -35.26
CA LEU N 17 -39.92 -57.03 -36.13
C LEU N 17 -41.31 -57.40 -35.55
N VAL N 18 -41.38 -57.61 -34.21
CA VAL N 18 -42.61 -57.98 -33.47
C VAL N 18 -43.64 -56.84 -33.54
N CYS N 19 -43.23 -55.58 -33.21
CA CYS N 19 -44.15 -54.43 -33.15
C CYS N 19 -43.89 -53.35 -34.19
N GLY N 20 -43.78 -53.74 -35.46
CA GLY N 20 -43.65 -52.73 -36.50
C GLY N 20 -44.99 -52.01 -36.54
N GLU N 21 -44.98 -50.64 -36.52
CA GLU N 21 -46.18 -49.77 -36.52
C GLU N 21 -46.89 -49.70 -35.14
N ARG N 22 -46.73 -50.72 -34.28
CA ARG N 22 -47.35 -50.74 -32.95
C ARG N 22 -46.53 -49.89 -32.04
N GLY N 23 -45.22 -50.03 -32.18
CA GLY N 23 -44.23 -49.34 -31.37
C GLY N 23 -43.95 -50.01 -30.05
N PHE N 24 -42.94 -49.48 -29.34
CA PHE N 24 -42.49 -49.94 -28.02
C PHE N 24 -43.14 -49.15 -26.87
N PHE N 25 -43.48 -49.88 -25.81
CA PHE N 25 -44.14 -49.37 -24.62
C PHE N 25 -43.14 -48.69 -23.67
N TYR N 26 -43.68 -47.75 -22.83
CA TYR N 26 -42.99 -47.00 -21.74
C TYR N 26 -44.02 -46.37 -20.77
N THR N 27 -43.57 -46.02 -19.53
CA THR N 27 -44.31 -45.30 -18.48
C THR N 27 -43.39 -44.43 -17.56
N GLN O 1 -24.26 1.51 -14.22
CA GLN O 1 -24.13 2.25 -12.95
C GLN O 1 -25.40 2.25 -12.09
N VAL O 2 -25.36 1.39 -11.05
CA VAL O 2 -26.40 1.17 -10.05
C VAL O 2 -26.59 2.42 -9.24
N GLN O 3 -27.84 2.90 -9.20
CA GLN O 3 -28.22 4.07 -8.40
C GLN O 3 -29.55 3.83 -7.71
N LEU O 4 -29.71 4.47 -6.56
CA LEU O 4 -30.90 4.44 -5.71
C LEU O 4 -31.08 5.87 -5.20
N LYS O 5 -32.31 6.41 -5.31
CA LYS O 5 -32.56 7.79 -4.92
C LYS O 5 -33.90 7.93 -4.17
N GLU O 6 -33.82 8.40 -2.92
CA GLU O 6 -34.97 8.62 -2.04
C GLU O 6 -35.50 10.03 -2.25
N SER O 7 -36.85 10.14 -2.34
CA SER O 7 -37.64 11.38 -2.50
C SER O 7 -38.61 11.38 -1.31
N GLY O 8 -38.40 12.31 -0.39
CA GLY O 8 -39.20 12.41 0.84
C GLY O 8 -39.50 13.84 1.23
N PRO O 9 -40.46 14.04 2.18
CA PRO O 9 -40.91 15.40 2.56
C PRO O 9 -39.97 16.36 3.28
N GLY O 10 -38.98 15.85 4.00
CA GLY O 10 -38.05 16.67 4.79
C GLY O 10 -38.61 17.07 6.14
N LEU O 11 -39.95 17.36 6.18
CA LEU O 11 -40.73 17.82 7.35
C LEU O 11 -42.14 17.23 7.42
N VAL O 12 -42.44 16.55 8.55
CA VAL O 12 -43.72 15.91 8.79
C VAL O 12 -44.26 16.37 10.14
N ALA O 13 -45.58 16.60 10.24
CA ALA O 13 -46.23 16.91 11.51
C ALA O 13 -46.35 15.58 12.28
N PRO O 14 -46.17 15.54 13.62
CA PRO O 14 -46.33 14.26 14.34
C PRO O 14 -47.78 13.77 14.26
N SER O 15 -47.96 12.44 14.29
CA SER O 15 -49.21 11.69 14.16
C SER O 15 -49.60 11.44 12.70
N GLN O 16 -48.99 12.21 11.76
CA GLN O 16 -49.14 12.08 10.31
C GLN O 16 -48.28 10.93 9.75
N SER O 17 -48.53 10.57 8.49
CA SER O 17 -47.87 9.50 7.80
C SER O 17 -46.78 10.02 6.88
N LEU O 18 -45.68 9.24 6.85
CA LEU O 18 -44.48 9.52 6.06
C LEU O 18 -44.49 8.61 4.84
N SER O 19 -44.26 9.21 3.66
CA SER O 19 -44.22 8.49 2.41
C SER O 19 -42.95 8.85 1.61
N ILE O 20 -42.07 7.84 1.41
CA ILE O 20 -40.83 7.97 0.65
C ILE O 20 -40.86 7.06 -0.59
N THR O 21 -40.29 7.55 -1.69
CA THR O 21 -40.14 6.84 -2.94
C THR O 21 -38.65 6.68 -3.26
N CYS O 22 -38.24 5.42 -3.36
CA CYS O 22 -36.91 5.07 -3.74
C CYS O 22 -36.97 4.74 -5.22
N THR O 23 -36.31 5.53 -6.05
CA THR O 23 -36.24 5.27 -7.48
C THR O 23 -34.88 4.74 -7.79
N VAL O 24 -34.90 3.53 -8.32
CA VAL O 24 -33.70 2.77 -8.65
C VAL O 24 -33.35 2.85 -10.15
N SER O 25 -32.07 2.61 -10.47
CA SER O 25 -31.56 2.56 -11.84
C SER O 25 -30.39 1.58 -11.92
N GLY O 26 -30.06 1.12 -13.11
CA GLY O 26 -28.95 0.21 -13.32
C GLY O 26 -29.18 -1.25 -12.95
N PHE O 27 -30.42 -1.63 -12.58
CA PHE O 27 -30.74 -3.02 -12.21
C PHE O 27 -32.25 -3.27 -12.19
N PRO O 28 -32.71 -4.56 -12.27
CA PRO O 28 -34.16 -4.83 -12.23
C PRO O 28 -34.68 -5.08 -10.82
N LEU O 29 -35.78 -4.41 -10.45
CA LEU O 29 -36.42 -4.62 -9.14
C LEU O 29 -37.01 -6.05 -8.99
N THR O 30 -37.16 -6.77 -10.12
CA THR O 30 -37.71 -8.13 -10.15
C THR O 30 -36.66 -9.21 -9.72
N ALA O 31 -35.34 -8.86 -9.75
CA ALA O 31 -34.22 -9.74 -9.44
C ALA O 31 -33.58 -9.40 -8.13
N TYR O 32 -33.70 -8.14 -7.69
CA TYR O 32 -33.09 -7.62 -6.47
C TYR O 32 -34.11 -7.18 -5.40
N GLY O 33 -33.66 -7.24 -4.15
CA GLY O 33 -34.44 -6.81 -2.99
C GLY O 33 -34.10 -5.37 -2.67
N VAL O 34 -34.99 -4.66 -1.98
CA VAL O 34 -34.72 -3.28 -1.58
C VAL O 34 -35.13 -3.14 -0.13
N ASN O 35 -34.24 -2.58 0.65
CA ASN O 35 -34.39 -2.38 2.08
C ASN O 35 -34.61 -0.94 2.41
N TRP O 36 -35.16 -0.71 3.59
CA TRP O 36 -35.27 0.61 4.17
C TRP O 36 -34.57 0.50 5.51
N VAL O 37 -33.61 1.40 5.72
CA VAL O 37 -32.77 1.50 6.91
C VAL O 37 -32.80 2.98 7.28
N ARG O 38 -33.11 3.29 8.56
CA ARG O 38 -33.12 4.67 9.04
C ARG O 38 -32.05 4.91 10.05
N GLN O 39 -31.70 6.19 10.24
CA GLN O 39 -30.64 6.55 11.15
C GLN O 39 -30.90 7.88 11.88
N PRO O 40 -31.36 7.75 13.16
CA PRO O 40 -31.59 8.94 14.00
C PRO O 40 -30.33 9.76 14.20
N PRO O 41 -30.45 11.07 14.46
CA PRO O 41 -29.24 11.90 14.65
C PRO O 41 -28.30 11.41 15.75
N GLY O 42 -27.07 11.09 15.35
CA GLY O 42 -26.03 10.60 16.23
C GLY O 42 -26.26 9.20 16.74
N LYS O 43 -27.12 8.43 16.06
CA LYS O 43 -27.45 7.06 16.46
C LYS O 43 -27.15 6.11 15.33
N GLY O 44 -27.26 4.82 15.61
CA GLY O 44 -26.97 3.77 14.65
C GLY O 44 -28.08 3.45 13.66
N LEU O 45 -27.74 2.53 12.74
CA LEU O 45 -28.62 2.07 11.68
C LEU O 45 -29.64 1.12 12.22
N GLU O 46 -30.89 1.32 11.78
CA GLU O 46 -32.05 0.56 12.17
C GLU O 46 -32.72 0.00 10.93
N TRP O 47 -32.73 -1.32 10.79
CA TRP O 47 -33.40 -1.94 9.66
C TRP O 47 -34.91 -1.84 9.83
N LEU O 48 -35.58 -1.25 8.83
CA LEU O 48 -37.04 -1.11 8.87
C LEU O 48 -37.74 -2.29 8.21
N GLY O 49 -37.47 -2.53 6.93
CA GLY O 49 -38.05 -3.64 6.21
C GLY O 49 -37.37 -3.93 4.88
N MET O 50 -37.87 -4.94 4.15
CA MET O 50 -37.35 -5.34 2.85
C MET O 50 -38.46 -5.90 1.96
N ILE O 51 -38.27 -5.74 0.62
CA ILE O 51 -39.18 -6.23 -0.42
C ILE O 51 -38.37 -6.96 -1.51
N TRP O 52 -38.58 -8.30 -1.54
CA TRP O 52 -37.95 -9.27 -2.44
C TRP O 52 -38.40 -9.08 -3.87
N GLY O 53 -37.65 -9.61 -4.83
CA GLY O 53 -37.99 -9.50 -6.25
C GLY O 53 -39.40 -9.96 -6.54
N ASP O 54 -39.80 -11.07 -5.91
CA ASP O 54 -41.13 -11.68 -6.05
C ASP O 54 -42.24 -10.95 -5.28
N GLY O 55 -42.00 -9.71 -4.86
CA GLY O 55 -42.96 -8.87 -4.17
C GLY O 55 -43.19 -9.12 -2.69
N ASN O 56 -42.58 -10.17 -2.12
CA ASN O 56 -42.71 -10.53 -0.70
C ASN O 56 -42.10 -9.48 0.22
N THR O 57 -42.80 -9.16 1.32
CA THR O 57 -42.33 -8.16 2.30
C THR O 57 -42.01 -8.73 3.67
N ASP O 58 -40.96 -8.15 4.27
CA ASP O 58 -40.42 -8.48 5.59
C ASP O 58 -40.25 -7.19 6.38
N TYR O 59 -40.85 -7.09 7.58
CA TYR O 59 -40.78 -5.88 8.42
C TYR O 59 -40.11 -6.13 9.78
N ASN O 60 -39.52 -5.03 10.37
CA ASN O 60 -38.91 -5.02 11.70
C ASN O 60 -40.08 -5.26 12.65
N SER O 61 -39.99 -6.30 13.48
CA SER O 61 -41.05 -6.72 14.40
C SER O 61 -41.53 -5.61 15.32
N ALA O 62 -40.60 -4.74 15.76
CA ALA O 62 -40.92 -3.59 16.60
C ALA O 62 -41.83 -2.56 15.92
N LEU O 63 -41.58 -2.30 14.61
CA LEU O 63 -42.29 -1.31 13.80
C LEU O 63 -43.32 -1.88 12.79
N LYS O 64 -43.44 -3.21 12.65
CA LYS O 64 -44.34 -3.89 11.70
C LYS O 64 -45.78 -3.29 11.69
N SER O 65 -46.28 -2.99 12.89
CA SER O 65 -47.58 -2.40 13.14
C SER O 65 -47.87 -1.10 12.36
N ARG O 66 -46.80 -0.31 12.05
CA ARG O 66 -46.85 1.02 11.41
C ARG O 66 -46.19 1.13 10.02
N LEU O 67 -45.58 0.04 9.52
CA LEU O 67 -44.85 0.03 8.25
C LEU O 67 -45.57 -0.60 7.09
N SER O 68 -45.28 -0.09 5.87
CA SER O 68 -45.81 -0.64 4.61
C SER O 68 -44.81 -0.43 3.49
N ILE O 69 -44.40 -1.54 2.83
CA ILE O 69 -43.45 -1.52 1.71
C ILE O 69 -44.11 -2.12 0.48
N SER O 70 -44.08 -1.38 -0.62
CA SER O 70 -44.71 -1.73 -1.90
C SER O 70 -43.75 -1.29 -3.01
N LYS O 71 -44.05 -1.64 -4.27
CA LYS O 71 -43.22 -1.25 -5.41
C LYS O 71 -43.96 -1.30 -6.74
N ASP O 72 -43.34 -0.68 -7.76
CA ASP O 72 -43.80 -0.68 -9.15
C ASP O 72 -42.57 -0.95 -9.97
N ASN O 73 -42.36 -2.22 -10.27
CA ASN O 73 -41.25 -2.72 -11.08
C ASN O 73 -41.09 -1.97 -12.42
N SER O 74 -42.23 -1.69 -13.11
CA SER O 74 -42.25 -1.01 -14.41
C SER O 74 -41.75 0.42 -14.31
N LYS O 75 -42.04 1.09 -13.18
CA LYS O 75 -41.64 2.47 -12.89
C LYS O 75 -40.29 2.49 -12.15
N SER O 76 -39.79 1.29 -11.79
CA SER O 76 -38.52 1.06 -11.08
C SER O 76 -38.50 1.82 -9.76
N GLN O 77 -39.60 1.73 -8.99
CA GLN O 77 -39.71 2.44 -7.72
C GLN O 77 -40.20 1.55 -6.61
N VAL O 78 -39.73 1.85 -5.40
CA VAL O 78 -40.12 1.18 -4.17
C VAL O 78 -40.70 2.25 -3.25
N PHE O 79 -41.75 1.93 -2.50
CA PHE O 79 -42.39 2.90 -1.64
C PHE O 79 -42.47 2.46 -0.20
N LEU O 80 -41.98 3.31 0.70
CA LEU O 80 -42.11 3.12 2.14
C LEU O 80 -43.22 4.04 2.62
N LYS O 81 -44.04 3.57 3.54
CA LYS O 81 -45.10 4.36 4.15
C LYS O 81 -45.12 4.02 5.66
N MET O 82 -44.90 5.04 6.52
CA MET O 82 -44.90 4.88 7.98
C MET O 82 -45.96 5.76 8.68
N ASN O 83 -46.83 5.14 9.50
CA ASN O 83 -47.95 5.80 10.18
C ASN O 83 -47.64 6.30 11.59
N SER O 84 -48.49 7.26 12.05
CA SER O 84 -48.51 7.91 13.35
C SER O 84 -47.12 8.15 13.91
N LEU O 85 -46.35 9.00 13.22
CA LEU O 85 -44.97 9.34 13.54
C LEU O 85 -44.86 10.15 14.81
N GLN O 86 -43.77 9.94 15.55
CA GLN O 86 -43.45 10.67 16.75
C GLN O 86 -42.08 11.31 16.55
N THR O 87 -41.59 12.07 17.55
CA THR O 87 -40.30 12.77 17.50
C THR O 87 -39.11 11.79 17.38
N ASP O 88 -39.25 10.58 17.97
CA ASP O 88 -38.23 9.54 17.91
C ASP O 88 -38.13 8.90 16.52
N ASP O 89 -39.01 9.32 15.59
CA ASP O 89 -38.97 8.82 14.21
C ASP O 89 -38.15 9.74 13.32
N THR O 90 -37.66 10.89 13.89
CA THR O 90 -36.79 11.83 13.17
C THR O 90 -35.47 11.13 12.91
N ALA O 91 -35.17 10.93 11.60
CA ALA O 91 -34.00 10.17 11.13
C ALA O 91 -33.74 10.39 9.61
N ARG O 92 -32.58 9.87 9.09
CA ARG O 92 -32.26 9.87 7.67
C ARG O 92 -32.66 8.50 7.16
N TYR O 93 -33.53 8.47 6.17
CA TYR O 93 -34.02 7.20 5.64
C TYR O 93 -33.28 6.82 4.37
N TYR O 94 -32.66 5.65 4.35
CA TYR O 94 -31.93 5.16 3.19
C TYR O 94 -32.62 3.91 2.65
N CYS O 95 -32.60 3.77 1.33
CA CYS O 95 -33.05 2.56 0.68
C CYS O 95 -31.72 1.97 0.09
N ALA O 96 -31.52 0.63 0.21
CA ALA O 96 -30.32 -0.01 -0.26
C ALA O 96 -30.69 -1.30 -0.99
N ARG O 97 -29.87 -1.71 -1.98
CA ARG O 97 -30.13 -2.88 -2.79
C ARG O 97 -29.70 -4.14 -2.07
N ASP O 98 -30.53 -5.18 -2.16
CA ASP O 98 -30.20 -6.45 -1.54
C ASP O 98 -29.98 -7.48 -2.62
N PRO O 99 -28.72 -7.80 -2.99
CA PRO O 99 -28.47 -8.88 -3.93
C PRO O 99 -28.55 -10.18 -3.10
N TYR O 100 -29.79 -10.53 -2.66
CA TYR O 100 -30.08 -11.67 -1.82
C TYR O 100 -29.64 -12.97 -2.45
N GLY O 101 -28.81 -13.72 -1.72
CA GLY O 101 -28.23 -14.99 -2.16
C GLY O 101 -26.79 -14.84 -2.63
N SER O 102 -26.28 -13.62 -2.67
CA SER O 102 -24.93 -13.37 -3.14
C SER O 102 -24.23 -12.41 -2.13
N LYS O 103 -24.85 -11.25 -1.87
CA LYS O 103 -24.31 -10.22 -0.97
C LYS O 103 -25.42 -9.58 -0.05
N PRO O 104 -24.98 -8.91 1.05
CA PRO O 104 -25.94 -8.12 1.84
C PRO O 104 -26.12 -6.76 1.14
N MET O 105 -26.87 -5.82 1.74
CA MET O 105 -27.04 -4.48 1.16
C MET O 105 -25.74 -3.93 0.59
N ASP O 106 -25.64 -3.79 -0.74
CA ASP O 106 -24.40 -3.28 -1.31
C ASP O 106 -24.48 -1.80 -1.64
N TYR O 107 -25.38 -1.41 -2.57
CA TYR O 107 -25.54 -0.01 -2.98
C TYR O 107 -26.56 0.69 -2.15
N TRP O 108 -26.23 1.89 -1.66
CA TRP O 108 -27.15 2.67 -0.84
C TRP O 108 -27.50 3.96 -1.53
N GLY O 109 -28.65 4.52 -1.15
CA GLY O 109 -29.07 5.84 -1.62
C GLY O 109 -28.37 6.90 -0.80
N GLN O 110 -28.42 8.17 -1.22
CA GLN O 110 -27.68 9.14 -0.38
C GLN O 110 -28.43 9.41 0.97
N GLY O 111 -29.73 9.13 1.00
CA GLY O 111 -30.60 9.28 2.16
C GLY O 111 -31.64 10.31 1.89
N THR O 112 -32.52 10.51 2.88
CA THR O 112 -33.53 11.56 2.90
C THR O 112 -33.72 11.95 4.35
N SER O 113 -33.45 13.24 4.66
CA SER O 113 -33.61 13.73 6.01
C SER O 113 -35.08 13.98 6.24
N VAL O 114 -35.61 13.32 7.29
CA VAL O 114 -37.00 13.42 7.71
C VAL O 114 -37.05 13.91 9.16
N THR O 115 -37.71 15.06 9.36
CA THR O 115 -37.83 15.71 10.66
C THR O 115 -39.30 15.81 11.08
N VAL O 116 -39.57 15.42 12.32
CA VAL O 116 -40.89 15.43 12.95
C VAL O 116 -40.91 16.55 14.00
N SER O 117 -41.91 17.51 13.92
CA SER O 117 -41.99 18.70 14.80
C SER O 117 -43.32 19.48 14.82
N SER O 118 -43.42 20.44 15.76
CA SER O 118 -44.40 21.54 15.85
C SER O 118 -43.76 22.75 14.97
N SER O 119 -43.82 22.54 13.62
CA SER O 119 -43.27 23.35 12.50
C SER O 119 -44.00 24.66 12.31
N LEU O 120 -43.42 25.61 11.52
CA LEU O 120 -44.00 26.95 11.17
C LEU O 120 -44.10 27.18 9.67
N VAL O 121 -45.20 27.82 9.23
CA VAL O 121 -45.62 27.97 7.85
C VAL O 121 -44.55 28.55 6.88
N PRO O 122 -43.84 29.69 7.13
CA PRO O 122 -42.93 30.25 6.10
C PRO O 122 -41.44 29.95 6.26
N SER P 3 -38.44 -15.53 16.92
CA SER P 3 -37.99 -14.32 17.61
C SER P 3 -36.73 -13.73 16.95
N ASP P 4 -36.78 -12.41 16.65
CA ASP P 4 -35.74 -11.62 15.96
C ASP P 4 -34.34 -11.80 16.57
N ILE P 5 -33.31 -11.82 15.71
CA ILE P 5 -31.90 -11.98 16.11
C ILE P 5 -31.36 -10.68 16.73
N VAL P 6 -30.68 -10.79 17.88
CA VAL P 6 -30.10 -9.65 18.58
C VAL P 6 -28.61 -9.61 18.34
N MET P 7 -28.11 -8.46 17.88
CA MET P 7 -26.68 -8.25 17.61
C MET P 7 -26.15 -7.27 18.60
N SER P 8 -24.98 -7.56 19.16
CA SER P 8 -24.33 -6.70 20.14
C SER P 8 -22.87 -6.50 19.77
N GLN P 9 -22.43 -5.25 19.78
CA GLN P 9 -21.06 -4.89 19.46
C GLN P 9 -20.35 -4.36 20.67
N SER P 10 -19.01 -4.49 20.68
CA SER P 10 -18.14 -4.03 21.75
C SER P 10 -16.73 -3.72 21.22
N PRO P 11 -16.08 -2.59 21.63
CA PRO P 11 -16.59 -1.53 22.52
C PRO P 11 -17.55 -0.61 21.78
N SER P 12 -18.23 0.24 22.54
CA SER P 12 -19.16 1.22 21.98
C SER P 12 -18.34 2.27 21.19
N SER P 13 -17.13 2.56 21.69
CA SER P 13 -16.21 3.54 21.14
C SER P 13 -14.78 3.17 21.49
N LEU P 14 -13.90 3.55 20.57
CA LEU P 14 -12.49 3.28 20.53
C LEU P 14 -11.75 4.53 20.15
N VAL P 15 -10.62 4.81 20.84
CA VAL P 15 -9.77 5.93 20.50
C VAL P 15 -8.38 5.32 20.35
N VAL P 16 -7.86 5.33 19.12
CA VAL P 16 -6.56 4.77 18.81
C VAL P 16 -5.69 5.82 18.12
N SER P 17 -4.37 5.57 18.03
CA SER P 17 -3.40 6.41 17.32
C SER P 17 -3.23 5.83 15.89
N VAL P 18 -2.71 6.63 14.95
CA VAL P 18 -2.51 6.20 13.56
C VAL P 18 -1.45 5.10 13.55
N GLY P 19 -1.71 4.04 12.77
CA GLY P 19 -0.79 2.93 12.61
C GLY P 19 -0.94 1.77 13.58
N GLU P 20 -1.82 1.91 14.59
CA GLU P 20 -2.06 0.87 15.60
C GLU P 20 -3.09 -0.14 15.12
N LYS P 21 -3.09 -1.34 15.74
CA LYS P 21 -4.02 -2.42 15.42
C LYS P 21 -5.28 -2.23 16.23
N VAL P 22 -6.43 -2.59 15.63
CA VAL P 22 -7.74 -2.43 16.26
C VAL P 22 -8.60 -3.65 16.00
N THR P 23 -9.27 -4.15 17.05
CA THR P 23 -10.17 -5.30 16.96
C THR P 23 -11.48 -5.03 17.67
N MET P 24 -12.56 -5.01 16.91
CA MET P 24 -13.90 -4.78 17.46
C MET P 24 -14.71 -6.04 17.27
N SER P 25 -15.58 -6.33 18.24
CA SER P 25 -16.33 -7.57 18.29
C SER P 25 -17.82 -7.42 18.07
N CYS P 26 -18.43 -8.44 17.47
CA CYS P 26 -19.85 -8.56 17.15
C CYS P 26 -20.37 -9.92 17.61
N LYS P 27 -21.43 -9.92 18.45
CA LYS P 27 -22.06 -11.14 18.99
C LYS P 27 -23.54 -11.26 18.62
N SER P 28 -23.95 -12.41 18.11
CA SER P 28 -25.32 -12.69 17.68
C SER P 28 -26.02 -13.68 18.63
N SER P 29 -27.32 -13.46 18.93
CA SER P 29 -28.10 -14.33 19.84
C SER P 29 -28.22 -15.78 19.39
N GLN P 30 -28.21 -16.02 18.05
CA GLN P 30 -28.32 -17.31 17.37
C GLN P 30 -27.16 -17.51 16.42
N SER P 31 -26.91 -18.77 15.99
CA SER P 31 -25.87 -19.05 15.01
C SER P 31 -26.31 -18.57 13.63
N LEU P 32 -25.39 -17.85 12.96
CA LEU P 32 -25.56 -17.31 11.60
C LEU P 32 -24.91 -18.24 10.55
N LEU P 33 -24.53 -19.44 10.97
CA LEU P 33 -23.89 -20.41 10.11
C LEU P 33 -24.91 -21.28 9.36
N TYR P 34 -24.96 -21.08 8.03
CA TYR P 34 -25.83 -21.78 7.09
C TYR P 34 -25.25 -23.13 6.80
N SER P 35 -26.01 -24.19 7.11
CA SER P 35 -25.58 -25.57 6.90
C SER P 35 -25.20 -25.84 5.45
N SER P 36 -26.08 -25.43 4.52
CA SER P 36 -25.96 -25.56 3.08
C SER P 36 -24.57 -25.27 2.53
N ASN P 37 -23.96 -24.13 2.93
CA ASN P 37 -22.64 -23.78 2.40
C ASN P 37 -21.51 -23.60 3.43
N GLN P 38 -21.83 -23.74 4.75
CA GLN P 38 -20.86 -23.61 5.84
C GLN P 38 -20.23 -22.19 5.87
N LYS P 39 -21.10 -21.20 5.58
CA LYS P 39 -20.83 -19.76 5.54
C LYS P 39 -21.74 -19.02 6.55
N ASN P 40 -21.20 -17.93 7.11
CA ASN P 40 -21.90 -17.14 8.09
C ASN P 40 -22.54 -15.94 7.42
N PHE P 41 -23.83 -15.72 7.71
CA PHE P 41 -24.58 -14.59 7.16
C PHE P 41 -24.32 -13.29 7.96
N LEU P 42 -23.06 -12.85 7.93
CA LEU P 42 -22.63 -11.66 8.63
C LEU P 42 -21.81 -10.75 7.74
N ALA P 43 -22.10 -9.44 7.84
CA ALA P 43 -21.47 -8.39 7.07
C ALA P 43 -21.00 -7.32 8.01
N TRP P 44 -20.02 -6.51 7.57
CA TRP P 44 -19.47 -5.37 8.32
C TRP P 44 -19.55 -4.17 7.41
N TYR P 45 -20.16 -3.08 7.91
CA TYR P 45 -20.31 -1.82 7.21
C TYR P 45 -19.48 -0.76 7.86
N GLN P 46 -18.92 0.17 7.06
CA GLN P 46 -18.15 1.32 7.51
C GLN P 46 -18.91 2.57 7.08
N GLN P 47 -19.18 3.48 8.02
CA GLN P 47 -19.88 4.66 7.65
C GLN P 47 -19.07 5.88 8.06
N LYS P 48 -18.45 6.49 7.08
CA LYS P 48 -17.64 7.67 7.30
C LYS P 48 -18.56 8.84 7.63
N PRO P 49 -18.09 9.82 8.40
CA PRO P 49 -19.01 10.90 8.81
C PRO P 49 -19.53 11.71 7.64
N GLY P 50 -20.84 11.86 7.59
CA GLY P 50 -21.52 12.61 6.55
C GLY P 50 -21.64 11.85 5.24
N GLN P 51 -21.59 10.50 5.31
CA GLN P 51 -21.69 9.64 4.13
C GLN P 51 -22.54 8.41 4.39
N SER P 52 -23.07 7.78 3.30
CA SER P 52 -23.88 6.56 3.45
C SER P 52 -23.02 5.36 3.75
N PRO P 53 -23.54 4.32 4.44
CA PRO P 53 -22.69 3.15 4.77
C PRO P 53 -22.13 2.41 3.56
N LYS P 54 -21.00 1.75 3.78
CA LYS P 54 -20.26 1.03 2.77
C LYS P 54 -20.05 -0.37 3.26
N LEU P 55 -20.29 -1.36 2.40
CA LEU P 55 -20.01 -2.74 2.75
C LEU P 55 -18.48 -3.01 2.71
N LEU P 56 -18.00 -3.64 3.77
CA LEU P 56 -16.61 -3.98 3.84
C LEU P 56 -16.47 -5.49 3.63
N ILE P 57 -17.19 -6.26 4.46
CA ILE P 57 -17.11 -7.71 4.48
C ILE P 57 -18.48 -8.34 4.42
N TYR P 58 -18.56 -9.50 3.76
CA TYR P 58 -19.75 -10.33 3.71
C TYR P 58 -19.31 -11.76 3.87
N TRP P 59 -20.21 -12.66 4.23
CA TRP P 59 -19.86 -14.05 4.48
C TRP P 59 -18.84 -14.15 5.60
N ALA P 60 -18.86 -13.15 6.52
CA ALA P 60 -17.98 -12.97 7.71
C ALA P 60 -16.52 -12.72 7.38
N SER P 61 -16.01 -13.19 6.23
CA SER P 61 -14.60 -13.05 5.89
C SER P 61 -14.31 -12.63 4.44
N THR P 62 -15.33 -12.58 3.56
CA THR P 62 -15.10 -12.17 2.17
C THR P 62 -15.08 -10.68 2.06
N ARG P 63 -13.97 -10.16 1.55
CA ARG P 63 -13.72 -8.74 1.34
C ARG P 63 -14.47 -8.26 0.12
N GLU P 64 -15.22 -7.17 0.27
CA GLU P 64 -15.99 -6.57 -0.83
C GLU P 64 -15.06 -5.88 -1.79
N SER P 65 -15.50 -5.71 -3.07
CA SER P 65 -14.73 -5.04 -4.11
C SER P 65 -14.30 -3.63 -3.65
N GLY P 66 -13.01 -3.34 -3.80
CA GLY P 66 -12.41 -2.06 -3.45
C GLY P 66 -12.23 -1.85 -1.96
N VAL P 67 -12.06 -2.95 -1.21
CA VAL P 67 -11.84 -2.86 0.23
C VAL P 67 -10.35 -3.17 0.55
N PRO P 68 -9.66 -2.20 1.24
CA PRO P 68 -8.25 -2.41 1.58
C PRO P 68 -7.99 -3.68 2.37
N ASP P 69 -6.80 -4.25 2.13
CA ASP P 69 -6.34 -5.47 2.78
C ASP P 69 -6.25 -5.35 4.30
N ARG P 70 -6.19 -4.12 4.84
CA ARG P 70 -6.07 -3.90 6.29
C ARG P 70 -7.31 -4.34 7.06
N PHE P 71 -8.46 -4.38 6.37
CA PHE P 71 -9.74 -4.83 6.94
C PHE P 71 -9.90 -6.34 6.83
N THR P 72 -9.97 -7.03 7.99
CA THR P 72 -10.06 -8.47 8.11
C THR P 72 -11.22 -8.86 8.99
N GLY P 73 -12.13 -9.65 8.39
CA GLY P 73 -13.26 -10.28 9.06
C GLY P 73 -12.93 -11.72 9.43
N SER P 74 -13.21 -12.08 10.70
CA SER P 74 -13.03 -13.43 11.28
C SER P 74 -14.22 -13.75 12.20
N GLY P 75 -14.30 -15.02 12.60
CA GLY P 75 -15.36 -15.52 13.44
C GLY P 75 -16.30 -16.43 12.69
N SER P 76 -17.13 -17.18 13.44
CA SER P 76 -18.09 -18.17 12.94
C SER P 76 -19.15 -18.43 14.01
N GLY P 77 -20.38 -18.66 13.54
CA GLY P 77 -21.53 -18.95 14.38
C GLY P 77 -22.17 -17.74 15.02
N THR P 78 -21.76 -17.43 16.27
CA THR P 78 -22.31 -16.35 17.07
C THR P 78 -21.34 -15.23 17.36
N ASP P 79 -20.04 -15.53 17.44
CA ASP P 79 -18.98 -14.58 17.79
C ASP P 79 -18.11 -14.23 16.60
N PHE P 80 -18.06 -12.92 16.27
CA PHE P 80 -17.31 -12.41 15.11
C PHE P 80 -16.47 -11.21 15.47
N THR P 81 -15.38 -10.95 14.71
CA THR P 81 -14.48 -9.81 14.93
C THR P 81 -13.98 -9.14 13.66
N LEU P 82 -13.88 -7.80 13.69
CA LEU P 82 -13.32 -6.99 12.61
C LEU P 82 -12.00 -6.45 13.10
N THR P 83 -10.97 -6.67 12.28
CA THR P 83 -9.62 -6.24 12.56
C THR P 83 -9.09 -5.26 11.52
N ILE P 84 -8.41 -4.18 11.99
CA ILE P 84 -7.74 -3.19 11.16
C ILE P 84 -6.31 -3.28 11.64
N SER P 85 -5.44 -3.91 10.83
CA SER P 85 -4.03 -4.17 11.13
C SER P 85 -3.23 -2.91 11.49
N SER P 86 -3.39 -1.81 10.72
CA SER P 86 -2.70 -0.53 10.94
C SER P 86 -3.64 0.58 10.50
N VAL P 87 -4.31 1.19 11.46
CA VAL P 87 -5.29 2.25 11.26
C VAL P 87 -4.73 3.48 10.51
N LYS P 88 -5.48 3.99 9.51
CA LYS P 88 -5.15 5.18 8.72
C LYS P 88 -6.11 6.26 9.16
N ALA P 89 -5.74 7.56 9.01
CA ALA P 89 -6.60 8.69 9.38
C ALA P 89 -7.98 8.60 8.76
N GLU P 90 -8.04 8.16 7.46
CA GLU P 90 -9.26 8.00 6.65
C GLU P 90 -10.21 6.94 7.21
N ASP P 91 -9.71 6.09 8.12
CA ASP P 91 -10.46 5.01 8.75
C ASP P 91 -11.37 5.50 9.85
N LEU P 92 -11.38 6.82 10.14
CA LEU P 92 -12.31 7.44 11.08
C LEU P 92 -13.72 7.23 10.51
N ALA P 93 -14.56 6.51 11.29
CA ALA P 93 -15.92 6.13 10.93
C ALA P 93 -16.53 5.32 12.05
N VAL P 94 -17.77 4.84 11.82
CA VAL P 94 -18.48 3.95 12.72
C VAL P 94 -18.69 2.69 11.97
N TYR P 95 -18.29 1.57 12.59
CA TYR P 95 -18.34 0.23 12.02
C TYR P 95 -19.49 -0.60 12.59
N TYR P 96 -20.41 -1.02 11.72
CA TYR P 96 -21.59 -1.76 12.14
C TYR P 96 -21.60 -3.15 11.58
N CYS P 97 -21.90 -4.14 12.40
CA CYS P 97 -22.08 -5.49 11.90
C CYS P 97 -23.60 -5.74 11.60
N GLN P 98 -23.92 -6.61 10.64
CA GLN P 98 -25.29 -6.86 10.24
C GLN P 98 -25.51 -8.34 9.98
N GLN P 99 -26.56 -8.91 10.56
CA GLN P 99 -26.90 -10.30 10.22
C GLN P 99 -27.90 -10.24 9.07
N TYR P 100 -27.68 -11.05 8.06
CA TYR P 100 -28.60 -11.05 6.95
C TYR P 100 -29.11 -12.48 6.70
N PHE P 101 -29.11 -13.28 7.80
CA PHE P 101 -29.59 -14.65 7.83
C PHE P 101 -31.11 -14.72 7.49
N ARG P 102 -31.94 -14.26 8.43
CA ARG P 102 -33.39 -14.13 8.29
C ARG P 102 -33.68 -12.72 8.74
N TYR P 103 -34.18 -11.92 7.78
CA TYR P 103 -34.39 -10.48 7.92
C TYR P 103 -32.98 -9.87 8.09
N ARG P 104 -32.87 -8.72 8.72
CA ARG P 104 -31.57 -8.05 8.93
C ARG P 104 -31.56 -7.36 10.27
N THR P 105 -30.42 -7.36 10.96
CA THR P 105 -30.27 -6.69 12.26
C THR P 105 -28.88 -6.13 12.36
N PHE P 106 -28.77 -4.80 12.55
CA PHE P 106 -27.48 -4.10 12.68
C PHE P 106 -27.12 -3.93 14.15
N GLY P 107 -25.85 -4.19 14.45
CA GLY P 107 -25.30 -4.03 15.80
C GLY P 107 -25.25 -2.56 16.20
N GLY P 108 -24.93 -2.34 17.48
CA GLY P 108 -24.84 -0.99 18.05
C GLY P 108 -23.85 -0.03 17.41
N GLY P 109 -22.90 -0.55 16.67
CA GLY P 109 -21.87 0.30 16.08
C GLY P 109 -20.73 0.56 17.04
N THR P 110 -19.51 0.51 16.48
CA THR P 110 -18.25 0.78 17.18
C THR P 110 -17.68 2.09 16.60
N LYS P 111 -17.69 3.19 17.40
CA LYS P 111 -17.16 4.46 16.93
C LYS P 111 -15.67 4.45 17.07
N LEU P 112 -14.95 4.54 15.93
CA LEU P 112 -13.47 4.57 15.95
C LEU P 112 -12.95 5.98 15.73
N GLU P 113 -12.35 6.55 16.79
CA GLU P 113 -11.75 7.89 16.77
C GLU P 113 -10.23 7.79 16.68
N ILE P 114 -9.60 8.83 16.11
CA ILE P 114 -8.16 8.88 15.88
C ILE P 114 -7.50 10.01 16.67
N LYS P 115 -6.36 9.70 17.30
CA LYS P 115 -5.56 10.70 18.02
C LYS P 115 -4.74 11.46 16.97
N SER P 116 -4.57 12.79 17.17
CA SER P 116 -3.77 13.70 16.33
C SER P 116 -3.02 14.67 17.23
N GLY Q 5 -39.17 -18.38 -21.33
CA GLY Q 5 -39.33 -19.81 -21.65
C GLY Q 5 -40.35 -20.58 -20.83
N GLU Q 6 -39.98 -21.83 -20.33
CA GLU Q 6 -40.77 -22.76 -19.47
C GLU Q 6 -39.91 -23.88 -18.90
N VAL Q 7 -40.14 -24.25 -17.63
CA VAL Q 7 -39.39 -25.34 -17.00
C VAL Q 7 -40.24 -26.61 -17.15
N CYS Q 8 -39.72 -27.58 -17.90
CA CYS Q 8 -40.47 -28.81 -18.13
C CYS Q 8 -39.88 -29.96 -17.41
N PRO Q 9 -40.66 -31.04 -17.19
CA PRO Q 9 -40.08 -32.24 -16.56
C PRO Q 9 -39.33 -33.08 -17.58
N GLY Q 10 -38.61 -34.06 -17.10
CA GLY Q 10 -37.89 -35.01 -17.94
C GLY Q 10 -38.84 -35.81 -18.83
N MET Q 11 -38.41 -36.05 -20.11
CA MET Q 11 -39.21 -36.68 -21.15
C MET Q 11 -38.55 -37.83 -21.86
N ASP Q 12 -39.38 -38.80 -22.26
CA ASP Q 12 -39.00 -39.94 -23.07
C ASP Q 12 -39.88 -39.84 -24.32
N ILE Q 13 -39.25 -39.67 -25.49
CA ILE Q 13 -39.95 -39.53 -26.77
C ILE Q 13 -39.52 -40.68 -27.67
N ARG Q 14 -40.49 -41.54 -28.03
CA ARG Q 14 -40.23 -42.72 -28.83
C ARG Q 14 -41.25 -42.96 -29.91
N ASN Q 15 -40.95 -43.92 -30.80
CA ASN Q 15 -41.78 -44.48 -31.89
C ASN Q 15 -42.08 -43.50 -33.04
N ASN Q 16 -42.72 -42.34 -32.72
CA ASN Q 16 -43.03 -41.33 -33.72
C ASN Q 16 -42.84 -39.90 -33.15
N LEU Q 17 -42.65 -38.94 -34.08
CA LEU Q 17 -42.34 -37.55 -33.78
C LEU Q 17 -43.46 -36.70 -33.19
N THR Q 18 -44.74 -37.11 -33.30
CA THR Q 18 -45.89 -36.32 -32.81
C THR Q 18 -45.67 -35.74 -31.39
N ARG Q 19 -45.20 -36.56 -30.44
CA ARG Q 19 -44.96 -36.14 -29.06
C ARG Q 19 -43.78 -35.17 -28.90
N LEU Q 20 -42.93 -35.03 -29.93
CA LEU Q 20 -41.78 -34.15 -29.87
C LEU Q 20 -42.16 -32.68 -29.74
N HIS Q 21 -43.36 -32.33 -30.18
CA HIS Q 21 -43.87 -30.98 -30.08
C HIS Q 21 -44.20 -30.58 -28.66
N GLU Q 22 -44.13 -31.52 -27.71
CA GLU Q 22 -44.31 -31.23 -26.29
C GLU Q 22 -43.15 -30.37 -25.75
N LEU Q 23 -42.00 -30.35 -26.45
CA LEU Q 23 -40.82 -29.55 -26.09
C LEU Q 23 -40.93 -28.11 -26.53
N GLU Q 24 -41.96 -27.78 -27.33
CA GLU Q 24 -42.28 -26.49 -27.94
C GLU Q 24 -41.87 -25.26 -27.13
N ASN Q 25 -42.19 -25.26 -25.81
CA ASN Q 25 -41.99 -24.08 -24.94
C ASN Q 25 -40.92 -24.24 -23.84
N CYS Q 26 -40.16 -25.34 -23.81
CA CYS Q 26 -39.15 -25.51 -22.76
C CYS Q 26 -37.89 -24.77 -23.02
N SER Q 27 -37.42 -24.04 -21.99
CA SER Q 27 -36.12 -23.40 -22.07
C SER Q 27 -35.19 -24.19 -21.17
N VAL Q 28 -35.76 -24.89 -20.16
CA VAL Q 28 -35.05 -25.75 -19.21
C VAL Q 28 -35.80 -27.07 -19.05
N ILE Q 29 -35.07 -28.20 -19.18
CA ILE Q 29 -35.64 -29.50 -18.89
C ILE Q 29 -35.09 -29.93 -17.54
N GLU Q 30 -35.97 -29.92 -16.54
CA GLU Q 30 -35.65 -30.30 -15.16
C GLU Q 30 -35.88 -31.79 -15.11
N GLY Q 31 -34.86 -32.48 -15.56
CA GLY Q 31 -34.83 -33.92 -15.68
C GLY Q 31 -33.99 -34.32 -16.87
N HIS Q 32 -34.28 -35.47 -17.49
CA HIS Q 32 -33.52 -35.93 -18.63
C HIS Q 32 -34.30 -35.80 -19.93
N LEU Q 33 -33.60 -35.96 -21.05
CA LEU Q 33 -34.24 -35.96 -22.35
C LEU Q 33 -33.80 -37.18 -23.12
N GLN Q 34 -34.74 -38.12 -23.35
CA GLN Q 34 -34.51 -39.33 -24.12
C GLN Q 34 -35.30 -39.27 -25.41
N ILE Q 35 -34.63 -39.29 -26.56
CA ILE Q 35 -35.28 -39.33 -27.87
C ILE Q 35 -34.75 -40.62 -28.48
N LEU Q 36 -35.66 -41.59 -28.70
CA LEU Q 36 -35.27 -42.91 -29.10
C LEU Q 36 -36.28 -43.69 -29.91
N LEU Q 37 -35.78 -44.77 -30.52
CA LEU Q 37 -36.51 -45.78 -31.23
C LEU Q 37 -37.51 -45.25 -32.24
N MET Q 38 -37.03 -44.48 -33.21
CA MET Q 38 -37.83 -43.95 -34.30
C MET Q 38 -37.30 -44.52 -35.58
N PHE Q 39 -37.89 -45.65 -35.99
CA PHE Q 39 -37.41 -46.41 -37.11
C PHE Q 39 -37.94 -46.02 -38.47
N LYS Q 40 -39.10 -45.34 -38.50
CA LYS Q 40 -39.75 -45.00 -39.75
C LYS Q 40 -39.55 -43.55 -40.17
N THR Q 41 -38.86 -42.75 -39.32
CA THR Q 41 -38.56 -41.34 -39.59
C THR Q 41 -37.49 -41.21 -40.68
N ARG Q 42 -37.63 -40.17 -41.52
CA ARG Q 42 -36.74 -39.86 -42.62
C ARG Q 42 -36.28 -38.38 -42.48
N PRO Q 43 -35.16 -37.94 -43.11
CA PRO Q 43 -34.73 -36.53 -42.97
C PRO Q 43 -35.80 -35.46 -43.20
N GLU Q 44 -36.69 -35.68 -44.17
CA GLU Q 44 -37.80 -34.76 -44.51
C GLU Q 44 -38.69 -34.46 -43.31
N ASP Q 45 -38.84 -35.44 -42.38
CA ASP Q 45 -39.64 -35.30 -41.17
C ASP Q 45 -39.02 -34.34 -40.15
N PHE Q 46 -37.72 -34.06 -40.31
CA PHE Q 46 -36.94 -33.19 -39.42
C PHE Q 46 -36.57 -31.83 -40.01
N ARG Q 47 -36.82 -31.63 -41.33
CA ARG Q 47 -36.40 -30.42 -42.04
C ARG Q 47 -36.87 -29.09 -41.37
N ASP Q 48 -38.15 -29.00 -40.93
CA ASP Q 48 -38.67 -27.79 -40.26
C ASP Q 48 -38.86 -27.97 -38.75
N LEU Q 49 -38.03 -28.79 -38.13
CA LEU Q 49 -38.10 -29.11 -36.72
C LEU Q 49 -36.97 -28.46 -35.96
N SER Q 50 -37.32 -27.54 -35.05
CA SER Q 50 -36.35 -26.78 -34.26
C SER Q 50 -36.87 -26.42 -32.88
N PHE Q 51 -36.00 -26.49 -31.85
CA PHE Q 51 -36.32 -26.14 -30.46
C PHE Q 51 -35.31 -25.14 -29.95
N PRO Q 52 -35.40 -23.89 -30.43
CA PRO Q 52 -34.38 -22.89 -30.06
C PRO Q 52 -34.50 -22.39 -28.63
N LYS Q 53 -35.65 -22.67 -27.99
CA LYS Q 53 -35.90 -22.26 -26.61
C LYS Q 53 -35.07 -23.07 -25.63
N LEU Q 54 -34.77 -24.33 -25.95
CA LEU Q 54 -33.99 -25.19 -25.06
C LEU Q 54 -32.54 -24.73 -24.88
N ILE Q 55 -32.21 -24.39 -23.63
CA ILE Q 55 -30.94 -23.88 -23.18
C ILE Q 55 -30.26 -24.87 -22.26
N MET Q 56 -31.02 -25.61 -21.48
CA MET Q 56 -30.42 -26.48 -20.50
C MET Q 56 -31.22 -27.72 -20.12
N ILE Q 57 -30.50 -28.84 -19.88
CA ILE Q 57 -31.03 -30.13 -19.41
C ILE Q 57 -30.34 -30.40 -18.08
N THR Q 58 -31.09 -30.61 -16.99
CA THR Q 58 -30.47 -30.75 -15.66
C THR Q 58 -29.84 -32.09 -15.44
N ASP Q 59 -30.35 -33.13 -16.09
CA ASP Q 59 -29.81 -34.48 -15.92
C ASP Q 59 -28.95 -34.87 -17.11
N TYR Q 60 -29.46 -35.70 -18.05
CA TYR Q 60 -28.72 -36.12 -19.22
C TYR Q 60 -29.50 -36.04 -20.56
N LEU Q 61 -28.77 -36.13 -21.68
CA LEU Q 61 -29.37 -36.19 -22.99
C LEU Q 61 -29.00 -37.53 -23.62
N LEU Q 62 -30.01 -38.35 -23.96
CA LEU Q 62 -29.83 -39.64 -24.60
C LEU Q 62 -30.55 -39.70 -25.96
N LEU Q 63 -29.82 -40.09 -27.01
CA LEU Q 63 -30.31 -40.27 -28.38
C LEU Q 63 -29.95 -41.67 -28.86
N PHE Q 64 -30.97 -42.49 -29.13
CA PHE Q 64 -30.79 -43.88 -29.52
C PHE Q 64 -31.70 -44.30 -30.66
N ARG Q 65 -31.14 -44.83 -31.75
CA ARG Q 65 -31.91 -45.36 -32.88
C ARG Q 65 -32.97 -44.42 -33.44
N VAL Q 66 -32.58 -43.18 -33.71
CA VAL Q 66 -33.45 -42.19 -34.34
C VAL Q 66 -33.03 -42.09 -35.83
N TYR Q 67 -33.80 -42.71 -36.67
CA TYR Q 67 -33.54 -42.80 -38.11
C TYR Q 67 -33.90 -41.48 -38.79
N GLY Q 68 -33.11 -41.10 -39.78
CA GLY Q 68 -33.34 -39.87 -40.53
C GLY Q 68 -32.76 -38.61 -39.92
N LEU Q 69 -32.29 -38.66 -38.68
CA LEU Q 69 -31.70 -37.49 -38.02
C LEU Q 69 -30.23 -37.43 -38.39
N GLU Q 70 -29.83 -36.36 -39.10
CA GLU Q 70 -28.46 -36.18 -39.63
C GLU Q 70 -27.57 -35.23 -38.84
N SER Q 71 -28.18 -34.32 -38.09
CA SER Q 71 -27.50 -33.32 -37.26
C SER Q 71 -28.45 -32.85 -36.18
N LEU Q 72 -27.90 -32.26 -35.13
CA LEU Q 72 -28.71 -31.70 -34.06
C LEU Q 72 -28.67 -30.19 -34.10
N LYS Q 73 -27.97 -29.61 -35.11
CA LYS Q 73 -27.78 -28.14 -35.27
C LYS Q 73 -29.09 -27.36 -35.38
N ASP Q 74 -30.12 -28.00 -35.94
CA ASP Q 74 -31.40 -27.36 -36.08
C ASP Q 74 -32.32 -27.73 -34.96
N LEU Q 75 -32.17 -28.94 -34.41
CA LEU Q 75 -33.00 -29.42 -33.32
C LEU Q 75 -32.74 -28.70 -32.01
N PHE Q 76 -31.47 -28.66 -31.57
CA PHE Q 76 -31.07 -28.02 -30.31
C PHE Q 76 -29.96 -26.99 -30.52
N PRO Q 77 -30.29 -25.89 -31.21
CA PRO Q 77 -29.25 -24.90 -31.53
C PRO Q 77 -28.69 -24.11 -30.35
N ASN Q 78 -29.51 -23.93 -29.32
CA ASN Q 78 -29.12 -23.12 -28.16
C ASN Q 78 -28.90 -23.92 -26.87
N LEU Q 79 -28.84 -25.26 -26.96
CA LEU Q 79 -28.58 -26.08 -25.78
C LEU Q 79 -27.15 -25.78 -25.38
N THR Q 80 -26.99 -25.17 -24.19
CA THR Q 80 -25.72 -24.65 -23.68
C THR Q 80 -25.12 -25.49 -22.58
N VAL Q 81 -25.97 -25.96 -21.64
CA VAL Q 81 -25.51 -26.72 -20.47
C VAL Q 81 -26.29 -28.00 -20.27
N ILE Q 82 -25.56 -29.11 -19.97
CA ILE Q 82 -26.11 -30.37 -19.50
C ILE Q 82 -25.52 -30.48 -18.09
N ARG Q 83 -26.34 -30.27 -17.06
CA ARG Q 83 -25.86 -30.25 -15.67
C ARG Q 83 -25.40 -31.61 -15.13
N GLY Q 84 -26.01 -32.68 -15.60
CA GLY Q 84 -25.68 -34.02 -15.16
C GLY Q 84 -25.94 -34.29 -13.69
N SER Q 85 -27.02 -33.70 -13.10
CA SER Q 85 -27.41 -33.91 -11.69
C SER Q 85 -27.65 -35.39 -11.47
N ARG Q 86 -28.31 -36.03 -12.45
CA ARG Q 86 -28.59 -37.46 -12.50
C ARG Q 86 -28.09 -37.92 -13.88
N LEU Q 87 -27.32 -39.03 -13.92
CA LEU Q 87 -26.67 -39.53 -15.15
C LEU Q 87 -27.12 -40.90 -15.62
N PHE Q 88 -27.00 -41.13 -16.96
CA PHE Q 88 -27.29 -42.41 -17.60
C PHE Q 88 -26.01 -43.23 -17.71
N PHE Q 89 -25.82 -44.24 -16.84
CA PHE Q 89 -24.61 -45.07 -16.83
C PHE Q 89 -23.31 -44.26 -16.66
N ASN Q 90 -23.39 -43.13 -15.94
CA ASN Q 90 -22.33 -42.16 -15.63
C ASN Q 90 -22.05 -41.15 -16.78
N TYR Q 91 -22.98 -41.08 -17.74
CA TYR Q 91 -22.91 -40.18 -18.87
C TYR Q 91 -23.96 -39.11 -18.83
N ALA Q 92 -23.57 -37.90 -19.23
CA ALA Q 92 -24.51 -36.81 -19.34
C ALA Q 92 -24.94 -36.69 -20.82
N LEU Q 93 -24.14 -37.26 -21.75
CA LEU Q 93 -24.50 -37.25 -23.16
C LEU Q 93 -24.28 -38.64 -23.75
N VAL Q 94 -25.35 -39.23 -24.37
CA VAL Q 94 -25.35 -40.58 -24.96
C VAL Q 94 -25.90 -40.53 -26.38
N ILE Q 95 -25.05 -40.84 -27.37
CA ILE Q 95 -25.41 -40.88 -28.79
C ILE Q 95 -25.05 -42.29 -29.22
N PHE Q 96 -26.06 -43.13 -29.37
CA PHE Q 96 -25.86 -44.55 -29.60
C PHE Q 96 -26.76 -45.10 -30.67
N GLU Q 97 -26.13 -45.79 -31.62
CA GLU Q 97 -26.81 -46.42 -32.75
C GLU Q 97 -27.73 -45.40 -33.47
N MET Q 98 -27.21 -44.17 -33.68
CA MET Q 98 -27.87 -43.11 -34.44
C MET Q 98 -27.35 -43.28 -35.86
N VAL Q 99 -28.01 -44.20 -36.57
CA VAL Q 99 -27.65 -44.71 -37.87
C VAL Q 99 -27.45 -43.65 -38.99
N HIS Q 100 -28.12 -42.49 -38.90
CA HIS Q 100 -27.97 -41.51 -39.98
C HIS Q 100 -27.31 -40.20 -39.58
N LEU Q 101 -26.90 -40.09 -38.30
CA LEU Q 101 -26.26 -38.90 -37.78
C LEU Q 101 -24.89 -38.69 -38.39
N LYS Q 102 -24.70 -37.55 -39.05
CA LYS Q 102 -23.47 -37.18 -39.74
C LYS Q 102 -22.56 -36.28 -38.91
N GLU Q 103 -23.14 -35.51 -38.01
CA GLU Q 103 -22.43 -34.60 -37.11
C GLU Q 103 -23.30 -34.39 -35.86
N LEU Q 104 -22.72 -33.87 -34.78
CA LEU Q 104 -23.52 -33.53 -33.60
C LEU Q 104 -24.17 -32.16 -33.86
N GLY Q 105 -23.34 -31.14 -34.09
CA GLY Q 105 -23.82 -29.80 -34.38
C GLY Q 105 -24.43 -29.04 -33.22
N LEU Q 106 -24.13 -29.43 -31.97
CA LEU Q 106 -24.63 -28.75 -30.77
C LEU Q 106 -23.70 -27.55 -30.47
N TYR Q 107 -23.58 -26.64 -31.46
CA TYR Q 107 -22.65 -25.51 -31.49
C TYR Q 107 -22.75 -24.53 -30.30
N ASN Q 108 -23.78 -24.68 -29.45
CA ASN Q 108 -23.89 -23.85 -28.25
C ASN Q 108 -23.58 -24.62 -26.95
N LEU Q 109 -23.20 -25.90 -27.04
CA LEU Q 109 -22.89 -26.69 -25.85
C LEU Q 109 -21.51 -26.30 -25.27
N MET Q 110 -21.52 -25.63 -24.10
CA MET Q 110 -20.30 -25.10 -23.47
C MET Q 110 -19.85 -25.87 -22.26
N ASN Q 111 -20.78 -26.48 -21.55
CA ASN Q 111 -20.44 -27.15 -20.32
C ASN Q 111 -21.35 -28.33 -20.00
N ILE Q 112 -20.72 -29.44 -19.62
CA ILE Q 112 -21.35 -30.65 -19.09
C ILE Q 112 -20.79 -30.66 -17.68
N THR Q 113 -21.61 -30.19 -16.74
CA THR Q 113 -21.22 -29.91 -15.36
C THR Q 113 -20.80 -31.13 -14.58
N ARG Q 114 -21.36 -32.28 -14.89
CA ARG Q 114 -21.06 -33.51 -14.19
C ARG Q 114 -21.33 -34.67 -15.15
N GLY Q 115 -20.50 -35.72 -15.11
CA GLY Q 115 -20.64 -36.88 -15.97
C GLY Q 115 -19.80 -36.81 -17.22
N SER Q 116 -19.78 -37.90 -18.01
CA SER Q 116 -18.99 -38.03 -19.23
C SER Q 116 -19.82 -38.13 -20.51
N VAL Q 117 -19.15 -38.41 -21.64
CA VAL Q 117 -19.79 -38.52 -22.96
C VAL Q 117 -19.63 -39.93 -23.56
N ARG Q 118 -20.70 -40.51 -24.11
CA ARG Q 118 -20.62 -41.80 -24.79
C ARG Q 118 -21.21 -41.66 -26.19
N ILE Q 119 -20.37 -41.73 -27.22
CA ILE Q 119 -20.77 -41.63 -28.62
C ILE Q 119 -20.26 -42.90 -29.30
N GLU Q 120 -21.17 -43.84 -29.55
CA GLU Q 120 -20.79 -45.13 -30.04
C GLU Q 120 -21.74 -45.70 -31.08
N LYS Q 121 -21.17 -46.40 -32.09
CA LYS Q 121 -21.90 -47.15 -33.12
C LYS Q 121 -22.77 -46.26 -34.01
N ASN Q 122 -22.23 -45.09 -34.37
CA ASN Q 122 -22.89 -44.13 -35.26
C ASN Q 122 -22.10 -44.10 -36.55
N ASN Q 123 -22.47 -44.98 -37.46
CA ASN Q 123 -21.73 -45.28 -38.69
C ASN Q 123 -21.59 -44.13 -39.67
N GLU Q 124 -22.35 -43.04 -39.52
CA GLU Q 124 -22.18 -41.92 -40.45
C GLU Q 124 -21.56 -40.69 -39.78
N LEU Q 125 -21.25 -40.81 -38.48
CA LEU Q 125 -20.81 -39.71 -37.64
C LEU Q 125 -19.38 -39.21 -37.80
N CYS Q 126 -19.30 -37.94 -38.20
CA CYS Q 126 -18.10 -37.17 -38.37
C CYS Q 126 -18.16 -35.94 -37.47
N TYR Q 127 -17.18 -35.03 -37.61
CA TYR Q 127 -17.06 -33.79 -36.82
C TYR Q 127 -17.03 -34.11 -35.33
N LEU Q 128 -16.26 -35.17 -34.99
CA LEU Q 128 -16.04 -35.64 -33.63
C LEU Q 128 -14.62 -35.29 -33.21
N ALA Q 129 -13.66 -35.50 -34.14
CA ALA Q 129 -12.24 -35.21 -33.97
C ALA Q 129 -12.02 -33.70 -33.83
N THR Q 130 -12.95 -32.90 -34.39
CA THR Q 130 -12.94 -31.44 -34.40
C THR Q 130 -13.50 -30.85 -33.11
N ILE Q 131 -13.99 -31.69 -32.19
CA ILE Q 131 -14.52 -31.22 -30.92
C ILE Q 131 -13.46 -31.38 -29.83
N ASP Q 132 -13.13 -30.27 -29.15
CA ASP Q 132 -12.23 -30.26 -28.01
C ASP Q 132 -13.09 -30.32 -26.76
N TRP Q 133 -13.36 -31.54 -26.30
CA TRP Q 133 -14.19 -31.81 -25.15
C TRP Q 133 -13.59 -31.28 -23.85
N SER Q 134 -12.28 -31.05 -23.79
CA SER Q 134 -11.61 -30.51 -22.60
C SER Q 134 -12.14 -29.11 -22.21
N ARG Q 135 -12.69 -28.40 -23.18
CA ARG Q 135 -13.28 -27.08 -22.98
C ARG Q 135 -14.75 -27.14 -22.48
N ILE Q 136 -15.35 -28.36 -22.49
CA ILE Q 136 -16.74 -28.65 -22.11
C ILE Q 136 -16.86 -29.48 -20.80
N LEU Q 137 -15.98 -30.47 -20.60
CA LEU Q 137 -15.94 -31.34 -19.42
C LEU Q 137 -14.58 -31.28 -18.78
N ASP Q 138 -14.56 -31.44 -17.46
CA ASP Q 138 -13.30 -31.54 -16.72
C ASP Q 138 -12.74 -32.94 -16.91
N SER Q 139 -13.63 -33.97 -16.90
CA SER Q 139 -13.32 -35.39 -17.04
C SER Q 139 -13.58 -35.92 -18.45
N VAL Q 140 -12.53 -35.92 -19.29
CA VAL Q 140 -12.62 -36.42 -20.67
C VAL Q 140 -11.98 -37.81 -20.78
N GLU Q 141 -11.24 -38.19 -19.73
CA GLU Q 141 -10.56 -39.47 -19.64
C GLU Q 141 -11.58 -40.60 -19.66
N ASP Q 142 -12.81 -40.31 -19.14
CA ASP Q 142 -13.92 -41.26 -19.03
C ASP Q 142 -14.91 -41.22 -20.20
N ASN Q 143 -14.61 -40.41 -21.23
CA ASN Q 143 -15.40 -40.35 -22.46
C ASN Q 143 -15.21 -41.63 -23.24
N HIS Q 144 -16.27 -42.13 -23.86
CA HIS Q 144 -16.15 -43.34 -24.64
C HIS Q 144 -16.68 -43.06 -26.03
N ILE Q 145 -15.77 -42.69 -26.95
CA ILE Q 145 -16.15 -42.30 -28.30
C ILE Q 145 -15.49 -43.23 -29.29
N VAL Q 146 -16.22 -44.28 -29.69
CA VAL Q 146 -15.72 -45.35 -30.55
C VAL Q 146 -16.77 -45.86 -31.55
N LEU Q 147 -16.32 -46.65 -32.53
CA LEU Q 147 -17.15 -47.28 -33.54
C LEU Q 147 -18.04 -46.30 -34.32
N ASN Q 148 -17.46 -45.13 -34.69
CA ASN Q 148 -18.13 -44.12 -35.49
C ASN Q 148 -17.43 -44.02 -36.86
N LYS Q 149 -18.00 -43.29 -37.83
CA LYS Q 149 -17.41 -43.18 -39.18
C LYS Q 149 -15.96 -42.75 -39.11
N ASP Q 150 -15.64 -41.78 -38.20
CA ASP Q 150 -14.29 -41.26 -37.99
C ASP Q 150 -13.24 -42.37 -37.69
N ASP Q 151 -13.66 -43.50 -37.07
CA ASP Q 151 -12.80 -44.66 -36.74
C ASP Q 151 -12.51 -45.47 -38.01
N GLU Q 154 -10.87 -41.04 -43.50
CA GLU Q 154 -12.26 -41.45 -43.31
C GLU Q 154 -13.25 -40.27 -43.41
N CYS Q 155 -13.15 -39.29 -42.47
CA CYS Q 155 -13.98 -38.08 -42.42
C CYS Q 155 -13.14 -36.94 -42.95
N GLY Q 156 -13.73 -36.14 -43.83
CA GLY Q 156 -13.09 -34.95 -44.37
C GLY Q 156 -13.59 -33.76 -43.58
N ASP Q 157 -13.23 -33.70 -42.29
CA ASP Q 157 -13.76 -32.69 -41.41
C ASP Q 157 -13.24 -31.29 -41.79
N ILE Q 158 -14.00 -30.58 -42.64
CA ILE Q 158 -13.61 -29.23 -43.07
C ILE Q 158 -14.30 -28.16 -42.23
N CYS Q 159 -13.50 -27.39 -41.50
CA CYS Q 159 -14.00 -26.32 -40.64
C CYS Q 159 -14.17 -24.99 -41.38
N PRO Q 160 -15.07 -24.09 -40.89
CA PRO Q 160 -15.21 -22.78 -41.54
C PRO Q 160 -13.93 -21.91 -41.49
N GLY Q 161 -13.76 -21.09 -42.52
CA GLY Q 161 -12.57 -20.28 -42.65
C GLY Q 161 -11.70 -20.83 -43.77
N THR Q 162 -11.71 -22.20 -43.92
CA THR Q 162 -11.00 -22.95 -44.98
C THR Q 162 -11.59 -22.58 -46.38
N ALA Q 163 -12.95 -22.67 -46.53
CA ALA Q 163 -13.71 -22.29 -47.74
C ALA Q 163 -13.47 -20.81 -48.13
N LYS Q 164 -13.15 -19.93 -47.13
CA LYS Q 164 -12.88 -18.48 -47.24
C LYS Q 164 -11.41 -18.13 -47.59
N GLY Q 165 -10.48 -18.32 -46.65
CA GLY Q 165 -9.06 -18.00 -46.81
C GLY Q 165 -8.22 -18.37 -45.59
N LYS Q 166 -8.13 -17.44 -44.60
CA LYS Q 166 -7.42 -17.64 -43.33
C LYS Q 166 -8.31 -18.54 -42.47
N THR Q 167 -7.74 -19.25 -41.48
CA THR Q 167 -8.58 -20.10 -40.63
C THR Q 167 -9.29 -19.18 -39.59
N ASN Q 168 -10.60 -18.99 -39.82
CA ASN Q 168 -11.49 -18.16 -39.01
C ASN Q 168 -12.02 -18.96 -37.82
N CYS Q 169 -11.54 -20.23 -37.67
CA CYS Q 169 -11.93 -21.15 -36.61
C CYS Q 169 -10.87 -21.26 -35.49
N PRO Q 170 -11.27 -21.34 -34.20
CA PRO Q 170 -10.27 -21.45 -33.11
C PRO Q 170 -9.50 -22.76 -33.16
N ALA Q 171 -8.21 -22.73 -32.80
CA ALA Q 171 -7.38 -23.93 -32.80
C ALA Q 171 -6.78 -24.23 -31.45
N THR Q 172 -6.94 -25.49 -30.98
CA THR Q 172 -6.41 -25.95 -29.69
C THR Q 172 -5.55 -27.21 -29.89
N VAL Q 173 -4.81 -27.60 -28.84
CA VAL Q 173 -3.94 -28.76 -28.84
C VAL Q 173 -4.66 -30.01 -28.30
N GLY Q 176 -0.49 -33.04 -28.57
CA GLY Q 176 0.63 -32.31 -29.16
C GLY Q 176 0.37 -31.60 -30.47
N GLN Q 177 -0.74 -31.96 -31.14
CA GLN Q 177 -1.13 -31.40 -32.42
C GLN Q 177 -2.18 -30.28 -32.28
N PHE Q 178 -1.88 -29.10 -32.87
CA PHE Q 178 -2.77 -27.94 -32.93
C PHE Q 178 -3.77 -28.20 -34.07
N VAL Q 179 -5.07 -28.17 -33.74
CA VAL Q 179 -6.15 -28.50 -34.67
C VAL Q 179 -7.30 -27.50 -34.53
N GLU Q 180 -7.86 -27.04 -35.68
CA GLU Q 180 -9.01 -26.14 -35.66
C GLU Q 180 -10.28 -26.88 -35.20
N ARG Q 181 -11.07 -26.21 -34.37
CA ARG Q 181 -12.22 -26.80 -33.69
C ARG Q 181 -13.55 -26.27 -34.13
N CYS Q 182 -14.40 -27.19 -34.56
CA CYS Q 182 -15.72 -26.87 -35.06
C CYS Q 182 -16.70 -28.02 -34.86
N TRP Q 183 -18.00 -27.68 -34.93
CA TRP Q 183 -19.14 -28.59 -34.78
C TRP Q 183 -19.67 -29.04 -36.12
N THR Q 184 -19.61 -28.16 -37.15
CA THR Q 184 -20.05 -28.37 -38.53
C THR Q 184 -19.13 -27.62 -39.49
N HIS Q 185 -19.39 -27.74 -40.79
CA HIS Q 185 -18.64 -27.01 -41.83
C HIS Q 185 -18.87 -25.50 -41.71
N SER Q 186 -20.00 -25.08 -41.08
CA SER Q 186 -20.36 -23.67 -40.92
C SER Q 186 -20.33 -23.14 -39.47
N HIS Q 187 -20.13 -24.02 -38.46
CA HIS Q 187 -20.12 -23.60 -37.05
C HIS Q 187 -18.85 -23.94 -36.29
N CYS Q 188 -18.14 -22.91 -35.82
CA CYS Q 188 -16.93 -23.08 -35.01
C CYS Q 188 -17.29 -23.47 -33.57
N GLN Q 189 -16.30 -23.98 -32.83
CA GLN Q 189 -16.46 -24.25 -31.40
C GLN Q 189 -16.04 -22.93 -30.71
N LYS Q 190 -16.89 -22.37 -29.85
CA LYS Q 190 -16.57 -21.13 -29.12
C LYS Q 190 -15.58 -21.46 -28.01
N VAL Q 191 -14.50 -20.67 -27.89
CA VAL Q 191 -13.49 -20.81 -26.84
C VAL Q 191 -13.29 -19.46 -26.18
N CYS Q 192 -13.33 -19.42 -24.84
CA CYS Q 192 -13.16 -18.18 -24.08
C CYS Q 192 -11.76 -18.07 -23.48
N PRO Q 193 -11.29 -16.82 -23.15
CA PRO Q 193 -9.99 -16.70 -22.47
C PRO Q 193 -10.01 -17.46 -21.15
N THR Q 194 -8.84 -17.97 -20.74
CA THR Q 194 -8.63 -18.77 -19.53
C THR Q 194 -9.26 -18.13 -18.28
N ILE Q 195 -9.06 -16.79 -18.13
CA ILE Q 195 -9.59 -15.98 -17.02
C ILE Q 195 -11.12 -16.04 -16.89
N CYS Q 196 -11.83 -16.32 -18.00
CA CYS Q 196 -13.30 -16.43 -17.98
C CYS Q 196 -13.75 -17.70 -17.32
N LYS Q 197 -12.84 -18.69 -17.25
CA LYS Q 197 -13.12 -20.00 -16.67
C LYS Q 197 -14.37 -20.59 -17.33
N SER Q 198 -15.28 -21.16 -16.54
CA SER Q 198 -16.52 -21.78 -17.02
C SER Q 198 -17.65 -20.79 -17.32
N HIS Q 199 -17.50 -19.50 -16.91
CA HIS Q 199 -18.49 -18.43 -16.97
C HIS Q 199 -18.95 -18.03 -18.34
N GLY Q 200 -18.08 -18.17 -19.32
CA GLY Q 200 -18.41 -17.77 -20.68
C GLY Q 200 -17.99 -16.34 -20.92
N CYS Q 201 -18.19 -15.88 -22.16
CA CYS Q 201 -17.79 -14.57 -22.60
C CYS Q 201 -18.60 -14.08 -23.80
N THR Q 202 -18.51 -12.79 -24.08
CA THR Q 202 -19.16 -12.19 -25.23
C THR Q 202 -18.27 -12.47 -26.46
N ALA Q 203 -18.76 -12.18 -27.68
CA ALA Q 203 -18.03 -12.37 -28.94
C ALA Q 203 -16.69 -11.61 -28.93
N GLU Q 204 -16.67 -10.47 -28.21
CA GLU Q 204 -15.53 -9.56 -28.07
C GLU Q 204 -14.48 -10.08 -27.06
N GLY Q 205 -14.81 -11.16 -26.37
CA GLY Q 205 -13.93 -11.82 -25.41
C GLY Q 205 -14.11 -11.43 -23.97
N LEU Q 206 -15.06 -10.50 -23.69
CA LEU Q 206 -15.37 -9.98 -22.35
C LEU Q 206 -16.07 -11.03 -21.52
N CYS Q 207 -15.52 -11.32 -20.32
CA CYS Q 207 -16.05 -12.31 -19.40
C CYS Q 207 -17.45 -11.99 -18.91
N CYS Q 208 -18.23 -13.05 -18.82
CA CYS Q 208 -19.57 -13.05 -18.26
C CYS Q 208 -19.39 -12.93 -16.77
N HIS Q 209 -20.49 -12.71 -16.04
CA HIS Q 209 -20.46 -12.63 -14.60
C HIS Q 209 -20.00 -13.95 -13.98
N SER Q 210 -19.35 -13.87 -12.80
CA SER Q 210 -18.83 -14.98 -11.99
C SER Q 210 -19.89 -16.03 -11.66
N GLU Q 211 -21.20 -15.65 -11.67
CA GLU Q 211 -22.34 -16.50 -11.35
C GLU Q 211 -22.97 -17.17 -12.57
N CYS Q 212 -22.53 -16.78 -13.82
CA CYS Q 212 -22.98 -17.38 -15.09
C CYS Q 212 -22.28 -18.70 -15.35
N LEU Q 213 -22.85 -19.42 -16.33
CA LEU Q 213 -22.30 -20.67 -16.83
C LEU Q 213 -22.47 -20.68 -18.36
N GLY Q 214 -21.37 -20.92 -19.07
CA GLY Q 214 -21.30 -21.03 -20.53
C GLY Q 214 -21.42 -19.77 -21.39
N ASN Q 215 -22.45 -18.95 -21.14
CA ASN Q 215 -22.70 -17.75 -21.96
C ASN Q 215 -23.60 -16.74 -21.22
N CYS Q 216 -23.69 -15.52 -21.76
CA CYS Q 216 -24.48 -14.39 -21.26
C CYS Q 216 -24.76 -13.39 -22.39
N SER Q 217 -25.83 -12.58 -22.25
CA SER Q 217 -26.20 -11.54 -23.22
C SER Q 217 -25.42 -10.23 -23.03
N GLN Q 218 -24.86 -10.01 -21.83
CA GLN Q 218 -24.05 -8.84 -21.49
C GLN Q 218 -22.99 -9.24 -20.45
N PRO Q 219 -21.80 -8.62 -20.50
CA PRO Q 219 -20.75 -8.97 -19.53
C PRO Q 219 -21.03 -8.43 -18.13
N ASP Q 220 -20.49 -9.13 -17.13
CA ASP Q 220 -20.52 -8.78 -15.71
C ASP Q 220 -21.93 -8.42 -15.17
N ASP Q 221 -22.94 -9.22 -15.53
CA ASP Q 221 -24.32 -9.02 -15.06
C ASP Q 221 -24.98 -10.38 -14.78
N PRO Q 222 -25.36 -10.63 -13.50
CA PRO Q 222 -25.93 -11.94 -13.13
C PRO Q 222 -27.39 -12.14 -13.51
N THR Q 223 -27.99 -11.13 -14.18
CA THR Q 223 -29.37 -11.18 -14.65
C THR Q 223 -29.33 -11.38 -16.18
N LYS Q 224 -28.12 -11.44 -16.75
CA LYS Q 224 -27.94 -11.59 -18.19
C LYS Q 224 -27.35 -12.96 -18.61
N CYS Q 225 -27.32 -13.92 -17.66
CA CYS Q 225 -26.81 -15.27 -17.86
C CYS Q 225 -27.72 -16.09 -18.72
N VAL Q 226 -27.11 -17.00 -19.51
CA VAL Q 226 -27.85 -17.97 -20.30
C VAL Q 226 -28.20 -19.10 -19.34
N ALA Q 227 -27.29 -19.41 -18.39
CA ALA Q 227 -27.49 -20.42 -17.36
C ALA Q 227 -26.62 -20.08 -16.16
N CYS Q 228 -26.95 -20.61 -14.97
CA CYS Q 228 -26.23 -20.29 -13.71
C CYS Q 228 -25.21 -21.31 -13.30
N ARG Q 229 -24.11 -20.85 -12.68
CA ARG Q 229 -23.05 -21.70 -12.16
C ARG Q 229 -23.58 -22.44 -10.91
N ASN Q 230 -24.37 -21.72 -10.08
CA ASN Q 230 -24.93 -22.27 -8.86
C ASN Q 230 -26.46 -22.41 -8.91
N PHE Q 231 -27.16 -21.39 -8.39
CA PHE Q 231 -28.61 -21.40 -8.29
C PHE Q 231 -29.25 -20.29 -9.03
N TYR Q 232 -30.54 -20.48 -9.37
CA TYR Q 232 -31.34 -19.50 -10.08
C TYR Q 232 -32.47 -19.06 -9.20
N LEU Q 233 -32.71 -17.76 -9.17
CA LEU Q 233 -33.77 -17.16 -8.39
C LEU Q 233 -34.10 -15.78 -8.95
N ASP Q 234 -35.38 -15.51 -9.12
CA ASP Q 234 -35.96 -14.26 -9.59
C ASP Q 234 -35.18 -13.63 -10.76
N GLY Q 235 -34.82 -14.47 -11.75
CA GLY Q 235 -34.14 -14.09 -12.98
C GLY Q 235 -32.66 -13.79 -12.84
N ARG Q 236 -32.12 -14.16 -11.68
CA ARG Q 236 -30.73 -13.87 -11.30
C ARG Q 236 -30.02 -15.10 -10.86
N CYS Q 237 -28.72 -15.16 -11.14
CA CYS Q 237 -27.87 -16.25 -10.72
C CYS Q 237 -27.29 -15.93 -9.39
N VAL Q 238 -27.68 -16.74 -8.41
CA VAL Q 238 -27.29 -16.56 -7.02
C VAL Q 238 -26.33 -17.66 -6.60
N GLU Q 239 -25.51 -17.37 -5.59
CA GLU Q 239 -24.51 -18.29 -5.05
C GLU Q 239 -25.18 -19.34 -4.16
N THR Q 240 -26.22 -18.93 -3.38
CA THR Q 240 -26.98 -19.78 -2.47
C THR Q 240 -28.43 -19.36 -2.45
N CYS Q 241 -29.38 -20.28 -2.14
CA CYS Q 241 -30.78 -19.89 -1.94
C CYS Q 241 -30.86 -19.40 -0.54
N PRO Q 242 -31.14 -18.11 -0.31
CA PRO Q 242 -31.17 -17.62 1.06
C PRO Q 242 -32.49 -17.95 1.74
N PRO Q 243 -32.51 -18.04 3.09
CA PRO Q 243 -33.80 -18.21 3.78
C PRO Q 243 -34.75 -17.05 3.39
N PRO Q 244 -36.06 -17.28 3.09
CA PRO Q 244 -36.86 -18.51 3.25
C PRO Q 244 -36.97 -19.42 2.04
N TYR Q 245 -36.01 -19.35 1.11
CA TYR Q 245 -36.03 -20.19 -0.09
C TYR Q 245 -35.23 -21.46 0.10
N TYR Q 246 -35.64 -22.49 -0.64
CA TYR Q 246 -35.06 -23.81 -0.56
C TYR Q 246 -34.46 -24.19 -1.88
N HIS Q 247 -33.31 -24.91 -1.82
CA HIS Q 247 -32.65 -25.36 -3.01
C HIS Q 247 -33.49 -26.54 -3.57
N PHE Q 248 -33.70 -26.52 -4.87
CA PHE Q 248 -34.49 -27.54 -5.52
C PHE Q 248 -33.82 -28.03 -6.78
N GLN Q 249 -33.70 -29.36 -6.90
CA GLN Q 249 -33.14 -30.05 -8.06
C GLN Q 249 -31.69 -29.61 -8.39
N ASP Q 250 -30.97 -29.14 -7.34
CA ASP Q 250 -29.58 -28.67 -7.41
C ASP Q 250 -29.36 -27.48 -8.41
N TRP Q 251 -30.44 -26.75 -8.78
CA TRP Q 251 -30.26 -25.64 -9.72
C TRP Q 251 -31.16 -24.39 -9.45
N ARG Q 252 -32.30 -24.56 -8.77
CA ARG Q 252 -33.16 -23.41 -8.54
C ARG Q 252 -33.64 -23.26 -7.10
N CYS Q 253 -34.21 -22.09 -6.80
CA CYS Q 253 -34.72 -21.73 -5.50
C CYS Q 253 -36.22 -21.70 -5.54
N VAL Q 254 -36.82 -22.41 -4.58
CA VAL Q 254 -38.27 -22.49 -4.45
C VAL Q 254 -38.72 -22.08 -3.04
N ASN Q 255 -39.98 -21.60 -2.91
CA ASN Q 255 -40.51 -21.22 -1.60
C ASN Q 255 -41.18 -22.44 -0.96
N PHE Q 256 -41.54 -22.32 0.33
CA PHE Q 256 -42.17 -23.40 1.07
C PHE Q 256 -43.47 -23.88 0.41
N SER Q 257 -44.29 -22.93 -0.07
CA SER Q 257 -45.57 -23.16 -0.72
C SER Q 257 -45.49 -24.13 -1.89
N PHE Q 258 -44.54 -23.89 -2.80
CA PHE Q 258 -44.23 -24.71 -3.98
C PHE Q 258 -43.92 -26.15 -3.57
N CYS Q 259 -42.98 -26.28 -2.62
CA CYS Q 259 -42.52 -27.53 -2.09
C CYS Q 259 -43.67 -28.29 -1.41
N GLN Q 260 -44.55 -27.55 -0.73
CA GLN Q 260 -45.73 -28.10 -0.06
C GLN Q 260 -46.76 -28.62 -1.08
N ASP Q 261 -47.00 -27.85 -2.15
CA ASP Q 261 -47.95 -28.21 -3.19
C ASP Q 261 -47.50 -29.41 -4.02
N LEU Q 262 -46.19 -29.73 -4.05
CA LEU Q 262 -45.68 -30.93 -4.71
C LEU Q 262 -46.04 -32.11 -3.80
N HIS Q 263 -45.76 -31.95 -2.49
CA HIS Q 263 -46.01 -32.98 -1.47
C HIS Q 263 -47.49 -33.44 -1.46
N HIS Q 264 -48.44 -32.48 -1.47
CA HIS Q 264 -49.87 -32.72 -1.42
C HIS Q 264 -50.48 -33.13 -2.74
N LYS Q 265 -49.83 -32.78 -3.87
CA LYS Q 265 -50.28 -33.22 -5.20
C LYS Q 265 -50.04 -34.74 -5.27
N CYS Q 266 -48.94 -35.21 -4.65
CA CYS Q 266 -48.56 -36.62 -4.62
C CYS Q 266 -49.41 -37.44 -3.69
N LYS Q 267 -49.47 -37.03 -2.40
CA LYS Q 267 -50.23 -37.63 -1.28
C LYS Q 267 -51.67 -37.98 -1.70
N ASN Q 268 -52.36 -37.05 -2.41
CA ASN Q 268 -53.75 -37.20 -2.90
C ASN Q 268 -53.93 -38.32 -3.92
N SER Q 269 -53.37 -38.13 -5.13
CA SER Q 269 -53.43 -39.05 -6.26
C SER Q 269 -52.87 -40.43 -5.94
N ARG Q 270 -51.72 -40.50 -5.22
CA ARG Q 270 -50.96 -41.73 -4.89
C ARG Q 270 -50.57 -42.43 -6.22
N ARG Q 271 -50.00 -41.60 -7.13
CA ARG Q 271 -49.54 -41.94 -8.47
C ARG Q 271 -48.17 -42.60 -8.40
N GLN Q 272 -47.90 -43.48 -9.37
CA GLN Q 272 -46.63 -44.20 -9.55
C GLN Q 272 -45.51 -43.23 -10.05
N GLY Q 273 -44.31 -43.34 -9.45
CA GLY Q 273 -43.12 -42.54 -9.78
C GLY Q 273 -43.04 -41.19 -9.11
N CYS Q 274 -44.12 -40.84 -8.38
CA CYS Q 274 -44.33 -39.59 -7.65
C CYS Q 274 -43.75 -39.62 -6.21
N HIS Q 275 -43.21 -38.48 -5.77
CA HIS Q 275 -42.63 -38.34 -4.43
C HIS Q 275 -43.34 -37.30 -3.59
N GLN Q 276 -43.49 -37.60 -2.29
CA GLN Q 276 -44.06 -36.69 -1.31
C GLN Q 276 -42.87 -35.92 -0.75
N TYR Q 277 -42.61 -34.72 -1.33
CA TYR Q 277 -41.47 -33.88 -1.06
C TYR Q 277 -41.35 -33.41 0.39
N VAL Q 278 -40.09 -33.29 0.86
CA VAL Q 278 -39.75 -32.90 2.23
C VAL Q 278 -38.66 -31.81 2.29
N ILE Q 279 -38.51 -31.15 3.44
CA ILE Q 279 -37.49 -30.14 3.67
C ILE Q 279 -36.38 -30.77 4.51
N HIS Q 280 -35.12 -30.66 4.06
CA HIS Q 280 -33.95 -31.14 4.80
C HIS Q 280 -32.72 -30.35 4.37
N ASN Q 281 -31.94 -29.83 5.32
CA ASN Q 281 -30.72 -29.06 5.06
C ASN Q 281 -30.92 -27.96 3.98
N ASN Q 282 -32.02 -27.18 4.11
CA ASN Q 282 -32.41 -26.07 3.23
C ASN Q 282 -32.64 -26.51 1.76
N LYS Q 283 -33.08 -27.75 1.60
CA LYS Q 283 -33.36 -28.32 0.29
C LYS Q 283 -34.76 -28.90 0.30
N CYS Q 284 -35.44 -28.82 -0.83
CA CYS Q 284 -36.73 -29.45 -1.03
C CYS Q 284 -36.39 -30.75 -1.79
N ILE Q 285 -36.48 -31.90 -1.09
CA ILE Q 285 -36.07 -33.19 -1.64
C ILE Q 285 -37.20 -34.24 -1.72
N PRO Q 286 -37.04 -35.26 -2.62
CA PRO Q 286 -38.09 -36.29 -2.78
C PRO Q 286 -38.40 -37.12 -1.55
N GLU Q 287 -37.36 -37.49 -0.78
CA GLU Q 287 -37.50 -38.34 0.39
C GLU Q 287 -36.54 -37.99 1.51
N CYS Q 288 -36.97 -38.20 2.78
CA CYS Q 288 -36.14 -37.98 3.97
C CYS Q 288 -34.96 -38.94 3.89
N PRO Q 289 -33.75 -38.51 4.26
CA PRO Q 289 -32.61 -39.44 4.24
C PRO Q 289 -32.74 -40.52 5.32
N SER Q 290 -31.89 -41.57 5.24
CA SER Q 290 -31.89 -42.68 6.19
C SER Q 290 -31.61 -42.16 7.59
N GLY Q 291 -32.43 -42.58 8.55
CA GLY Q 291 -32.31 -42.15 9.94
C GLY Q 291 -33.19 -40.96 10.27
N TYR Q 292 -33.97 -40.50 9.28
CA TYR Q 292 -34.88 -39.37 9.41
C TYR Q 292 -36.30 -39.72 9.03
N THR Q 293 -37.25 -39.01 9.66
CA THR Q 293 -38.70 -39.14 9.46
C THR Q 293 -39.31 -37.76 9.20
N MET Q 294 -40.43 -37.75 8.47
CA MET Q 294 -41.17 -36.55 8.08
C MET Q 294 -42.08 -36.06 9.19
N ASN Q 295 -41.73 -34.91 9.77
CA ASN Q 295 -42.57 -34.26 10.78
C ASN Q 295 -43.72 -33.63 9.97
N SER Q 296 -44.94 -34.13 10.18
CA SER Q 296 -46.13 -33.68 9.47
C SER Q 296 -46.42 -32.19 9.69
N SER Q 297 -47.05 -31.56 8.68
CA SER Q 297 -47.46 -30.14 8.57
C SER Q 297 -46.31 -29.23 8.17
N ASN Q 298 -45.13 -29.35 8.82
CA ASN Q 298 -44.03 -28.46 8.47
C ASN Q 298 -43.02 -29.07 7.48
N LEU Q 299 -43.30 -30.29 6.96
CA LEU Q 299 -42.47 -31.02 5.98
C LEU Q 299 -41.00 -31.24 6.35
N LEU Q 300 -40.59 -30.83 7.55
CA LEU Q 300 -39.20 -30.92 7.97
C LEU Q 300 -38.75 -32.32 8.43
N CYS Q 301 -37.63 -32.82 7.86
CA CYS Q 301 -37.06 -34.11 8.26
C CYS Q 301 -36.42 -33.95 9.64
N THR Q 302 -36.81 -34.84 10.57
CA THR Q 302 -36.30 -34.88 11.96
C THR Q 302 -35.71 -36.28 12.21
N PRO Q 303 -34.62 -36.39 12.99
CA PRO Q 303 -34.03 -37.72 13.22
C PRO Q 303 -34.96 -38.66 13.99
N CYS Q 304 -34.94 -39.95 13.65
CA CYS Q 304 -35.77 -40.98 14.26
C CYS Q 304 -35.39 -41.24 15.71
N LEU Q 305 -36.39 -41.31 16.59
CA LEU Q 305 -36.21 -41.66 18.00
C LEU Q 305 -36.30 -43.20 17.98
N GLY Q 306 -35.14 -43.83 17.90
CA GLY Q 306 -35.01 -45.26 17.73
C GLY Q 306 -35.15 -45.59 16.26
N PRO Q 307 -35.54 -46.81 15.88
CA PRO Q 307 -35.69 -47.13 14.45
C PRO Q 307 -36.82 -46.37 13.76
N CYS Q 308 -36.67 -46.18 12.43
CA CYS Q 308 -37.64 -45.49 11.57
C CYS Q 308 -38.72 -46.49 11.11
N PRO Q 309 -40.02 -46.12 11.20
CA PRO Q 309 -41.07 -47.04 10.71
C PRO Q 309 -41.18 -46.99 9.18
N LYS Q 310 -40.89 -48.14 8.50
CA LYS Q 310 -40.90 -48.26 7.04
C LYS Q 310 -41.13 -49.71 6.63
N THR R 1 -22.81 -54.65 -19.23
CA THR R 1 -22.37 -53.53 -20.05
C THR R 1 -23.38 -52.43 -20.15
N PHE R 2 -22.89 -51.31 -20.72
CA PHE R 2 -23.64 -50.12 -21.04
C PHE R 2 -24.80 -50.53 -21.91
N GLU R 3 -24.54 -51.14 -23.13
CA GLU R 3 -25.58 -51.55 -24.07
C GLU R 3 -26.59 -52.38 -23.39
N ASP R 4 -26.15 -53.25 -22.47
CA ASP R 4 -27.14 -54.07 -21.81
C ASP R 4 -28.03 -53.27 -20.82
N TYR R 5 -27.44 -52.28 -20.07
CA TYR R 5 -28.18 -51.40 -19.15
C TYR R 5 -29.19 -50.56 -19.91
N LEU R 6 -28.71 -49.98 -21.03
CA LEU R 6 -29.48 -49.19 -21.98
C LEU R 6 -30.70 -49.99 -22.34
N HIS R 7 -30.54 -51.22 -22.90
CA HIS R 7 -31.66 -52.08 -23.29
C HIS R 7 -32.55 -52.34 -22.14
N ASN R 8 -31.95 -52.77 -21.02
CA ASN R 8 -32.67 -53.06 -19.79
C ASN R 8 -33.63 -51.93 -19.36
N VAL R 9 -33.11 -50.71 -19.20
CA VAL R 9 -33.79 -49.49 -18.75
C VAL R 9 -34.84 -48.92 -19.72
N VAL R 10 -34.55 -48.98 -21.01
CA VAL R 10 -35.36 -48.38 -22.05
C VAL R 10 -36.49 -49.30 -22.56
N PHE R 11 -36.27 -50.62 -22.57
CA PHE R 11 -37.30 -51.58 -22.96
C PHE R 11 -38.09 -52.00 -21.74
N VAL R 12 -39.36 -51.52 -21.74
CA VAL R 12 -40.36 -51.69 -20.70
C VAL R 12 -41.48 -52.61 -21.19
N PRO R 13 -41.80 -53.69 -20.43
CA PRO R 13 -42.94 -54.53 -20.80
C PRO R 13 -44.24 -53.93 -20.27
N ARG R 14 -45.39 -54.27 -20.89
CA ARG R 14 -46.70 -53.74 -20.49
C ARG R 14 -47.13 -54.19 -19.07
N PRO R 15 -47.93 -53.36 -18.34
CA PRO R 15 -48.40 -53.76 -16.99
C PRO R 15 -49.19 -55.07 -16.90
N SER R 16 -49.68 -55.60 -18.04
CA SER R 16 -50.40 -56.87 -18.11
C SER R 16 -49.53 -57.93 -18.85
N GLY S 1 16.48 68.69 19.03
CA GLY S 1 16.37 67.59 19.97
C GLY S 1 16.93 67.94 21.33
N ILE S 2 16.27 67.46 22.43
CA ILE S 2 16.64 67.71 23.85
C ILE S 2 18.05 67.30 24.12
N VAL S 3 18.46 66.19 23.50
CA VAL S 3 19.81 65.63 23.55
C VAL S 3 20.78 66.61 22.86
N GLU S 4 20.48 67.02 21.61
CA GLU S 4 21.29 67.95 20.84
C GLU S 4 21.38 69.36 21.47
N GLN S 5 20.42 69.68 22.36
CA GLN S 5 20.32 70.94 23.05
C GLN S 5 21.02 70.96 24.38
N CYS S 6 20.73 69.98 25.28
CA CYS S 6 21.31 69.99 26.63
C CYS S 6 22.39 68.99 26.82
N CYS S 7 22.51 68.07 25.90
CA CYS S 7 23.51 67.04 26.06
C CYS S 7 24.72 67.26 25.19
N THR S 8 24.53 67.30 23.86
CA THR S 8 25.59 67.56 22.88
C THR S 8 26.00 69.06 22.96
N SER S 9 25.13 69.92 23.54
CA SER S 9 25.34 71.36 23.75
C SER S 9 24.98 71.66 25.23
N ILE S 10 24.89 72.93 25.66
CA ILE S 10 24.56 73.26 27.07
C ILE S 10 23.23 73.97 27.18
N CYS S 11 22.42 73.49 28.13
CA CYS S 11 21.08 73.94 28.45
C CYS S 11 21.06 75.00 29.53
N SER S 12 20.18 76.00 29.41
CA SER S 12 19.97 76.99 30.45
C SER S 12 18.64 76.59 31.12
N LEU S 13 18.07 77.43 32.00
CA LEU S 13 16.82 77.12 32.68
C LEU S 13 15.62 77.34 31.80
N TYR S 14 15.70 78.36 30.92
CA TYR S 14 14.68 78.77 29.95
C TYR S 14 14.43 77.66 28.94
N GLN S 15 15.53 77.06 28.43
CA GLN S 15 15.58 75.98 27.45
C GLN S 15 14.91 74.74 28.04
N LEU S 16 15.26 74.45 29.32
CA LEU S 16 14.78 73.31 30.09
C LEU S 16 13.33 73.43 30.41
N GLU S 17 12.89 74.60 30.88
CA GLU S 17 11.49 74.82 31.22
C GLU S 17 10.56 74.59 30.04
N ASN S 18 10.96 74.91 28.80
CA ASN S 18 10.18 74.75 27.58
C ASN S 18 9.61 73.33 27.33
N TYR S 19 10.22 72.31 27.93
CA TYR S 19 9.86 70.89 27.79
C TYR S 19 8.83 70.45 28.83
N CYS S 20 8.31 71.41 29.62
CA CYS S 20 7.34 71.13 30.69
C CYS S 20 5.91 71.52 30.28
N ASN S 21 4.89 71.15 31.11
CA ASN S 21 3.51 71.54 30.89
C ASN S 21 3.26 72.93 31.46
N VAL T 2 23.33 76.00 37.77
CA VAL T 2 24.50 75.22 37.36
C VAL T 2 24.41 74.84 35.86
N ASN T 3 25.17 75.58 35.00
CA ASN T 3 25.19 75.34 33.56
C ASN T 3 26.26 74.33 33.18
N GLN T 4 25.79 73.15 32.73
CA GLN T 4 26.60 71.97 32.36
C GLN T 4 25.90 71.12 31.27
N HIS T 5 26.54 69.99 30.92
CA HIS T 5 26.04 68.95 30.01
C HIS T 5 25.15 68.05 30.88
N LEU T 6 23.92 67.75 30.41
CA LEU T 6 23.00 66.90 31.15
C LEU T 6 22.66 65.74 30.28
N CYS T 7 23.20 64.54 30.61
CA CYS T 7 23.01 63.40 29.73
C CYS T 7 22.55 62.11 30.42
N GLY T 8 21.46 61.57 29.90
CA GLY T 8 20.89 60.34 30.39
C GLY T 8 20.12 60.58 31.66
N SER T 9 20.43 59.81 32.70
CA SER T 9 19.84 59.89 34.03
C SER T 9 19.82 61.34 34.51
N HIS T 10 20.97 62.03 34.35
CA HIS T 10 21.23 63.43 34.70
C HIS T 10 20.29 64.35 34.02
N LEU T 11 20.02 64.09 32.72
CA LEU T 11 19.06 64.86 31.95
C LEU T 11 17.65 64.63 32.52
N VAL T 12 17.28 63.37 32.83
CA VAL T 12 15.94 63.13 33.39
C VAL T 12 15.76 63.79 34.74
N GLU T 13 16.64 63.49 35.72
CA GLU T 13 16.54 64.01 37.09
C GLU T 13 16.48 65.55 37.12
N ALA T 14 17.25 66.21 36.22
CA ALA T 14 17.27 67.68 36.14
C ALA T 14 16.01 68.29 35.51
N LEU T 15 15.36 67.57 34.59
CA LEU T 15 14.13 68.06 33.95
C LEU T 15 13.04 68.00 34.97
N TYR T 16 13.06 66.94 35.79
CA TYR T 16 12.09 66.76 36.83
C TYR T 16 12.22 67.85 37.86
N LEU T 17 13.46 68.28 38.16
CA LEU T 17 13.70 69.38 39.10
C LEU T 17 13.03 70.69 38.63
N VAL T 18 13.13 71.02 37.32
CA VAL T 18 12.58 72.22 36.70
C VAL T 18 11.05 72.22 36.77
N CYS T 19 10.41 71.05 36.67
CA CYS T 19 8.94 71.02 36.74
C CYS T 19 8.37 69.84 37.50
N GLY T 20 8.70 69.76 38.78
CA GLY T 20 8.15 68.72 39.65
C GLY T 20 6.74 69.11 40.02
N GLU T 21 5.74 68.32 39.57
CA GLU T 21 4.28 68.51 39.75
C GLU T 21 3.60 69.10 38.49
N ARG T 22 4.35 69.88 37.68
CA ARG T 22 3.87 70.45 36.43
C ARG T 22 3.79 69.35 35.38
N GLY T 23 4.77 68.46 35.38
CA GLY T 23 4.83 67.32 34.47
C GLY T 23 5.29 67.69 33.08
N PHE T 24 5.73 66.69 32.33
CA PHE T 24 6.31 66.89 31.02
C PHE T 24 5.27 67.04 29.93
N PHE T 25 5.59 67.89 28.94
CA PHE T 25 4.73 68.20 27.80
C PHE T 25 4.79 67.13 26.70
N TYR T 26 3.63 66.99 25.95
CA TYR T 26 3.43 66.11 24.80
C TYR T 26 2.33 66.56 23.87
N THR T 27 2.25 65.87 22.70
CA THR T 27 1.33 65.94 21.55
C THR T 27 1.69 67.13 20.69
N GLN U 1 -19.06 16.00 14.90
CA GLN U 1 -18.60 17.36 15.13
C GLN U 1 -19.30 18.23 14.09
N VAL U 2 -18.60 18.68 12.98
CA VAL U 2 -19.21 19.52 11.94
C VAL U 2 -20.21 18.72 11.13
N GLN U 3 -21.46 19.21 11.12
CA GLN U 3 -22.58 18.63 10.38
C GLN U 3 -23.38 19.72 9.68
N LEU U 4 -23.98 19.36 8.56
CA LEU U 4 -24.85 20.17 7.72
C LEU U 4 -25.94 19.24 7.23
N LYS U 5 -27.21 19.67 7.39
CA LYS U 5 -28.34 18.84 7.04
C LYS U 5 -29.41 19.64 6.33
N GLU U 6 -29.71 19.25 5.07
CA GLU U 6 -30.75 19.86 4.22
C GLU U 6 -32.10 19.16 4.47
N SER U 7 -33.17 19.99 4.63
CA SER U 7 -34.57 19.62 4.83
C SER U 7 -35.34 20.28 3.70
N GLY U 8 -35.84 19.46 2.77
CA GLY U 8 -36.50 19.93 1.57
C GLY U 8 -37.66 19.08 1.15
N PRO U 9 -38.46 19.54 0.17
CA PRO U 9 -39.72 18.84 -0.17
C PRO U 9 -39.69 17.55 -0.96
N GLY U 10 -38.66 17.39 -1.78
CA GLY U 10 -38.60 16.21 -2.65
C GLY U 10 -39.40 16.36 -3.91
N LEU U 11 -40.63 16.87 -3.79
CA LEU U 11 -41.53 17.10 -4.91
C LEU U 11 -42.13 18.47 -4.90
N VAL U 12 -41.93 19.22 -5.99
CA VAL U 12 -42.47 20.59 -6.13
C VAL U 12 -43.18 20.67 -7.45
N ALA U 13 -44.33 21.38 -7.47
CA ALA U 13 -45.08 21.58 -8.70
C ALA U 13 -44.35 22.68 -9.49
N PRO U 14 -44.24 22.61 -10.84
CA PRO U 14 -43.57 23.69 -11.57
C PRO U 14 -44.33 25.00 -11.42
N SER U 15 -43.60 26.13 -11.46
CA SER U 15 -44.03 27.52 -11.26
C SER U 15 -44.08 27.92 -9.78
N GLN U 16 -44.11 26.92 -8.87
CA GLN U 16 -44.10 27.09 -7.41
C GLN U 16 -42.70 27.38 -6.91
N SER U 17 -42.61 27.80 -5.63
CA SER U 17 -41.35 28.13 -4.98
C SER U 17 -40.82 26.99 -4.11
N LEU U 18 -39.48 26.79 -4.17
CA LEU U 18 -38.74 25.76 -3.44
C LEU U 18 -38.06 26.39 -2.24
N SER U 19 -38.23 25.78 -1.05
CA SER U 19 -37.65 26.26 0.18
C SER U 19 -36.92 25.12 0.91
N ILE U 20 -35.59 25.28 1.08
CA ILE U 20 -34.72 24.32 1.77
C ILE U 20 -34.08 24.98 2.98
N THR U 21 -33.97 24.22 4.07
CA THR U 21 -33.34 24.65 5.32
C THR U 21 -32.13 23.76 5.60
N CYS U 22 -30.98 24.42 5.65
CA CYS U 22 -29.74 23.77 5.97
C CYS U 22 -29.51 24.04 7.44
N THR U 23 -29.54 22.99 8.26
CA THR U 23 -29.28 23.13 9.69
C THR U 23 -27.91 22.61 9.97
N VAL U 24 -27.07 23.54 10.44
CA VAL U 24 -25.67 23.30 10.73
C VAL U 24 -25.43 22.98 12.22
N SER U 25 -24.33 22.23 12.45
CA SER U 25 -23.82 21.77 13.74
C SER U 25 -22.31 21.79 13.75
N GLY U 26 -21.78 22.00 14.96
CA GLY U 26 -20.36 21.98 15.25
C GLY U 26 -19.57 23.21 14.87
N PHE U 27 -20.25 24.34 14.55
CA PHE U 27 -19.58 25.58 14.18
C PHE U 27 -20.51 26.78 14.20
N PRO U 28 -19.98 28.05 14.29
CA PRO U 28 -20.89 29.23 14.29
C PRO U 28 -21.11 29.79 12.89
N LEU U 29 -22.39 30.03 12.54
CA LEU U 29 -22.73 30.59 11.24
C LEU U 29 -22.23 32.03 11.08
N THR U 30 -21.82 32.69 12.19
CA THR U 30 -21.32 34.06 12.22
C THR U 30 -19.86 34.16 11.77
N ALA U 31 -19.10 33.01 11.79
CA ALA U 31 -17.67 32.94 11.45
C ALA U 31 -17.43 32.27 10.13
N TYR U 32 -18.40 31.41 9.68
CA TYR U 32 -18.33 30.62 8.45
C TYR U 32 -19.38 31.01 7.41
N GLY U 33 -19.03 30.77 6.15
CA GLY U 33 -19.92 30.98 5.02
C GLY U 33 -20.67 29.68 4.73
N VAL U 34 -21.82 29.74 4.06
CA VAL U 34 -22.57 28.55 3.70
C VAL U 34 -23.02 28.73 2.25
N ASN U 35 -22.76 27.71 1.44
CA ASN U 35 -23.04 27.65 0.02
C ASN U 35 -24.17 26.74 -0.29
N TRP U 36 -24.75 26.94 -1.46
CA TRP U 36 -25.74 26.06 -2.03
C TRP U 36 -25.18 25.69 -3.38
N VAL U 37 -25.09 24.38 -3.63
CA VAL U 37 -24.58 23.76 -4.84
C VAL U 37 -25.61 22.68 -5.22
N ARG U 38 -26.08 22.70 -6.48
CA ARG U 38 -27.05 21.71 -6.93
C ARG U 38 -26.44 20.82 -7.98
N GLN U 39 -27.05 19.63 -8.18
CA GLN U 39 -26.54 18.68 -9.12
C GLN U 39 -27.66 17.91 -9.83
N PRO U 40 -27.94 18.32 -11.09
CA PRO U 40 -28.95 17.63 -11.90
C PRO U 40 -28.60 16.15 -12.11
N PRO U 41 -29.60 15.29 -12.33
CA PRO U 41 -29.28 13.86 -12.52
C PRO U 41 -28.31 13.56 -13.67
N GLY U 42 -27.18 12.95 -13.31
CA GLY U 42 -26.12 12.60 -14.25
C GLY U 42 -25.36 13.79 -14.79
N LYS U 43 -25.42 14.93 -14.10
CA LYS U 43 -24.75 16.16 -14.50
C LYS U 43 -23.83 16.64 -13.40
N GLY U 44 -23.06 17.68 -13.68
CA GLY U 44 -22.09 18.24 -12.74
C GLY U 44 -22.64 19.21 -11.70
N LEU U 45 -21.74 19.65 -10.81
CA LEU U 45 -22.05 20.61 -9.76
C LEU U 45 -22.19 22.01 -10.29
N GLU U 46 -23.21 22.70 -9.79
CA GLU U 46 -23.58 24.07 -10.15
C GLU U 46 -23.65 24.90 -8.89
N TRP U 47 -22.76 25.87 -8.76
CA TRP U 47 -22.78 26.75 -7.60
C TRP U 47 -23.96 27.71 -7.71
N LEU U 48 -24.84 27.71 -6.69
CA LEU U 48 -26.02 28.57 -6.68
C LEU U 48 -25.72 29.91 -6.02
N GLY U 49 -25.29 29.87 -4.76
CA GLY U 49 -24.99 31.08 -4.02
C GLY U 49 -24.27 30.82 -2.72
N MET U 50 -23.96 31.89 -1.98
CA MET U 50 -23.27 31.85 -0.69
C MET U 50 -23.71 33.01 0.22
N ILE U 51 -23.63 32.77 1.55
CA ILE U 51 -23.93 33.73 2.61
C ILE U 51 -22.80 33.74 3.66
N TRP U 52 -22.06 34.84 3.66
CA TRP U 52 -20.91 35.14 4.53
C TRP U 52 -21.33 35.28 6.00
N GLY U 53 -20.38 35.22 6.92
CA GLY U 53 -20.66 35.34 8.35
C GLY U 53 -21.43 36.58 8.67
N ASP U 54 -21.01 37.70 8.05
CA ASP U 54 -21.61 39.04 8.21
C ASP U 54 -22.97 39.22 7.48
N GLY U 55 -23.59 38.12 7.08
CA GLY U 55 -24.88 38.13 6.40
C GLY U 55 -24.92 38.50 4.92
N ASN U 56 -23.80 38.88 4.33
CA ASN U 56 -23.70 39.25 2.92
C ASN U 56 -23.99 38.09 2.01
N THR U 57 -24.72 38.33 0.92
CA THR U 57 -25.06 37.28 -0.06
C THR U 57 -24.47 37.50 -1.44
N ASP U 58 -24.10 36.37 -2.05
CA ASP U 58 -23.53 36.27 -3.38
C ASP U 58 -24.31 35.18 -4.15
N TYR U 59 -24.87 35.52 -5.34
CA TYR U 59 -25.64 34.58 -6.17
C TYR U 59 -25.03 34.35 -7.55
N ASN U 60 -25.35 33.17 -8.15
CA ASN U 60 -24.96 32.78 -9.50
C ASN U 60 -25.71 33.74 -10.40
N SER U 61 -24.98 34.48 -11.25
CA SER U 61 -25.50 35.49 -12.14
C SER U 61 -26.63 35.01 -13.03
N ALA U 62 -26.57 33.74 -13.47
CA ALA U 62 -27.61 33.12 -14.29
C ALA U 62 -28.95 32.97 -13.56
N LEU U 63 -28.89 32.61 -12.27
CA LEU U 63 -30.05 32.35 -11.42
C LEU U 63 -30.41 33.44 -10.39
N LYS U 64 -29.58 34.50 -10.25
CA LYS U 64 -29.73 35.60 -9.28
C LYS U 64 -31.16 36.14 -9.20
N SER U 65 -31.79 36.27 -10.37
CA SER U 65 -33.15 36.75 -10.58
C SER U 65 -34.20 35.99 -9.75
N ARG U 66 -33.97 34.66 -9.48
CA ARG U 66 -34.92 33.74 -8.81
C ARG U 66 -34.46 33.18 -7.45
N LEU U 67 -33.25 33.51 -7.01
CA LEU U 67 -32.64 33.00 -5.77
C LEU U 67 -32.70 33.94 -4.60
N SER U 68 -32.80 33.36 -3.39
CA SER U 68 -32.77 34.10 -2.12
C SER U 68 -32.15 33.25 -1.05
N ILE U 69 -31.08 33.79 -0.42
CA ILE U 69 -30.36 33.11 0.67
C ILE U 69 -30.43 33.97 1.92
N SER U 70 -30.85 33.39 3.02
CA SER U 70 -31.03 34.05 4.31
C SER U 70 -30.59 33.08 5.39
N LYS U 71 -30.56 33.52 6.65
CA LYS U 71 -30.17 32.67 7.76
C LYS U 71 -30.63 33.17 9.12
N ASP U 72 -30.55 32.28 10.14
CA ASP U 72 -30.83 32.59 11.54
C ASP U 72 -29.71 31.97 12.32
N ASN U 73 -28.69 32.75 12.60
CA ASN U 73 -27.50 32.36 13.36
C ASN U 73 -27.85 31.69 14.70
N SER U 74 -28.86 32.24 15.43
CA SER U 74 -29.27 31.73 16.74
C SER U 74 -29.86 30.36 16.65
N LYS U 75 -30.56 30.06 15.54
CA LYS U 75 -31.20 28.78 15.26
C LYS U 75 -30.24 27.86 14.48
N SER U 76 -29.09 28.41 14.09
CA SER U 76 -28.00 27.75 13.33
C SER U 76 -28.54 27.21 12.02
N GLN U 77 -29.32 28.02 11.28
CA GLN U 77 -29.93 27.58 10.02
C GLN U 77 -29.75 28.57 8.91
N VAL U 78 -29.64 28.05 7.69
CA VAL U 78 -29.53 28.84 6.47
C VAL U 78 -30.69 28.42 5.58
N PHE U 79 -31.27 29.36 4.85
CA PHE U 79 -32.43 29.08 4.02
C PHE U 79 -32.23 29.48 2.59
N LEU U 80 -32.45 28.54 1.69
CA LEU U 80 -32.46 28.80 0.26
C LEU U 80 -33.95 28.87 -0.17
N LYS U 81 -34.27 29.80 -1.05
CA LYS U 81 -35.61 29.93 -1.61
C LYS U 81 -35.46 30.23 -3.10
N MET U 82 -36.03 29.37 -3.95
CA MET U 82 -36.00 29.51 -5.40
C MET U 82 -37.42 29.61 -6.02
N ASN U 83 -37.66 30.66 -6.82
CA ASN U 83 -38.97 30.95 -7.43
C ASN U 83 -39.15 30.41 -8.84
N SER U 84 -40.45 30.28 -9.24
CA SER U 84 -40.97 29.83 -10.54
C SER U 84 -40.09 28.72 -11.19
N LEU U 85 -40.06 27.56 -10.51
CA LEU U 85 -39.27 26.40 -10.89
C LEU U 85 -39.75 25.77 -12.15
N GLN U 86 -38.81 25.21 -12.93
CA GLN U 86 -39.07 24.49 -14.16
C GLN U 86 -38.46 23.10 -14.02
N THR U 87 -38.62 22.23 -15.04
CA THR U 87 -38.12 20.86 -15.04
C THR U 87 -36.59 20.79 -14.96
N ASP U 88 -35.90 21.78 -15.54
CA ASP U 88 -34.43 21.87 -15.53
C ASP U 88 -33.89 22.22 -14.14
N ASP U 89 -34.79 22.49 -13.18
CA ASP U 89 -34.39 22.78 -11.80
C ASP U 89 -34.36 21.51 -10.95
N THR U 90 -34.80 20.35 -11.54
CA THR U 90 -34.75 19.06 -10.86
C THR U 90 -33.27 18.70 -10.66
N ALA U 91 -32.86 18.63 -9.38
CA ALA U 91 -31.50 18.35 -8.95
C ALA U 91 -31.40 17.97 -7.46
N ARG U 92 -30.19 17.57 -6.99
CA ARG U 92 -29.90 17.29 -5.57
C ARG U 92 -29.25 18.55 -5.07
N TYR U 93 -29.83 19.13 -4.04
CA TYR U 93 -29.33 20.39 -3.49
C TYR U 93 -28.50 20.13 -2.25
N TYR U 94 -27.23 20.58 -2.27
CA TYR U 94 -26.32 20.43 -1.13
C TYR U 94 -25.97 21.80 -0.58
N CYS U 95 -25.81 21.87 0.73
CA CYS U 95 -25.31 23.04 1.42
C CYS U 95 -23.93 22.60 1.95
N ALA U 96 -22.90 23.46 1.81
CA ALA U 96 -21.55 23.16 2.24
C ALA U 96 -20.93 24.36 2.98
N ARG U 97 -20.02 24.08 3.93
CA ARG U 97 -19.42 25.12 4.75
C ARG U 97 -18.27 25.80 4.03
N ASP U 98 -18.19 27.13 4.12
CA ASP U 98 -17.10 27.86 3.50
C ASP U 98 -16.21 28.48 4.56
N PRO U 99 -15.09 27.85 4.92
CA PRO U 99 -14.16 28.49 5.83
C PRO U 99 -13.34 29.53 5.02
N TYR U 100 -14.04 30.61 4.58
CA TYR U 100 -13.50 31.65 3.71
C TYR U 100 -12.29 32.29 4.27
N GLY U 101 -11.22 32.29 3.50
CA GLY U 101 -9.94 32.86 3.89
C GLY U 101 -8.91 31.83 4.30
N SER U 102 -9.35 30.59 4.50
CA SER U 102 -8.48 29.49 4.92
C SER U 102 -8.64 28.28 3.96
N LYS U 103 -9.92 27.84 3.73
CA LYS U 103 -10.23 26.73 2.84
C LYS U 103 -11.49 27.00 1.94
N PRO U 104 -11.63 26.24 0.82
CA PRO U 104 -12.90 26.32 0.06
C PRO U 104 -13.94 25.41 0.74
N MET U 105 -15.13 25.22 0.16
CA MET U 105 -16.15 24.34 0.74
C MET U 105 -15.53 23.05 1.28
N ASP U 106 -15.52 22.86 2.62
CA ASP U 106 -14.95 21.64 3.15
C ASP U 106 -16.00 20.59 3.49
N TYR U 107 -16.91 20.86 4.43
CA TYR U 107 -17.93 19.91 4.85
C TYR U 107 -19.20 20.08 4.05
N TRP U 108 -19.75 18.97 3.53
CA TRP U 108 -20.98 19.01 2.74
C TRP U 108 -22.10 18.23 3.43
N GLY U 109 -23.34 18.60 3.08
CA GLY U 109 -24.54 17.93 3.56
C GLY U 109 -24.73 16.67 2.73
N GLN U 110 -25.61 15.75 3.14
CA GLN U 110 -25.72 14.57 2.29
C GLN U 110 -26.53 14.87 0.99
N GLY U 111 -27.31 15.95 1.02
CA GLY U 111 -28.10 16.44 -0.11
C GLY U 111 -29.56 16.38 0.19
N THR U 112 -30.36 16.85 -0.75
CA THR U 112 -31.82 16.78 -0.74
C THR U 112 -32.25 16.64 -2.20
N SER U 113 -32.92 15.51 -2.52
CA SER U 113 -33.40 15.26 -3.88
C SER U 113 -34.67 16.06 -4.05
N VAL U 114 -34.67 16.93 -5.08
CA VAL U 114 -35.78 17.80 -5.44
C VAL U 114 -36.20 17.51 -6.87
N THR U 115 -37.46 17.11 -7.03
CA THR U 115 -38.07 16.78 -8.33
C THR U 115 -39.22 17.76 -8.66
N VAL U 116 -39.20 18.28 -9.90
CA VAL U 116 -40.20 19.18 -10.43
C VAL U 116 -41.02 18.39 -11.48
N SER U 117 -42.38 18.29 -11.32
CA SER U 117 -43.26 17.52 -12.21
C SER U 117 -44.77 17.83 -12.07
N ALA V 1 -17.99 45.45 -12.79
CA ALA V 1 -18.11 45.05 -14.20
C ALA V 1 -17.63 43.59 -14.50
N GLY V 2 -16.95 42.96 -13.52
CA GLY V 2 -16.37 41.62 -13.58
C GLY V 2 -17.21 40.43 -13.99
N SER V 3 -16.96 39.90 -15.21
CA SER V 3 -17.64 38.71 -15.74
C SER V 3 -17.09 37.44 -15.08
N ASP V 4 -18.01 36.58 -14.60
CA ASP V 4 -17.78 35.32 -13.89
C ASP V 4 -16.73 34.40 -14.55
N ILE V 5 -15.92 33.72 -13.73
CA ILE V 5 -14.84 32.84 -14.18
C ILE V 5 -15.37 31.50 -14.70
N VAL V 6 -14.91 31.09 -15.89
CA VAL V 6 -15.29 29.82 -16.49
C VAL V 6 -14.21 28.77 -16.31
N MET V 7 -14.63 27.57 -15.90
CA MET V 7 -13.71 26.46 -15.68
C MET V 7 -13.98 25.35 -16.69
N SER V 8 -12.92 24.74 -17.22
CA SER V 8 -13.05 23.65 -18.19
C SER V 8 -12.07 22.54 -17.87
N GLN V 9 -12.55 21.28 -17.90
CA GLN V 9 -11.73 20.11 -17.59
C GLN V 9 -11.64 19.14 -18.75
N SER V 10 -10.51 18.43 -18.82
CA SER V 10 -10.26 17.41 -19.82
C SER V 10 -9.39 16.31 -19.21
N PRO V 11 -9.60 15.04 -19.58
CA PRO V 11 -10.66 14.58 -20.48
C PRO V 11 -12.00 14.62 -19.77
N SER V 12 -13.07 14.38 -20.52
CA SER V 12 -14.41 14.35 -19.96
C SER V 12 -14.52 13.03 -19.16
N SER V 13 -13.78 12.01 -19.60
CA SER V 13 -13.75 10.67 -19.02
C SER V 13 -12.46 9.93 -19.43
N LEU V 14 -12.06 8.92 -18.66
CA LEU V 14 -10.88 8.12 -18.93
C LEU V 14 -11.01 6.79 -18.22
N VAL V 15 -10.35 5.75 -18.72
CA VAL V 15 -10.34 4.43 -18.10
C VAL V 15 -8.89 4.00 -17.96
N VAL V 16 -8.54 3.48 -16.80
CA VAL V 16 -7.20 3.01 -16.45
C VAL V 16 -7.33 1.74 -15.59
N SER V 17 -6.28 0.94 -15.54
CA SER V 17 -6.28 -0.25 -14.68
C SER V 17 -5.66 0.11 -13.33
N VAL V 18 -5.94 -0.70 -12.30
CA VAL V 18 -5.39 -0.50 -10.95
C VAL V 18 -3.86 -0.46 -10.98
N GLY V 19 -3.28 0.48 -10.24
CA GLY V 19 -1.84 0.62 -10.15
C GLY V 19 -1.23 1.65 -11.08
N GLU V 20 -1.93 2.00 -12.17
CA GLU V 20 -1.40 2.98 -13.11
C GLU V 20 -1.51 4.40 -12.59
N LYS V 21 -0.70 5.30 -13.17
CA LYS V 21 -0.70 6.72 -12.83
C LYS V 21 -1.70 7.43 -13.71
N VAL V 22 -2.35 8.46 -13.18
CA VAL V 22 -3.37 9.21 -13.92
C VAL V 22 -3.17 10.71 -13.75
N THR V 23 -3.42 11.47 -14.83
CA THR V 23 -3.35 12.93 -14.81
C THR V 23 -4.53 13.53 -15.55
N MET V 24 -5.20 14.49 -14.91
CA MET V 24 -6.32 15.24 -15.49
C MET V 24 -6.08 16.72 -15.32
N SER V 25 -6.53 17.54 -16.27
CA SER V 25 -6.30 18.97 -16.20
C SER V 25 -7.54 19.82 -16.01
N CYS V 26 -7.31 21.10 -15.63
CA CYS V 26 -8.33 22.10 -15.36
C CYS V 26 -7.85 23.46 -15.87
N LYS V 27 -8.72 24.19 -16.57
CA LYS V 27 -8.39 25.51 -17.13
C LYS V 27 -9.41 26.57 -16.74
N SER V 28 -8.93 27.76 -16.38
CA SER V 28 -9.78 28.88 -15.98
C SER V 28 -9.59 30.04 -16.95
N SER V 29 -10.70 30.73 -17.28
CA SER V 29 -10.75 31.87 -18.19
C SER V 29 -9.93 33.05 -17.69
N GLN V 30 -9.68 33.07 -16.37
CA GLN V 30 -8.95 34.14 -15.71
C GLN V 30 -7.94 33.58 -14.73
N SER V 31 -6.88 34.32 -14.41
CA SER V 31 -5.89 33.87 -13.44
C SER V 31 -6.45 33.78 -12.02
N LEU V 32 -6.11 32.68 -11.34
CA LEU V 32 -6.59 32.45 -9.98
C LEU V 32 -5.50 32.73 -8.94
N LEU V 33 -4.45 33.42 -9.35
CA LEU V 33 -3.35 33.74 -8.47
C LEU V 33 -3.52 35.10 -7.75
N TYR V 34 -3.69 35.04 -6.41
CA TYR V 34 -3.85 36.17 -5.51
C TYR V 34 -2.51 36.84 -5.26
N SER V 35 -2.38 38.12 -5.60
CA SER V 35 -1.14 38.88 -5.44
C SER V 35 -0.63 38.86 -4.01
N SER V 36 -1.52 39.19 -3.05
CA SER V 36 -1.31 39.25 -1.61
C SER V 36 -0.47 38.12 -1.06
N ASN V 37 -0.78 36.84 -1.42
CA ASN V 37 -0.04 35.70 -0.88
C ASN V 37 0.65 34.78 -1.91
N GLN V 38 0.50 35.07 -3.21
CA GLN V 38 1.11 34.29 -4.29
C GLN V 38 0.65 32.83 -4.28
N LYS V 39 -0.65 32.66 -3.96
CA LYS V 39 -1.38 31.41 -3.91
C LYS V 39 -2.54 31.43 -4.89
N ASN V 40 -2.80 30.27 -5.43
CA ASN V 40 -3.80 29.99 -6.42
C ASN V 40 -5.08 29.59 -5.74
N PHE V 41 -6.18 30.32 -5.97
CA PHE V 41 -7.47 29.98 -5.38
C PHE V 41 -8.19 28.87 -6.15
N LEU V 42 -7.60 27.68 -6.18
CA LEU V 42 -8.19 26.54 -6.86
C LEU V 42 -8.23 25.33 -5.97
N ALA V 43 -9.26 24.50 -6.17
CA ALA V 43 -9.47 23.29 -5.41
C ALA V 43 -9.93 22.13 -6.28
N TRP V 44 -9.72 20.92 -5.76
CA TRP V 44 -10.10 19.67 -6.40
C TRP V 44 -10.98 18.89 -5.48
N TYR V 45 -12.10 18.39 -6.00
CA TYR V 45 -13.05 17.58 -5.24
C TYR V 45 -13.21 16.25 -5.89
N GLN V 46 -13.47 15.23 -5.08
CA GLN V 46 -13.70 13.86 -5.54
C GLN V 46 -15.11 13.46 -5.11
N GLN V 47 -15.91 12.98 -6.05
CA GLN V 47 -17.22 12.57 -5.70
C GLN V 47 -17.42 11.14 -6.11
N LYS V 48 -17.46 10.26 -5.12
CA LYS V 48 -17.68 8.84 -5.30
C LYS V 48 -19.15 8.60 -5.63
N PRO V 49 -19.45 7.52 -6.37
CA PRO V 49 -20.85 7.27 -6.75
C PRO V 49 -21.78 7.05 -5.57
N GLY V 50 -22.88 7.81 -5.55
CA GLY V 50 -23.90 7.74 -4.51
C GLY V 50 -23.46 8.39 -3.22
N GLN V 51 -22.50 9.36 -3.32
CA GLN V 51 -21.97 10.10 -2.16
C GLN V 51 -21.78 11.56 -2.44
N SER V 52 -21.69 12.38 -1.37
CA SER V 52 -21.48 13.80 -1.53
C SER V 52 -19.99 14.09 -1.81
N PRO V 53 -19.66 15.24 -2.44
CA PRO V 53 -18.25 15.51 -2.77
C PRO V 53 -17.36 15.66 -1.55
N LYS V 54 -16.05 15.43 -1.77
CA LYS V 54 -15.02 15.47 -0.75
C LYS V 54 -13.86 16.34 -1.23
N LEU V 55 -13.37 17.21 -0.34
CA LEU V 55 -12.27 18.07 -0.68
C LEU V 55 -10.98 17.27 -0.65
N LEU V 56 -10.19 17.37 -1.73
CA LEU V 56 -8.91 16.69 -1.79
C LEU V 56 -7.77 17.69 -1.71
N ILE V 57 -7.87 18.76 -2.51
CA ILE V 57 -6.81 19.75 -2.61
C ILE V 57 -7.32 21.18 -2.67
N TYR V 58 -6.61 22.10 -2.01
CA TYR V 58 -6.87 23.51 -2.04
C TYR V 58 -5.57 24.28 -2.18
N TRP V 59 -5.65 25.57 -2.53
CA TRP V 59 -4.45 26.36 -2.81
C TRP V 59 -3.66 25.70 -3.94
N ALA V 60 -4.39 24.96 -4.81
CA ALA V 60 -3.84 24.25 -5.94
C ALA V 60 -2.95 23.08 -5.59
N SER V 61 -2.16 23.15 -4.50
CA SER V 61 -1.22 22.09 -4.16
C SER V 61 -1.29 21.57 -2.71
N THR V 62 -2.09 22.22 -1.84
CA THR V 62 -2.20 21.76 -0.45
C THR V 62 -3.19 20.63 -0.35
N ARG V 63 -2.73 19.49 0.14
CA ARG V 63 -3.51 18.29 0.34
C ARG V 63 -4.32 18.45 1.62
N GLU V 64 -5.59 18.10 1.56
CA GLU V 64 -6.47 18.18 2.72
C GLU V 64 -6.14 17.09 3.70
N SER V 65 -6.42 17.32 5.00
CA SER V 65 -6.15 16.32 6.03
C SER V 65 -6.92 15.03 5.75
N GLY V 66 -6.24 13.89 5.88
CA GLY V 66 -6.82 12.58 5.61
C GLY V 66 -6.88 12.21 4.14
N VAL V 67 -6.03 12.85 3.32
CA VAL V 67 -5.97 12.59 1.89
C VAL V 67 -4.68 11.84 1.57
N PRO V 68 -4.79 10.60 1.05
CA PRO V 68 -3.59 9.82 0.69
C PRO V 68 -2.58 10.62 -0.13
N ASP V 69 -1.31 10.28 0.05
CA ASP V 69 -0.17 10.90 -0.64
C ASP V 69 -0.25 10.68 -2.13
N ARG V 70 -1.11 9.73 -2.55
CA ARG V 70 -1.25 9.34 -3.94
C ARG V 70 -1.83 10.46 -4.81
N PHE V 71 -2.53 11.41 -4.18
CA PHE V 71 -3.11 12.55 -4.88
C PHE V 71 -2.19 13.75 -4.83
N THR V 72 -1.86 14.32 -6.00
CA THR V 72 -0.98 15.47 -6.13
C THR V 72 -1.60 16.57 -7.02
N GLY V 73 -1.60 17.79 -6.51
CA GLY V 73 -2.10 18.92 -7.26
C GLY V 73 -0.97 19.84 -7.68
N SER V 74 -0.98 20.25 -8.96
CA SER V 74 0.04 21.13 -9.53
C SER V 74 -0.59 22.22 -10.41
N GLY V 75 0.20 23.21 -10.79
CA GLY V 75 -0.24 24.29 -11.65
C GLY V 75 -0.27 25.65 -10.99
N SER V 76 -0.40 26.70 -11.81
CA SER V 76 -0.48 28.09 -11.35
C SER V 76 -1.14 28.96 -12.40
N GLY V 77 -1.82 30.03 -11.96
CA GLY V 77 -2.49 30.96 -12.84
C GLY V 77 -3.76 30.43 -13.44
N THR V 78 -3.68 29.93 -14.69
CA THR V 78 -4.86 29.44 -15.44
C THR V 78 -4.82 27.95 -15.79
N ASP V 79 -3.70 27.28 -15.54
CA ASP V 79 -3.53 25.87 -15.90
C ASP V 79 -3.22 25.01 -14.69
N PHE V 80 -4.02 23.96 -14.49
CA PHE V 80 -3.89 23.09 -13.32
C PHE V 80 -4.07 21.62 -13.68
N THR V 81 -3.45 20.73 -12.87
CA THR V 81 -3.53 19.28 -13.06
C THR V 81 -3.68 18.52 -11.75
N LEU V 82 -4.41 17.42 -11.78
CA LEU V 82 -4.55 16.55 -10.64
C LEU V 82 -3.92 15.23 -11.04
N THR V 83 -3.05 14.68 -10.18
CA THR V 83 -2.37 13.40 -10.44
C THR V 83 -2.60 12.35 -9.34
N ILE V 84 -2.82 11.09 -9.74
CA ILE V 84 -2.94 9.95 -8.84
C ILE V 84 -1.84 8.99 -9.22
N SER V 85 -0.86 8.81 -8.35
CA SER V 85 0.30 7.96 -8.61
C SER V 85 -0.07 6.51 -8.95
N SER V 86 -0.79 5.84 -8.05
CA SER V 86 -1.20 4.47 -8.28
C SER V 86 -2.67 4.33 -7.99
N VAL V 87 -3.49 4.28 -9.04
CA VAL V 87 -4.95 4.20 -8.92
C VAL V 87 -5.41 2.94 -8.17
N LYS V 88 -6.33 3.13 -7.21
CA LYS V 88 -6.95 2.03 -6.48
C LYS V 88 -8.37 1.92 -7.07
N ALA V 89 -8.98 0.73 -7.02
CA ALA V 89 -10.34 0.56 -7.57
C ALA V 89 -11.31 1.46 -6.85
N GLU V 90 -10.95 1.85 -5.63
CA GLU V 90 -11.76 2.73 -4.80
C GLU V 90 -11.64 4.20 -5.23
N ASP V 91 -10.74 4.51 -6.16
CA ASP V 91 -10.58 5.87 -6.69
C ASP V 91 -11.63 6.20 -7.75
N LEU V 92 -12.44 5.21 -8.13
CA LEU V 92 -13.56 5.38 -9.05
C LEU V 92 -14.46 6.48 -8.50
N ALA V 93 -14.62 7.54 -9.32
CA ALA V 93 -15.39 8.74 -8.98
C ALA V 93 -15.29 9.82 -10.05
N VAL V 94 -15.96 10.95 -9.83
CA VAL V 94 -15.92 12.11 -10.71
C VAL V 94 -15.10 13.15 -10.00
N TYR V 95 -14.13 13.73 -10.70
CA TYR V 95 -13.24 14.75 -10.15
C TYR V 95 -13.58 16.13 -10.71
N TYR V 96 -13.74 17.09 -9.81
CA TYR V 96 -14.06 18.46 -10.21
C TYR V 96 -13.02 19.43 -9.69
N CYS V 97 -12.82 20.51 -10.41
CA CYS V 97 -11.96 21.56 -9.93
C CYS V 97 -12.91 22.72 -9.72
N GLN V 98 -12.62 23.54 -8.71
CA GLN V 98 -13.43 24.69 -8.40
C GLN V 98 -12.53 25.88 -8.17
N GLN V 99 -12.95 27.06 -8.63
CA GLN V 99 -12.23 28.30 -8.36
C GLN V 99 -12.99 29.00 -7.25
N TYR V 100 -12.30 29.52 -6.24
CA TYR V 100 -12.96 30.21 -5.15
C TYR V 100 -12.34 31.58 -5.01
N PHE V 101 -11.91 32.14 -6.16
CA PHE V 101 -11.24 33.45 -6.25
C PHE V 101 -12.26 34.53 -6.02
N ARG V 102 -13.28 34.53 -6.86
CA ARG V 102 -14.40 35.42 -6.70
C ARG V 102 -15.61 34.61 -6.99
N TYR V 103 -16.37 34.42 -5.89
CA TYR V 103 -17.56 33.56 -5.85
C TYR V 103 -16.99 32.17 -6.03
N ARG V 104 -17.77 31.23 -6.56
CA ARG V 104 -17.25 29.89 -6.76
C ARG V 104 -17.81 29.34 -8.04
N THR V 105 -16.98 28.65 -8.83
CA THR V 105 -17.41 28.03 -10.09
C THR V 105 -16.78 26.66 -10.18
N PHE V 106 -17.58 25.66 -10.57
CA PHE V 106 -17.09 24.29 -10.74
C PHE V 106 -16.87 23.96 -12.21
N GLY V 107 -15.84 23.16 -12.49
CA GLY V 107 -15.55 22.69 -13.84
C GLY V 107 -16.55 21.63 -14.20
N GLY V 108 -16.51 21.18 -15.46
CA GLY V 108 -17.41 20.15 -15.97
C GLY V 108 -17.21 18.78 -15.35
N GLY V 109 -16.06 18.55 -14.72
CA GLY V 109 -15.75 17.27 -14.10
C GLY V 109 -15.11 16.27 -15.03
N THR V 110 -14.32 15.35 -14.46
CA THR V 110 -13.65 14.27 -15.19
C THR V 110 -14.08 12.95 -14.55
N LYS V 111 -14.70 12.06 -15.35
CA LYS V 111 -15.16 10.77 -14.84
C LYS V 111 -14.07 9.72 -14.97
N LEU V 112 -13.66 9.12 -13.84
CA LEU V 112 -12.63 8.11 -13.82
C LEU V 112 -13.22 6.74 -13.72
N GLU V 113 -12.96 5.90 -14.72
CA GLU V 113 -13.43 4.53 -14.78
C GLU V 113 -12.27 3.58 -14.60
N ILE V 114 -12.55 2.34 -14.19
CA ILE V 114 -11.54 1.29 -13.99
C ILE V 114 -11.63 0.25 -15.12
N PRO W 4 -14.25 38.40 19.85
CA PRO W 4 -15.17 39.50 20.20
C PRO W 4 -14.63 40.43 21.31
N GLY W 5 -14.62 41.75 21.00
CA GLY W 5 -14.15 42.79 21.92
C GLY W 5 -14.03 44.20 21.34
N GLU W 6 -13.14 45.03 21.93
CA GLU W 6 -12.94 46.40 21.48
C GLU W 6 -11.47 46.72 21.07
N VAL W 7 -11.34 47.39 19.92
CA VAL W 7 -10.08 47.77 19.29
C VAL W 7 -9.81 49.26 19.50
N CYS W 8 -8.75 49.57 20.23
CA CYS W 8 -8.41 50.96 20.51
C CYS W 8 -7.21 51.44 19.76
N PRO W 9 -7.01 52.76 19.65
CA PRO W 9 -5.79 53.26 19.00
C PRO W 9 -4.62 53.26 19.98
N GLY W 10 -3.43 53.46 19.44
CA GLY W 10 -2.19 53.60 20.20
C GLY W 10 -2.28 54.79 21.15
N MET W 11 -1.63 54.67 22.33
CA MET W 11 -1.68 55.70 23.37
C MET W 11 -0.37 56.02 24.05
N ASP W 12 -0.25 57.27 24.52
CA ASP W 12 0.86 57.76 25.33
C ASP W 12 0.21 58.24 26.65
N ILE W 13 0.60 57.61 27.76
CA ILE W 13 0.07 57.93 29.08
C ILE W 13 1.24 58.37 29.95
N ARG W 14 1.22 59.63 30.40
CA ARG W 14 2.30 60.21 31.20
C ARG W 14 1.81 61.05 32.37
N ASN W 15 2.75 61.47 33.24
CA ASN W 15 2.61 62.35 34.39
C ASN W 15 1.75 61.79 35.54
N ASN W 16 0.49 61.41 35.26
CA ASN W 16 -0.40 60.83 36.26
C ASN W 16 -1.33 59.74 35.67
N LEU W 17 -1.83 58.86 36.55
CA LEU W 17 -2.64 57.69 36.22
C LEU W 17 -4.07 57.92 35.71
N THR W 18 -4.66 59.11 35.92
CA THR W 18 -6.04 59.40 35.52
C THR W 18 -6.38 58.93 34.09
N ARG W 19 -5.52 59.24 33.11
CA ARG W 19 -5.76 58.86 31.72
C ARG W 19 -5.66 57.35 31.45
N LEU W 20 -5.05 56.59 32.38
CA LEU W 20 -4.87 55.14 32.24
C LEU W 20 -6.19 54.38 32.11
N HIS W 21 -7.27 54.94 32.67
CA HIS W 21 -8.60 54.36 32.63
C HIS W 21 -9.20 54.35 31.24
N GLU W 22 -8.54 55.00 30.28
CA GLU W 22 -8.97 55.02 28.90
C GLU W 22 -8.79 53.63 28.26
N LEU W 23 -7.95 52.76 28.86
CA LEU W 23 -7.67 51.39 28.40
C LEU W 23 -8.72 50.39 28.86
N GLU W 24 -9.63 50.84 29.74
CA GLU W 24 -10.71 50.09 30.39
C GLU W 24 -11.31 48.95 29.58
N ASN W 25 -11.66 49.21 28.31
CA ASN W 25 -12.39 48.29 27.45
C ASN W 25 -11.60 47.70 26.24
N CYS W 26 -10.29 47.96 26.13
CA CYS W 26 -9.51 47.44 25.01
C CYS W 26 -9.12 46.01 25.17
N SER W 27 -9.34 45.22 24.12
CA SER W 27 -8.86 43.86 24.08
C SER W 27 -7.68 43.82 23.13
N VAL W 28 -7.66 44.79 22.17
CA VAL W 28 -6.60 44.95 21.17
C VAL W 28 -6.22 46.43 21.07
N ILE W 29 -4.91 46.73 21.11
CA ILE W 29 -4.41 48.06 20.86
C ILE W 29 -3.83 48.04 19.46
N GLU W 30 -4.55 48.69 18.52
CA GLU W 30 -4.15 48.85 17.12
C GLU W 30 -3.30 50.13 17.09
N GLY W 31 -2.10 50.01 17.63
CA GLY W 31 -1.13 51.07 17.76
C GLY W 31 -0.08 50.65 18.76
N HIS W 32 0.58 51.63 19.41
CA HIS W 32 1.55 51.27 20.42
C HIS W 32 1.06 51.69 21.78
N LEU W 33 1.71 51.21 22.87
CA LEU W 33 1.33 51.59 24.23
C LEU W 33 2.56 52.12 24.98
N GLN W 34 2.58 53.43 25.28
CA GLN W 34 3.64 54.07 26.03
C GLN W 34 3.09 54.52 27.39
N ILE W 35 3.65 53.97 28.48
CA ILE W 35 3.29 54.37 29.84
C ILE W 35 4.59 54.85 30.45
N LEU W 36 4.66 56.15 30.72
CA LEU W 36 5.89 56.78 31.14
C LEU W 36 5.80 57.99 32.06
N LEU W 37 6.96 58.37 32.59
CA LEU W 37 7.21 59.56 33.37
C LEU W 37 6.17 59.83 34.43
N MET W 38 6.03 58.89 35.37
CA MET W 38 5.11 59.03 36.50
C MET W 38 5.94 58.98 37.76
N PHE W 39 6.34 60.15 38.22
CA PHE W 39 7.27 60.28 39.33
C PHE W 39 6.68 60.29 40.73
N LYS W 40 5.39 60.65 40.83
CA LYS W 40 4.72 60.80 42.11
C LYS W 40 3.84 59.57 42.47
N THR W 41 3.74 58.59 41.56
CA THR W 41 2.98 57.36 41.80
C THR W 41 3.68 56.45 42.81
N ARG W 42 2.86 55.77 43.64
CA ARG W 42 3.30 54.86 44.69
C ARG W 42 2.56 53.51 44.51
N PRO W 43 3.05 52.38 45.07
CA PRO W 43 2.36 51.08 44.87
C PRO W 43 0.84 51.07 45.14
N GLU W 44 0.38 51.82 46.16
CA GLU W 44 -1.04 51.95 46.56
C GLU W 44 -1.92 52.42 45.41
N ASP W 45 -1.35 53.26 44.52
CA ASP W 45 -2.04 53.82 43.36
C ASP W 45 -2.33 52.74 42.29
N PHE W 46 -1.62 51.60 42.36
CA PHE W 46 -1.71 50.49 41.41
C PHE W 46 -2.38 49.24 41.98
N ARG W 47 -2.67 49.21 43.30
CA ARG W 47 -3.18 48.02 43.98
C ARG W 47 -4.43 47.39 43.32
N ASP W 48 -5.46 48.22 42.96
CA ASP W 48 -6.68 47.68 42.33
C ASP W 48 -6.79 48.09 40.85
N LEU W 49 -5.62 48.18 40.18
CA LEU W 49 -5.52 48.56 38.78
C LEU W 49 -5.21 47.35 37.96
N SER W 50 -6.14 46.99 37.06
CA SER W 50 -6.03 45.80 36.23
C SER W 50 -6.72 46.00 34.87
N PHE W 51 -6.09 45.47 33.80
CA PHE W 51 -6.64 45.52 32.44
C PHE W 51 -6.64 44.11 31.87
N PRO W 52 -7.56 43.25 32.36
CA PRO W 52 -7.57 41.85 31.92
C PRO W 52 -8.08 41.66 30.50
N LYS W 53 -8.73 42.70 29.94
CA LYS W 53 -9.26 42.66 28.59
C LYS W 53 -8.17 42.70 27.55
N LEU W 54 -7.05 43.37 27.84
CA LEU W 54 -5.94 43.51 26.91
C LEU W 54 -5.23 42.18 26.62
N ILE W 55 -5.29 41.79 25.34
CA ILE W 55 -4.77 40.55 24.80
C ILE W 55 -3.64 40.82 23.83
N MET W 56 -3.70 41.94 23.12
CA MET W 56 -2.72 42.19 22.10
C MET W 56 -2.43 43.67 21.80
N ILE W 57 -1.15 43.98 21.52
CA ILE W 57 -0.67 45.31 21.09
C ILE W 57 -0.05 45.09 19.71
N THR W 58 -0.56 45.79 18.67
CA THR W 58 -0.07 45.52 17.31
C THR W 58 1.34 46.04 17.09
N ASP W 59 1.67 47.20 17.67
CA ASP W 59 2.98 47.82 17.49
C ASP W 59 3.95 47.44 18.62
N TYR W 60 4.19 48.32 19.60
CA TYR W 60 5.11 48.01 20.71
C TYR W 60 4.57 48.39 22.09
N LEU W 61 5.21 47.86 23.15
CA LEU W 61 4.93 48.25 24.52
C LEU W 61 6.18 48.91 25.12
N LEU W 62 6.08 50.20 25.53
CA LEU W 62 7.16 50.95 26.16
C LEU W 62 6.77 51.41 27.58
N LEU W 63 7.61 51.08 28.58
CA LEU W 63 7.46 51.47 29.99
C LEU W 63 8.73 52.17 30.46
N PHE W 64 8.61 53.44 30.81
CA PHE W 64 9.74 54.28 31.18
C PHE W 64 9.47 55.16 32.39
N ARG W 65 10.29 55.06 33.44
CA ARG W 65 10.20 55.92 34.64
C ARG W 65 8.81 55.96 35.28
N VAL W 66 8.21 54.78 35.50
CA VAL W 66 6.92 54.66 36.19
C VAL W 66 7.22 54.18 37.64
N TYR W 67 7.17 55.12 38.56
CA TYR W 67 7.47 54.91 39.95
C TYR W 67 6.31 54.20 40.65
N GLY W 68 6.62 53.33 41.59
CA GLY W 68 5.64 52.58 42.37
C GLY W 68 5.11 51.33 41.70
N LEU W 69 5.42 51.10 40.41
CA LEU W 69 4.99 49.90 39.70
C LEU W 69 6.01 48.79 39.95
N GLU W 70 5.58 47.71 40.63
CA GLU W 70 6.45 46.60 41.05
C GLU W 70 6.39 45.33 40.17
N SER W 71 5.28 45.17 39.45
CA SER W 71 5.03 44.03 38.57
C SER W 71 3.97 44.41 37.57
N LEU W 72 3.87 43.66 36.48
CA LEU W 72 2.85 43.91 35.47
C LEU W 72 1.80 42.80 35.51
N LYS W 73 1.95 41.84 36.45
CA LYS W 73 1.07 40.68 36.63
C LYS W 73 -0.39 41.03 36.82
N ASP W 74 -0.67 42.16 37.45
CA ASP W 74 -2.03 42.59 37.66
C ASP W 74 -2.47 43.60 36.63
N LEU W 75 -1.52 44.38 36.10
CA LEU W 75 -1.83 45.37 35.07
C LEU W 75 -2.23 44.74 33.73
N PHE W 76 -1.39 43.86 33.19
CA PHE W 76 -1.62 43.19 31.90
C PHE W 76 -1.52 41.68 32.04
N PRO W 77 -2.47 41.07 32.76
CA PRO W 77 -2.40 39.62 32.99
C PRO W 77 -2.60 38.74 31.77
N ASN W 78 -3.40 39.23 30.79
CA ASN W 78 -3.75 38.45 29.61
C ASN W 78 -3.11 38.95 28.32
N LEU W 79 -2.13 39.86 28.41
CA LEU W 79 -1.43 40.32 27.21
C LEU W 79 -0.65 39.11 26.71
N THR W 80 -1.03 38.62 25.52
CA THR W 80 -0.50 37.40 24.92
C THR W 80 0.46 37.65 23.79
N VAL W 81 0.16 38.64 22.92
CA VAL W 81 0.95 38.93 21.72
C VAL W 81 1.29 40.40 21.56
N ILE W 82 2.54 40.68 21.19
CA ILE W 82 3.02 42.01 20.79
C ILE W 82 3.45 41.77 19.35
N ARG W 83 2.66 42.26 18.38
CA ARG W 83 2.89 41.99 16.96
C ARG W 83 4.10 42.66 16.38
N GLY W 84 4.42 43.85 16.90
CA GLY W 84 5.57 44.63 16.45
C GLY W 84 5.51 45.09 15.02
N SER W 85 4.28 45.45 14.51
CA SER W 85 4.05 45.94 13.14
C SER W 85 4.91 47.20 12.93
N ARG W 86 4.96 48.05 13.98
CA ARG W 86 5.78 49.26 14.02
C ARG W 86 6.53 49.18 15.36
N LEU W 87 7.86 49.43 15.34
CA LEU W 87 8.73 49.28 16.50
C LEU W 87 9.42 50.54 17.02
N PHE W 88 9.74 50.56 18.33
CA PHE W 88 10.48 51.65 18.98
C PHE W 88 11.96 51.30 18.98
N PHE W 89 12.75 51.90 18.09
CA PHE W 89 14.19 51.67 17.97
C PHE W 89 14.56 50.20 17.75
N ASN W 90 13.65 49.46 17.04
CA ASN W 90 13.68 48.04 16.64
C ASN W 90 13.26 47.10 17.76
N TYR W 91 12.60 47.66 18.79
CA TYR W 91 12.07 46.88 19.91
C TYR W 91 10.56 46.85 19.96
N ALA W 92 10.01 45.70 20.32
CA ALA W 92 8.59 45.55 20.51
C ALA W 92 8.28 45.65 22.02
N LEU W 93 9.30 45.44 22.87
CA LEU W 93 9.13 45.59 24.30
C LEU W 93 10.29 46.39 24.87
N VAL W 94 9.98 47.49 25.58
CA VAL W 94 10.99 48.41 26.16
C VAL W 94 10.64 48.66 27.64
N ILE W 95 11.52 48.22 28.55
CA ILE W 95 11.38 48.42 30.00
C ILE W 95 12.65 49.13 30.39
N PHE W 96 12.56 50.46 30.53
CA PHE W 96 13.71 51.30 30.79
C PHE W 96 13.54 52.18 31.99
N GLU W 97 14.53 52.22 32.89
CA GLU W 97 14.52 53.05 34.09
C GLU W 97 13.18 52.94 34.87
N MET W 98 12.69 51.71 35.02
CA MET W 98 11.50 51.38 35.82
C MET W 98 12.06 51.02 37.23
N VAL W 99 12.31 52.09 37.97
CA VAL W 99 12.99 52.13 39.26
C VAL W 99 12.43 51.17 40.33
N HIS W 100 11.13 50.82 40.30
CA HIS W 100 10.58 49.98 41.37
C HIS W 100 10.11 48.62 40.92
N LEU W 101 10.23 48.34 39.62
CA LEU W 101 9.81 47.07 39.03
C LEU W 101 10.69 45.94 39.52
N LYS W 102 10.06 44.96 40.16
CA LYS W 102 10.70 43.79 40.76
C LYS W 102 10.68 42.59 39.85
N GLU W 103 9.67 42.50 38.98
CA GLU W 103 9.49 41.41 38.01
C GLU W 103 8.68 41.94 36.83
N LEU W 104 8.66 41.21 35.71
CA LEU W 104 7.81 41.60 34.59
C LEU W 104 6.40 41.06 34.91
N GLY W 105 6.29 39.75 35.07
CA GLY W 105 5.03 39.09 35.40
C GLY W 105 4.01 39.06 34.30
N LEU W 106 4.44 39.22 33.03
CA LEU W 106 3.53 39.14 31.87
C LEU W 106 3.35 37.66 31.51
N TYR W 107 2.88 36.84 32.50
CA TYR W 107 2.75 35.40 32.44
C TYR W 107 1.92 34.88 31.26
N ASN W 108 1.25 35.78 30.50
CA ASN W 108 0.52 35.35 29.32
C ASN W 108 1.21 35.74 28.00
N LEU W 109 2.37 36.39 28.06
CA LEU W 109 3.07 36.79 26.84
C LEU W 109 3.76 35.61 26.17
N MET W 110 3.22 35.18 25.02
CA MET W 110 3.70 33.98 24.32
C MET W 110 4.46 34.27 23.06
N ASN W 111 4.19 35.41 22.43
CA ASN W 111 4.82 35.71 21.15
C ASN W 111 4.96 37.20 20.89
N ILE W 112 6.17 37.57 20.47
CA ILE W 112 6.56 38.89 19.99
C ILE W 112 6.88 38.60 18.54
N THR W 113 5.91 38.88 17.69
CA THR W 113 5.91 38.51 16.28
C THR W 113 7.04 39.16 15.46
N ARG W 114 7.45 40.37 15.83
CA ARG W 114 8.47 41.10 15.11
C ARG W 114 9.13 42.05 16.09
N GLY W 115 10.44 42.22 15.94
CA GLY W 115 11.20 43.10 16.82
C GLY W 115 11.81 42.41 18.01
N SER W 116 12.63 43.14 18.79
CA SER W 116 13.35 42.59 19.92
C SER W 116 12.92 43.17 21.26
N VAL W 117 13.63 42.81 22.33
CA VAL W 117 13.34 43.24 23.69
C VAL W 117 14.50 44.08 24.27
N ARG W 118 14.17 45.19 24.94
CA ARG W 118 15.18 46.02 25.61
C ARG W 118 14.73 46.22 27.06
N ILE W 119 15.48 45.64 28.01
CA ILE W 119 15.20 45.72 29.44
C ILE W 119 16.47 46.21 30.07
N GLU W 120 16.50 47.48 30.41
CA GLU W 120 17.72 48.10 30.88
C GLU W 120 17.51 49.11 32.00
N LYS W 121 18.48 49.15 32.93
CA LYS W 121 18.53 50.11 34.03
C LYS W 121 17.32 50.02 34.98
N ASN W 122 16.91 48.79 35.30
CA ASN W 122 15.80 48.56 36.24
C ASN W 122 16.39 47.89 37.45
N ASN W 123 16.84 48.74 38.39
CA ASN W 123 17.62 48.34 39.55
C ASN W 123 16.94 47.37 40.51
N GLU W 124 15.63 47.16 40.42
CA GLU W 124 14.99 46.21 41.32
C GLU W 124 14.51 44.94 40.63
N LEU W 125 14.71 44.88 39.30
CA LEU W 125 14.21 43.84 38.42
C LEU W 125 14.89 42.49 38.48
N CYS W 126 14.09 41.52 38.86
CA CYS W 126 14.42 40.11 38.95
C CYS W 126 13.49 39.34 38.01
N TYR W 127 13.56 38.01 38.05
CA TYR W 127 12.75 37.09 37.23
C TYR W 127 12.91 37.37 35.75
N LEU W 128 14.18 37.63 35.36
CA LEU W 128 14.59 37.89 33.98
C LEU W 128 15.36 36.70 33.44
N ALA W 129 16.25 36.14 34.29
CA ALA W 129 17.08 34.97 34.00
C ALA W 129 16.23 33.72 33.85
N THR W 130 15.02 33.74 34.48
CA THR W 130 14.02 32.68 34.47
C THR W 130 13.15 32.71 33.23
N ILE W 131 13.32 33.72 32.34
CA ILE W 131 12.54 33.83 31.11
C ILE W 131 13.32 33.28 29.94
N ASP W 132 12.74 32.29 29.24
CA ASP W 132 13.32 31.73 28.02
C ASP W 132 12.66 32.44 26.85
N TRP W 133 13.27 33.54 26.44
CA TRP W 133 12.79 34.37 25.35
C TRP W 133 12.77 33.66 24.00
N SER W 134 13.55 32.58 23.82
CA SER W 134 13.58 31.82 22.57
C SER W 134 12.21 31.22 22.24
N ARG W 135 11.38 31.01 23.25
CA ARG W 135 10.03 30.46 23.10
C ARG W 135 8.98 31.54 22.76
N ILE W 136 9.40 32.84 22.82
CA ILE W 136 8.59 34.04 22.57
C ILE W 136 9.00 34.79 21.27
N LEU W 137 10.32 34.92 21.00
CA LEU W 137 10.90 35.59 19.82
C LEU W 137 11.78 34.63 19.06
N ASP W 138 11.83 34.79 17.73
CA ASP W 138 12.76 34.01 16.92
C ASP W 138 14.14 34.64 17.04
N SER W 139 14.17 36.00 17.08
CA SER W 139 15.38 36.82 17.17
C SER W 139 15.68 37.30 18.61
N VAL W 140 16.49 36.52 19.33
CA VAL W 140 16.87 36.87 20.71
C VAL W 140 18.30 37.44 20.73
N GLU W 141 19.01 37.28 19.61
CA GLU W 141 20.38 37.74 19.44
C GLU W 141 20.41 39.27 19.53
N ASP W 142 19.29 39.91 19.16
CA ASP W 142 19.13 41.37 19.14
C ASP W 142 18.51 41.96 20.44
N ASN W 143 18.22 41.09 21.43
CA ASN W 143 17.72 41.52 22.74
C ASN W 143 18.82 42.25 23.51
N HIS W 144 18.44 43.27 24.26
CA HIS W 144 19.43 43.97 25.05
C HIS W 144 18.95 44.02 26.48
N ILE W 145 19.37 43.03 27.30
CA ILE W 145 18.92 42.91 28.69
C ILE W 145 20.07 43.06 29.66
N VAL W 146 20.31 44.29 30.12
CA VAL W 146 21.47 44.62 30.96
C VAL W 146 21.13 45.64 32.05
N LEU W 147 22.06 45.82 33.01
CA LEU W 147 21.98 46.80 34.09
C LEU W 147 20.69 46.69 34.93
N ASN W 148 20.28 45.45 35.25
CA ASN W 148 19.13 45.18 36.10
C ASN W 148 19.61 44.47 37.37
N LYS W 149 18.77 44.35 38.41
CA LYS W 149 19.16 43.71 39.67
C LYS W 149 19.79 42.31 39.44
N ASP W 150 19.10 41.51 38.60
CA ASP W 150 19.42 40.13 38.22
C ASP W 150 20.77 39.93 37.51
N ASP W 151 21.44 41.02 37.05
CA ASP W 151 22.72 41.02 36.32
C ASP W 151 23.77 40.13 37.00
N ASN W 152 23.87 38.87 36.49
CA ASN W 152 24.72 37.76 36.95
C ASN W 152 24.32 37.43 38.40
N GLU W 153 23.22 36.63 38.54
CA GLU W 153 22.58 36.16 39.80
C GLU W 153 22.99 36.93 41.12
N GLU W 154 22.73 38.28 41.15
CA GLU W 154 22.90 39.18 42.31
C GLU W 154 21.60 39.12 43.10
N CYS W 155 20.55 38.57 42.43
CA CYS W 155 19.20 38.32 42.92
C CYS W 155 18.67 36.94 42.52
N GLY W 156 18.18 36.22 43.53
CA GLY W 156 17.66 34.86 43.47
C GLY W 156 16.22 34.86 43.08
N ASP W 157 15.89 33.92 42.22
CA ASP W 157 14.65 33.74 41.52
C ASP W 157 14.08 32.36 41.83
N ILE W 158 13.12 32.33 42.76
CA ILE W 158 12.48 31.08 43.19
C ILE W 158 11.21 30.80 42.38
N CYS W 159 11.24 29.75 41.57
CA CYS W 159 10.09 29.39 40.77
C CYS W 159 9.13 28.51 41.56
N PRO W 160 7.80 28.63 41.34
CA PRO W 160 6.84 27.82 42.11
C PRO W 160 7.08 26.31 42.06
N GLY W 161 6.94 25.65 43.22
CA GLY W 161 7.10 24.21 43.38
C GLY W 161 7.96 23.79 44.55
N THR W 167 9.70 20.57 42.39
CA THR W 167 9.04 21.66 41.64
C THR W 167 7.81 21.15 40.86
N ASN W 168 7.31 21.99 39.91
CA ASN W 168 6.20 21.77 38.99
C ASN W 168 6.37 22.65 37.75
N CYS W 169 7.49 23.42 37.70
CA CYS W 169 7.82 24.41 36.66
C CYS W 169 8.58 23.82 35.45
N PRO W 170 8.25 24.24 34.19
CA PRO W 170 8.94 23.70 33.01
C PRO W 170 10.41 24.11 32.97
N ALA W 171 11.30 23.24 32.47
CA ALA W 171 12.73 23.54 32.38
C ALA W 171 13.25 23.42 30.96
N THR W 172 13.99 24.45 30.50
CA THR W 172 14.62 24.50 29.17
C THR W 172 16.11 24.81 29.28
N VAL W 173 16.84 24.62 28.17
CA VAL W 173 18.29 24.86 28.07
C VAL W 173 18.60 26.26 27.52
N ILE W 174 19.65 26.89 28.08
CA ILE W 174 20.27 28.15 27.66
C ILE W 174 21.76 27.99 27.95
N ASN W 175 22.54 27.92 26.85
CA ASN W 175 23.99 27.76 26.85
C ASN W 175 24.45 26.49 27.62
N GLY W 176 23.76 25.37 27.37
CA GLY W 176 24.07 24.07 27.98
C GLY W 176 23.44 23.79 29.33
N GLN W 177 22.96 24.84 30.02
CA GLN W 177 22.36 24.72 31.35
C GLN W 177 20.83 24.62 31.31
N PHE W 178 20.28 23.53 31.92
CA PHE W 178 18.84 23.26 32.07
C PHE W 178 18.37 24.06 33.28
N VAL W 179 17.38 24.93 33.07
CA VAL W 179 16.89 25.86 34.09
C VAL W 179 15.36 25.93 34.07
N GLU W 180 14.72 25.92 35.27
CA GLU W 180 13.26 26.07 35.37
C GLU W 180 12.84 27.51 35.01
N ARG W 181 11.75 27.62 34.25
CA ARG W 181 11.29 28.88 33.68
C ARG W 181 10.00 29.41 34.24
N CYS W 182 10.05 30.63 34.76
CA CYS W 182 8.89 31.29 35.35
C CYS W 182 8.95 32.80 35.23
N TRP W 183 7.78 33.45 35.41
CA TRP W 183 7.59 34.91 35.34
C TRP W 183 7.60 35.53 36.72
N THR W 184 7.16 34.76 37.72
CA THR W 184 7.09 35.14 39.11
C THR W 184 7.16 33.87 39.94
N HIS W 185 7.30 34.05 41.25
CA HIS W 185 7.30 33.12 42.39
C HIS W 185 6.10 32.18 42.40
N SER W 186 5.01 32.56 41.69
CA SER W 186 3.74 31.84 41.61
C SER W 186 3.27 31.50 40.16
N HIS W 187 3.93 32.08 39.12
CA HIS W 187 3.55 31.85 37.72
C HIS W 187 4.66 31.27 36.86
N CYS W 188 4.46 30.03 36.35
CA CYS W 188 5.40 29.38 35.45
C CYS W 188 5.33 30.01 34.05
N GLN W 189 6.36 29.72 33.21
CA GLN W 189 6.33 30.13 31.82
C GLN W 189 5.70 28.95 31.12
N LYS W 190 4.65 29.21 30.34
CA LYS W 190 3.97 28.15 29.61
C LYS W 190 4.85 27.76 28.41
N VAL W 191 5.09 26.44 28.27
CA VAL W 191 5.84 25.86 27.15
C VAL W 191 5.00 24.74 26.60
N CYS W 192 4.83 24.77 25.28
CA CYS W 192 4.06 23.79 24.56
C CYS W 192 4.95 22.75 23.85
N PRO W 193 4.40 21.54 23.51
CA PRO W 193 5.18 20.56 22.75
C PRO W 193 5.64 21.15 21.43
N THR W 194 6.79 20.67 20.93
CA THR W 194 7.44 21.13 19.70
C THR W 194 6.48 21.25 18.52
N ILE W 195 5.64 20.21 18.33
CA ILE W 195 4.63 20.08 17.29
C ILE W 195 3.59 21.22 17.30
N CYS W 196 3.36 21.86 18.47
CA CYS W 196 2.41 22.96 18.56
C CYS W 196 2.97 24.21 17.94
N LYS W 197 4.32 24.29 17.83
CA LYS W 197 5.01 25.45 17.28
C LYS W 197 4.55 26.71 18.03
N SER W 198 4.27 27.81 17.31
CA SER W 198 3.84 29.09 17.86
C SER W 198 2.37 29.17 18.22
N HIS W 199 1.55 28.16 17.79
CA HIS W 199 0.09 28.08 17.92
C HIS W 199 -0.45 28.06 19.32
N GLY W 200 0.32 27.50 20.24
CA GLY W 200 -0.10 27.39 21.62
C GLY W 200 -0.80 26.07 21.84
N CYS W 201 -1.20 25.82 23.09
CA CYS W 201 -1.82 24.58 23.51
C CYS W 201 -2.67 24.73 24.77
N THR W 202 -3.48 23.71 25.07
CA THR W 202 -4.30 23.66 26.29
C THR W 202 -3.39 23.17 27.43
N ALA W 203 -3.87 23.23 28.70
CA ALA W 203 -3.13 22.79 29.90
C ALA W 203 -2.67 21.33 29.78
N GLU W 204 -3.47 20.51 29.06
CA GLU W 204 -3.27 19.08 28.81
C GLU W 204 -2.22 18.81 27.72
N GLY W 205 -1.75 19.89 27.07
CA GLY W 205 -0.73 19.82 26.02
C GLY W 205 -1.26 19.71 24.60
N LEU W 206 -2.61 19.71 24.43
CA LEU W 206 -3.28 19.61 23.13
C LEU W 206 -3.13 20.89 22.35
N CYS W 207 -2.58 20.77 21.12
CA CYS W 207 -2.33 21.89 20.23
C CYS W 207 -3.57 22.64 19.85
N CYS W 208 -3.40 23.96 19.77
CA CYS W 208 -4.38 24.92 19.32
C CYS W 208 -4.42 24.76 17.82
N HIS W 209 -5.40 25.39 17.18
CA HIS W 209 -5.50 25.38 15.74
C HIS W 209 -4.28 26.06 15.08
N SER W 210 -3.92 25.58 13.86
CA SER W 210 -2.82 26.06 13.01
C SER W 210 -2.87 27.60 12.75
N GLU W 211 -4.07 28.22 12.87
CA GLU W 211 -4.30 29.63 12.62
C GLU W 211 -4.23 30.51 13.86
N CYS W 212 -4.13 29.87 15.08
CA CYS W 212 -3.95 30.55 16.38
C CYS W 212 -2.51 31.02 16.57
N LEU W 213 -2.35 31.88 17.57
CA LEU W 213 -1.08 32.38 18.02
C LEU W 213 -1.14 32.44 19.55
N GLY W 214 -0.16 31.80 20.19
CA GLY W 214 0.03 31.79 21.64
C GLY W 214 -0.87 30.91 22.49
N ASN W 215 -2.19 31.05 22.33
CA ASN W 215 -3.14 30.30 23.16
C ASN W 215 -4.54 30.24 22.49
N CYS W 216 -5.44 29.42 23.07
CA CYS W 216 -6.81 29.20 22.63
C CYS W 216 -7.64 28.64 23.80
N SER W 217 -8.97 28.81 23.72
CA SER W 217 -9.92 28.30 24.72
C SER W 217 -10.25 26.80 24.54
N GLN W 218 -10.09 26.30 23.31
CA GLN W 218 -10.33 24.90 22.93
C GLN W 218 -9.37 24.48 21.81
N PRO W 219 -8.91 23.20 21.80
CA PRO W 219 -8.00 22.77 20.75
C PRO W 219 -8.66 22.63 19.38
N ASP W 220 -7.84 22.76 18.32
CA ASP W 220 -8.18 22.58 16.91
C ASP W 220 -9.47 23.34 16.48
N ASP W 221 -9.61 24.62 16.88
CA ASP W 221 -10.75 25.46 16.52
C ASP W 221 -10.26 26.92 16.27
N PRO W 222 -10.44 27.42 15.00
CA PRO W 222 -9.95 28.77 14.67
C PRO W 222 -10.87 29.90 15.13
N THR W 223 -11.95 29.55 15.84
CA THR W 223 -12.89 30.53 16.42
C THR W 223 -12.63 30.58 17.94
N LYS W 224 -11.70 29.77 18.42
CA LYS W 224 -11.39 29.69 19.83
C LYS W 224 -9.99 30.25 20.19
N CYS W 225 -9.34 30.96 19.23
CA CYS W 225 -8.02 31.57 19.39
C CYS W 225 -8.05 32.75 20.29
N VAL W 226 -6.95 32.97 21.01
CA VAL W 226 -6.79 34.14 21.85
C VAL W 226 -6.31 35.25 20.91
N ALA W 227 -5.46 34.89 19.93
CA ALA W 227 -4.94 35.80 18.91
C ALA W 227 -4.62 35.00 17.66
N CYS W 228 -4.55 35.67 16.49
CA CYS W 228 -4.32 35.00 15.20
C CYS W 228 -2.90 35.05 14.73
N ARG W 229 -2.46 33.97 14.06
CA ARG W 229 -1.13 33.85 13.45
C ARG W 229 -1.05 34.82 12.26
N ASN W 230 -2.15 34.91 11.48
CA ASN W 230 -2.25 35.74 10.30
C ASN W 230 -3.26 36.88 10.45
N PHE W 231 -4.50 36.64 9.99
CA PHE W 231 -5.54 37.63 9.97
C PHE W 231 -6.75 37.25 10.74
N TYR W 232 -7.51 38.27 11.16
CA TYR W 232 -8.73 38.08 11.93
C TYR W 232 -9.90 38.57 11.13
N LEU W 233 -11.00 37.80 11.14
CA LEU W 233 -12.22 38.12 10.43
C LEU W 233 -13.37 37.34 11.01
N ASP W 234 -14.48 38.07 11.28
CA ASP W 234 -15.74 37.53 11.77
C ASP W 234 -15.57 36.50 12.91
N GLY W 235 -14.70 36.80 13.86
CA GLY W 235 -14.44 35.96 15.02
C GLY W 235 -13.56 34.75 14.79
N ARG W 236 -12.97 34.68 13.58
CA ARG W 236 -12.19 33.53 13.12
C ARG W 236 -10.83 33.96 12.63
N CYS W 237 -9.84 33.08 12.83
CA CYS W 237 -8.50 33.32 12.37
C CYS W 237 -8.38 32.76 11.01
N VAL W 238 -8.15 33.65 10.05
CA VAL W 238 -8.02 33.31 8.63
C VAL W 238 -6.55 33.42 8.15
N GLU W 239 -6.21 32.67 7.08
CA GLU W 239 -4.88 32.68 6.49
C GLU W 239 -4.64 33.96 5.67
N THR W 240 -5.67 34.39 4.93
CA THR W 240 -5.63 35.56 4.08
C THR W 240 -6.99 36.22 4.11
N CYS W 241 -7.07 37.56 3.85
CA CYS W 241 -8.38 38.21 3.73
C CYS W 241 -8.80 37.92 2.29
N PRO W 242 -9.90 37.15 2.11
CA PRO W 242 -10.30 36.84 0.73
C PRO W 242 -11.06 37.99 0.10
N PRO W 243 -11.09 38.09 -1.25
CA PRO W 243 -11.93 39.11 -1.89
C PRO W 243 -13.39 38.91 -1.43
N PRO W 244 -14.20 39.96 -1.07
CA PRO W 244 -13.96 41.42 -1.19
C PRO W 244 -13.36 42.11 0.01
N TYR W 245 -12.69 41.38 0.90
CA TYR W 245 -12.08 41.97 2.11
C TYR W 245 -10.64 42.37 1.87
N TYR W 246 -10.20 43.37 2.64
CA TYR W 246 -8.87 43.97 2.53
C TYR W 246 -8.15 43.81 3.82
N HIS W 247 -6.84 43.54 3.72
CA HIS W 247 -5.97 43.39 4.87
C HIS W 247 -5.81 44.81 5.46
N PHE W 248 -5.88 44.92 6.78
CA PHE W 248 -5.77 46.19 7.47
C PHE W 248 -4.90 46.07 8.69
N GLN W 249 -3.89 46.98 8.79
CA GLN W 249 -2.95 47.06 9.91
C GLN W 249 -2.19 45.74 10.17
N ASP W 250 -2.04 44.92 9.09
CA ASP W 250 -1.33 43.63 9.09
C ASP W 250 -1.92 42.61 10.10
N TRP W 251 -3.19 42.82 10.55
CA TRP W 251 -3.77 41.86 11.48
C TRP W 251 -5.31 41.55 11.27
N ARG W 252 -6.06 42.47 10.65
CA ARG W 252 -7.47 42.22 10.49
C ARG W 252 -7.97 42.47 9.05
N CYS W 253 -9.22 42.01 8.77
CA CYS W 253 -9.88 42.09 7.47
C CYS W 253 -10.98 43.08 7.58
N VAL W 254 -11.00 44.01 6.62
CA VAL W 254 -12.00 45.07 6.55
C VAL W 254 -12.66 45.12 5.16
N ASN W 255 -13.90 45.61 5.07
CA ASN W 255 -14.59 45.73 3.79
C ASN W 255 -14.23 47.09 3.15
N PHE W 256 -14.62 47.29 1.88
CA PHE W 256 -14.34 48.54 1.16
C PHE W 256 -14.95 49.74 1.88
N SER W 257 -16.21 49.60 2.36
CA SER W 257 -16.98 50.61 3.08
C SER W 257 -16.20 51.22 4.25
N PHE W 258 -15.64 50.36 5.13
CA PHE W 258 -14.85 50.73 6.31
C PHE W 258 -13.63 51.56 5.91
N CYS W 259 -12.90 51.06 4.91
CA CYS W 259 -11.69 51.67 4.37
C CYS W 259 -12.03 53.01 3.75
N GLN W 260 -13.19 53.11 3.09
CA GLN W 260 -13.69 54.34 2.49
C GLN W 260 -14.06 55.38 3.54
N ASP W 261 -14.74 54.94 4.62
CA ASP W 261 -15.18 55.83 5.70
C ASP W 261 -14.01 56.36 6.55
N LEU W 262 -12.84 55.71 6.47
CA LEU W 262 -11.62 56.13 7.14
C LEU W 262 -10.88 57.17 6.30
N HIS W 263 -11.04 57.08 4.96
CA HIS W 263 -10.51 58.02 3.97
C HIS W 263 -11.27 59.36 4.04
N HIS W 264 -12.64 59.31 4.01
CA HIS W 264 -13.55 60.46 4.05
C HIS W 264 -13.57 61.19 5.40
N LYS W 265 -13.33 60.46 6.54
CA LYS W 265 -13.24 61.00 7.90
C LYS W 265 -11.99 61.91 8.00
N CYS W 266 -10.91 61.52 7.29
CA CYS W 266 -9.67 62.27 7.27
C CYS W 266 -9.74 63.48 6.36
N LYS W 267 -10.20 63.30 5.10
CA LYS W 267 -10.39 64.34 4.06
C LYS W 267 -11.06 65.62 4.63
N ASN W 268 -12.12 65.45 5.45
CA ASN W 268 -12.89 66.52 6.11
C ASN W 268 -12.07 67.28 7.16
N CYS W 274 -3.72 62.88 10.32
CA CYS W 274 -4.43 61.68 9.88
C CYS W 274 -4.09 61.29 8.44
N HIS W 275 -4.49 60.07 8.02
CA HIS W 275 -4.24 59.57 6.67
C HIS W 275 -5.50 59.30 5.88
N GLN W 276 -5.47 59.66 4.59
CA GLN W 276 -6.54 59.42 3.64
C GLN W 276 -6.21 58.06 3.03
N TYR W 277 -6.82 57.01 3.61
CA TYR W 277 -6.58 55.60 3.31
C TYR W 277 -6.84 55.22 1.86
N VAL W 278 -6.01 54.30 1.33
CA VAL W 278 -6.05 53.81 -0.07
C VAL W 278 -6.00 52.28 -0.17
N ILE W 279 -6.38 51.73 -1.34
CA ILE W 279 -6.35 50.31 -1.63
C ILE W 279 -5.13 50.02 -2.52
N HIS W 280 -4.29 49.07 -2.11
CA HIS W 280 -3.11 48.61 -2.86
C HIS W 280 -2.72 47.20 -2.44
N ASN W 281 -2.52 46.31 -3.42
CA ASN W 281 -2.16 44.91 -3.19
C ASN W 281 -3.07 44.21 -2.14
N ASN W 282 -4.41 44.42 -2.27
CA ASN W 282 -5.49 43.88 -1.43
C ASN W 282 -5.35 44.30 0.05
N LYS W 283 -4.77 45.48 0.28
CA LYS W 283 -4.56 46.06 1.61
C LYS W 283 -5.13 47.45 1.66
N CYS W 284 -5.67 47.82 2.82
CA CYS W 284 -6.17 49.16 3.07
C CYS W 284 -5.00 49.86 3.83
N ILE W 285 -4.29 50.76 3.13
CA ILE W 285 -3.08 51.40 3.67
C ILE W 285 -3.18 52.94 3.78
N PRO W 286 -2.35 53.55 4.68
CA PRO W 286 -2.41 55.01 4.87
C PRO W 286 -2.09 55.87 3.65
N GLU W 287 -1.08 55.44 2.86
CA GLU W 287 -0.61 56.17 1.69
C GLU W 287 -0.18 55.26 0.55
N CYS W 288 -0.38 55.74 -0.69
CA CYS W 288 0.04 55.05 -1.91
C CYS W 288 1.56 54.92 -1.87
N PRO W 289 2.12 53.77 -2.30
CA PRO W 289 3.58 53.65 -2.30
C PRO W 289 4.23 54.54 -3.35
N SER W 290 5.56 54.71 -3.28
CA SER W 290 6.34 55.53 -4.21
C SER W 290 6.15 55.02 -5.63
N GLY W 291 5.83 55.92 -6.53
CA GLY W 291 5.59 55.60 -7.94
C GLY W 291 4.12 55.37 -8.25
N TYR W 292 3.26 55.55 -7.23
CA TYR W 292 1.82 55.38 -7.35
C TYR W 292 1.04 56.61 -6.90
N THR W 293 -0.14 56.80 -7.53
CA THR W 293 -1.08 57.89 -7.28
C THR W 293 -2.47 57.33 -6.99
N MET W 294 -3.26 58.09 -6.21
CA MET W 294 -4.60 57.73 -5.78
C MET W 294 -5.64 58.05 -6.85
N ASN W 295 -6.21 57.00 -7.45
CA ASN W 295 -7.30 57.16 -8.41
C ASN W 295 -8.50 57.48 -7.51
N SER W 296 -8.76 58.81 -7.41
CA SER W 296 -9.68 59.52 -6.52
C SER W 296 -11.17 59.08 -6.56
N SER W 297 -11.53 57.99 -7.29
CA SER W 297 -12.91 57.53 -7.42
C SER W 297 -13.07 56.00 -7.37
N ASN W 298 -12.41 55.35 -6.39
CA ASN W 298 -12.33 53.90 -6.12
C ASN W 298 -11.16 53.55 -5.17
N LEU W 299 -10.49 54.59 -4.62
CA LEU W 299 -9.37 54.50 -3.67
C LEU W 299 -8.17 53.67 -4.11
N LEU W 300 -8.18 53.13 -5.34
CA LEU W 300 -7.14 52.26 -5.85
C LEU W 300 -5.86 52.98 -6.29
N CYS W 301 -4.69 52.52 -5.80
CA CYS W 301 -3.40 53.07 -6.20
C CYS W 301 -3.08 52.59 -7.61
N THR W 302 -2.76 53.53 -8.51
CA THR W 302 -2.39 53.29 -9.92
C THR W 302 -1.00 53.89 -10.18
N PRO W 303 -0.15 53.26 -11.01
CA PRO W 303 1.19 53.81 -11.25
C PRO W 303 1.18 55.16 -11.94
N CYS W 304 2.12 56.04 -11.55
CA CYS W 304 2.28 57.38 -12.10
C CYS W 304 2.83 57.31 -13.52
N LEU W 305 2.25 58.10 -14.44
CA LEU W 305 2.75 58.22 -15.81
C LEU W 305 3.77 59.35 -15.69
N GLY W 306 5.03 58.97 -15.54
CA GLY W 306 6.13 59.89 -15.28
C GLY W 306 6.18 60.17 -13.78
N PRO W 307 6.79 61.28 -13.32
CA PRO W 307 6.83 61.53 -11.86
C PRO W 307 5.45 61.83 -11.25
N CYS W 308 5.36 61.58 -9.93
CA CYS W 308 4.14 61.76 -9.15
C CYS W 308 4.01 63.21 -8.65
N PRO W 309 2.81 63.83 -8.78
CA PRO W 309 2.64 65.22 -8.29
C PRO W 309 2.50 65.28 -6.78
N THR X 1 23.02 56.54 22.37
CA THR X 1 22.20 56.40 21.16
C THR X 1 20.76 55.90 21.41
N PHE X 2 20.56 54.71 22.08
CA PHE X 2 19.18 54.28 22.32
C PHE X 2 18.56 55.22 23.32
N GLU X 3 19.22 55.36 24.50
CA GLU X 3 18.70 56.26 25.54
C GLU X 3 18.51 57.64 24.95
N ASP X 4 19.47 58.10 24.11
CA ASP X 4 19.42 59.38 23.44
C ASP X 4 18.18 59.51 22.58
N TYR X 5 17.99 58.54 21.69
CA TYR X 5 16.78 58.45 20.85
C TYR X 5 15.53 58.52 21.68
N LEU X 6 15.43 57.66 22.72
CA LEU X 6 14.30 57.65 23.64
C LEU X 6 14.00 59.08 24.26
N HIS X 7 15.04 59.85 24.66
CA HIS X 7 14.86 61.18 25.25
C HIS X 7 14.28 62.16 24.28
N ASN X 8 14.84 62.22 23.04
CA ASN X 8 14.40 63.12 21.96
C ASN X 8 12.98 62.80 21.52
N VAL X 9 12.61 61.52 21.63
CA VAL X 9 11.28 61.08 21.25
C VAL X 9 10.25 61.48 22.31
N VAL X 10 10.60 61.22 23.59
CA VAL X 10 9.80 61.44 24.77
C VAL X 10 9.72 62.91 25.16
N PHE X 11 10.82 63.65 25.06
CA PHE X 11 10.81 65.03 25.48
C PHE X 11 10.57 66.02 24.33
N VAL X 12 9.36 66.60 24.41
CA VAL X 12 8.75 67.53 23.46
C VAL X 12 8.64 68.92 24.06
N PRO X 13 9.18 69.96 23.37
CA PRO X 13 9.04 71.33 23.88
C PRO X 13 7.71 71.94 23.44
N ARG X 14 7.22 72.94 24.19
CA ARG X 14 5.96 73.62 23.90
C ARG X 14 5.98 74.44 22.59
N PRO X 15 4.81 74.60 21.88
CA PRO X 15 4.79 75.39 20.62
C PRO X 15 5.27 76.85 20.73
N SER X 16 5.35 77.39 21.94
CA SER X 16 5.84 78.76 22.18
C SER X 16 7.19 78.75 22.91
#